data_5JWT
# 
_entry.id   5JWT 
# 
_audit_conform.dict_name       mmcif_pdbx.dic 
_audit_conform.dict_version    5.379 
_audit_conform.dict_location   http://mmcif.pdb.org/dictionaries/ascii/mmcif_pdbx.dic 
# 
loop_
_database_2.database_id 
_database_2.database_code 
_database_2.pdbx_database_accession 
_database_2.pdbx_DOI 
PDB   5JWT         pdb_00005jwt 10.2210/pdb5jwt/pdb 
WWPDB D_1000214671 ?            ?                   
# 
loop_
_pdbx_database_related.db_name 
_pdbx_database_related.details 
_pdbx_database_related.db_id 
_pdbx_database_related.content_type 
PDB . 5JWU unspecified 
PDB . 5JWV unspecified 
PDB . 5JWW unspecified 
PDB . 5JWX unspecified 
PDB . 5JWS unspecified 
# 
_pdbx_database_status.status_code                     REL 
_pdbx_database_status.status_code_sf                  REL 
_pdbx_database_status.status_code_mr                  ? 
_pdbx_database_status.entry_id                        5JWT 
_pdbx_database_status.recvd_initial_deposition_date   2016-05-12 
_pdbx_database_status.SG_entry                        N 
_pdbx_database_status.deposit_site                    RCSB 
_pdbx_database_status.process_site                    RCSB 
_pdbx_database_status.status_code_cs                  ? 
_pdbx_database_status.methods_development_category    ? 
_pdbx_database_status.pdb_format_compatible           Y 
_pdbx_database_status.status_code_nmr_data            ? 
# 
loop_
_audit_author.name 
_audit_author.pdbx_ordinal 
_audit_author.identifier_ORCID 
'Lee, H.'        1 ? 
'Fischer, M.'    2 ? 
'Shoichet, B.K.' 3 ? 
'Liu, S.-Y.'     4 ? 
# 
_citation.abstract                  ? 
_citation.abstract_id_CAS           ? 
_citation.book_id_ISBN              ? 
_citation.book_publisher            ? 
_citation.book_publisher_city       ? 
_citation.book_title                ? 
_citation.coordinate_linkage        ? 
_citation.country                   US 
_citation.database_id_Medline       ? 
_citation.details                   ? 
_citation.id                        primary 
_citation.journal_abbrev            J.Am.Chem.Soc. 
_citation.journal_id_ASTM           JACSAT 
_citation.journal_id_CSD            ? 
_citation.journal_id_ISSN           1520-5126 
_citation.journal_full              ? 
_citation.journal_issue             ? 
_citation.journal_volume            138 
_citation.language                  ? 
_citation.page_first                12021 
_citation.page_last                 12024 
_citation.title                     
'Hydrogen Bonding of 1,2-Azaborines in the Binding Cavity of T4 Lysozyme Mutants: Structures and Thermodynamics.' 
_citation.year                      2016 
_citation.database_id_CSD           ? 
_citation.pdbx_database_id_DOI      10.1021/jacs.6b06566 
_citation.pdbx_database_id_PubMed   27603116 
_citation.unpublished_flag          ? 
# 
loop_
_citation_author.citation_id 
_citation_author.name 
_citation_author.ordinal 
_citation_author.identifier_ORCID 
primary 'Lee, H.'        1 ? 
primary 'Fischer, M.'    2 ? 
primary 'Shoichet, B.K.' 3 ? 
primary 'Liu, S.Y.'      4 ? 
# 
_cell.angle_alpha                  90.000 
_cell.angle_alpha_esd              ? 
_cell.angle_beta                   90.000 
_cell.angle_beta_esd               ? 
_cell.angle_gamma                  120.000 
_cell.angle_gamma_esd              ? 
_cell.entry_id                     5JWT 
_cell.details                      ? 
_cell.formula_units_Z              ? 
_cell.length_a                     60.230 
_cell.length_a_esd                 ? 
_cell.length_b                     60.230 
_cell.length_b_esd                 ? 
_cell.length_c                     96.870 
_cell.length_c_esd                 ? 
_cell.volume                       ? 
_cell.volume_esd                   ? 
_cell.Z_PDB                        6 
_cell.reciprocal_angle_alpha       ? 
_cell.reciprocal_angle_beta        ? 
_cell.reciprocal_angle_gamma       ? 
_cell.reciprocal_angle_alpha_esd   ? 
_cell.reciprocal_angle_beta_esd    ? 
_cell.reciprocal_angle_gamma_esd   ? 
_cell.reciprocal_length_a          ? 
_cell.reciprocal_length_b          ? 
_cell.reciprocal_length_c          ? 
_cell.reciprocal_length_a_esd      ? 
_cell.reciprocal_length_b_esd      ? 
_cell.reciprocal_length_c_esd      ? 
_cell.pdbx_unique_axis             ? 
# 
_symmetry.entry_id                         5JWT 
_symmetry.cell_setting                     ? 
_symmetry.Int_Tables_number                154 
_symmetry.space_group_name_Hall            ? 
_symmetry.space_group_name_H-M             'P 32 2 1' 
_symmetry.pdbx_full_space_group_name_H-M   ? 
# 
loop_
_entity.id 
_entity.type 
_entity.src_method 
_entity.pdbx_description 
_entity.formula_weight 
_entity.pdbx_number_of_molecules 
_entity.pdbx_ec 
_entity.pdbx_mutation 
_entity.pdbx_fragment 
_entity.details 
1 polymer     man Endolysin 18646.316 1   3.2.1.17 ? ? ? 
2 non-polymer syn BENZENE   78.112    1   ?        ? ? ? 
3 water       nat water     18.015    299 ?        ? ? ? 
# 
_entity_name_com.entity_id   1 
_entity_name_com.name        'Lysis protein,Lysozyme,Muramidase' 
# 
_entity_poly.entity_id                      1 
_entity_poly.type                           'polypeptide(L)' 
_entity_poly.nstd_linkage                   no 
_entity_poly.nstd_monomer                   no 
_entity_poly.pdbx_seq_one_letter_code       
;MNIFEMLRIDEGLRLKIYKDTEGYYTIGIGHLLTKSPDLNAAKSELDKAIGRNCNGVITKDEAEKLFNQDVDAAVRGILR
NAKLKPVYDSLDAVRRCAAINQVFQMGETGVAGFTNSLRMLQQKRWDEAAVNLAKSRWYNQTPDRAKRVITTFRTGTWDA
YKNL
;
_entity_poly.pdbx_seq_one_letter_code_can   
;MNIFEMLRIDEGLRLKIYKDTEGYYTIGIGHLLTKSPDLNAAKSELDKAIGRNCNGVITKDEAEKLFNQDVDAAVRGILR
NAKLKPVYDSLDAVRRCAAINQVFQMGETGVAGFTNSLRMLQQKRWDEAAVNLAKSRWYNQTPDRAKRVITTFRTGTWDA
YKNL
;
_entity_poly.pdbx_strand_id                 A 
_entity_poly.pdbx_target_identifier         ? 
# 
loop_
_entity_poly_seq.entity_id 
_entity_poly_seq.num 
_entity_poly_seq.mon_id 
_entity_poly_seq.hetero 
1 1   MET n 
1 2   ASN n 
1 3   ILE n 
1 4   PHE n 
1 5   GLU n 
1 6   MET n 
1 7   LEU n 
1 8   ARG n 
1 9   ILE n 
1 10  ASP n 
1 11  GLU n 
1 12  GLY n 
1 13  LEU n 
1 14  ARG n 
1 15  LEU n 
1 16  LYS n 
1 17  ILE n 
1 18  TYR n 
1 19  LYS n 
1 20  ASP n 
1 21  THR n 
1 22  GLU n 
1 23  GLY n 
1 24  TYR n 
1 25  TYR n 
1 26  THR n 
1 27  ILE n 
1 28  GLY n 
1 29  ILE n 
1 30  GLY n 
1 31  HIS n 
1 32  LEU n 
1 33  LEU n 
1 34  THR n 
1 35  LYS n 
1 36  SER n 
1 37  PRO n 
1 38  ASP n 
1 39  LEU n 
1 40  ASN n 
1 41  ALA n 
1 42  ALA n 
1 43  LYS n 
1 44  SER n 
1 45  GLU n 
1 46  LEU n 
1 47  ASP n 
1 48  LYS n 
1 49  ALA n 
1 50  ILE n 
1 51  GLY n 
1 52  ARG n 
1 53  ASN n 
1 54  CYS n 
1 55  ASN n 
1 56  GLY n 
1 57  VAL n 
1 58  ILE n 
1 59  THR n 
1 60  LYS n 
1 61  ASP n 
1 62  GLU n 
1 63  ALA n 
1 64  GLU n 
1 65  LYS n 
1 66  LEU n 
1 67  PHE n 
1 68  ASN n 
1 69  GLN n 
1 70  ASP n 
1 71  VAL n 
1 72  ASP n 
1 73  ALA n 
1 74  ALA n 
1 75  VAL n 
1 76  ARG n 
1 77  GLY n 
1 78  ILE n 
1 79  LEU n 
1 80  ARG n 
1 81  ASN n 
1 82  ALA n 
1 83  LYS n 
1 84  LEU n 
1 85  LYS n 
1 86  PRO n 
1 87  VAL n 
1 88  TYR n 
1 89  ASP n 
1 90  SER n 
1 91  LEU n 
1 92  ASP n 
1 93  ALA n 
1 94  VAL n 
1 95  ARG n 
1 96  ARG n 
1 97  CYS n 
1 98  ALA n 
1 99  ALA n 
1 100 ILE n 
1 101 ASN n 
1 102 GLN n 
1 103 VAL n 
1 104 PHE n 
1 105 GLN n 
1 106 MET n 
1 107 GLY n 
1 108 GLU n 
1 109 THR n 
1 110 GLY n 
1 111 VAL n 
1 112 ALA n 
1 113 GLY n 
1 114 PHE n 
1 115 THR n 
1 116 ASN n 
1 117 SER n 
1 118 LEU n 
1 119 ARG n 
1 120 MET n 
1 121 LEU n 
1 122 GLN n 
1 123 GLN n 
1 124 LYS n 
1 125 ARG n 
1 126 TRP n 
1 127 ASP n 
1 128 GLU n 
1 129 ALA n 
1 130 ALA n 
1 131 VAL n 
1 132 ASN n 
1 133 LEU n 
1 134 ALA n 
1 135 LYS n 
1 136 SER n 
1 137 ARG n 
1 138 TRP n 
1 139 TYR n 
1 140 ASN n 
1 141 GLN n 
1 142 THR n 
1 143 PRO n 
1 144 ASP n 
1 145 ARG n 
1 146 ALA n 
1 147 LYS n 
1 148 ARG n 
1 149 VAL n 
1 150 ILE n 
1 151 THR n 
1 152 THR n 
1 153 PHE n 
1 154 ARG n 
1 155 THR n 
1 156 GLY n 
1 157 THR n 
1 158 TRP n 
1 159 ASP n 
1 160 ALA n 
1 161 TYR n 
1 162 LYS n 
1 163 ASN n 
1 164 LEU n 
# 
_entity_src_gen.entity_id                          1 
_entity_src_gen.pdbx_src_id                        1 
_entity_src_gen.pdbx_alt_source_flag               sample 
_entity_src_gen.pdbx_seq_type                      'Biological sequence' 
_entity_src_gen.pdbx_beg_seq_num                   1 
_entity_src_gen.pdbx_end_seq_num                   164 
_entity_src_gen.gene_src_common_name               ? 
_entity_src_gen.gene_src_genus                     ? 
_entity_src_gen.pdbx_gene_src_gene                 ? 
_entity_src_gen.gene_src_species                   ? 
_entity_src_gen.gene_src_strain                    ? 
_entity_src_gen.gene_src_tissue                    ? 
_entity_src_gen.gene_src_tissue_fraction           ? 
_entity_src_gen.gene_src_details                   ? 
_entity_src_gen.pdbx_gene_src_fragment             ? 
_entity_src_gen.pdbx_gene_src_scientific_name      'Enterobacteria phage T4' 
_entity_src_gen.pdbx_gene_src_ncbi_taxonomy_id     10665 
_entity_src_gen.pdbx_gene_src_variant              ? 
_entity_src_gen.pdbx_gene_src_cell_line            ? 
_entity_src_gen.pdbx_gene_src_atcc                 ? 
_entity_src_gen.pdbx_gene_src_organ                ? 
_entity_src_gen.pdbx_gene_src_organelle            ? 
_entity_src_gen.pdbx_gene_src_cell                 ? 
_entity_src_gen.pdbx_gene_src_cellular_location    ? 
_entity_src_gen.host_org_common_name               ? 
_entity_src_gen.pdbx_host_org_scientific_name      'Escherichia coli' 
_entity_src_gen.pdbx_host_org_ncbi_taxonomy_id     562 
_entity_src_gen.host_org_genus                     ? 
_entity_src_gen.pdbx_host_org_gene                 ? 
_entity_src_gen.pdbx_host_org_organ                ? 
_entity_src_gen.host_org_species                   ? 
_entity_src_gen.pdbx_host_org_tissue               ? 
_entity_src_gen.pdbx_host_org_tissue_fraction      ? 
_entity_src_gen.pdbx_host_org_strain               RR1 
_entity_src_gen.pdbx_host_org_variant              ? 
_entity_src_gen.pdbx_host_org_cell_line            ? 
_entity_src_gen.pdbx_host_org_atcc                 31343 
_entity_src_gen.pdbx_host_org_culture_collection   ? 
_entity_src_gen.pdbx_host_org_cell                 ? 
_entity_src_gen.pdbx_host_org_organelle            ? 
_entity_src_gen.pdbx_host_org_cellular_location    ? 
_entity_src_gen.pdbx_host_org_vector_type          ? 
_entity_src_gen.pdbx_host_org_vector               ? 
_entity_src_gen.host_org_details                   ? 
_entity_src_gen.expression_system_id               ? 
_entity_src_gen.plasmid_name                       ? 
_entity_src_gen.plasmid_details                    ? 
_entity_src_gen.pdbx_description                   ? 
# 
_struct_ref.id                         1 
_struct_ref.db_name                    UNP 
_struct_ref.db_code                    ENLYS_BPT4 
_struct_ref.pdbx_db_accession          P00720 
_struct_ref.pdbx_db_isoform            ? 
_struct_ref.entity_id                  1 
_struct_ref.pdbx_seq_one_letter_code   
;MNIFEMLRIDERLRLKIYKDTEGYYTIGIGHLLTKSPSLNAAKSELDKAIGRNCNGVITKDEAEKLFNQDVDAAVRGILR
NAKLKPVYDSLDAVRRCALINMVFQMGETGVAGFTNSLRMLQQKRWDEAAVNLAKSIWYNQTPNRAKRVITTFRTGTWDA
YKNL
;
_struct_ref.pdbx_align_begin           1 
# 
_struct_ref_seq.align_id                      1 
_struct_ref_seq.ref_id                        1 
_struct_ref_seq.pdbx_PDB_id_code              5JWT 
_struct_ref_seq.pdbx_strand_id                A 
_struct_ref_seq.seq_align_beg                 1 
_struct_ref_seq.pdbx_seq_align_beg_ins_code   ? 
_struct_ref_seq.seq_align_end                 164 
_struct_ref_seq.pdbx_seq_align_end_ins_code   ? 
_struct_ref_seq.pdbx_db_accession             P00720 
_struct_ref_seq.db_align_beg                  1 
_struct_ref_seq.pdbx_db_align_beg_ins_code    ? 
_struct_ref_seq.db_align_end                  164 
_struct_ref_seq.pdbx_db_align_end_ins_code    ? 
_struct_ref_seq.pdbx_auth_seq_align_beg       1 
_struct_ref_seq.pdbx_auth_seq_align_end       164 
# 
loop_
_struct_ref_seq_dif.align_id 
_struct_ref_seq_dif.pdbx_pdb_id_code 
_struct_ref_seq_dif.mon_id 
_struct_ref_seq_dif.pdbx_pdb_strand_id 
_struct_ref_seq_dif.seq_num 
_struct_ref_seq_dif.pdbx_pdb_ins_code 
_struct_ref_seq_dif.pdbx_seq_db_name 
_struct_ref_seq_dif.pdbx_seq_db_accession_code 
_struct_ref_seq_dif.db_mon_id 
_struct_ref_seq_dif.pdbx_seq_db_seq_num 
_struct_ref_seq_dif.details 
_struct_ref_seq_dif.pdbx_auth_seq_num 
_struct_ref_seq_dif.pdbx_ordinal 
1 5JWT GLY A 12  ? UNP P00720 ARG 12  'engineered mutation' 12  1 
1 5JWT ASP A 38  ? UNP P00720 SER 38  'engineered mutation' 38  2 
1 5JWT ALA A 99  ? UNP P00720 LEU 99  'engineered mutation' 99  3 
1 5JWT GLN A 102 ? UNP P00720 MET 102 'engineered mutation' 102 4 
1 5JWT ARG A 137 ? UNP P00720 ILE 137 'engineered mutation' 137 5 
1 5JWT ASP A 144 ? UNP P00720 ASN 144 'engineered mutation' 144 6 
# 
loop_
_chem_comp.id 
_chem_comp.type 
_chem_comp.mon_nstd_flag 
_chem_comp.name 
_chem_comp.pdbx_synonyms 
_chem_comp.formula 
_chem_comp.formula_weight 
ALA 'L-peptide linking' y ALANINE         ? 'C3 H7 N O2'     89.093  
ARG 'L-peptide linking' y ARGININE        ? 'C6 H15 N4 O2 1' 175.209 
ASN 'L-peptide linking' y ASPARAGINE      ? 'C4 H8 N2 O3'    132.118 
ASP 'L-peptide linking' y 'ASPARTIC ACID' ? 'C4 H7 N O4'     133.103 
BNZ non-polymer         . BENZENE         ? 'C6 H6'          78.112  
CYS 'L-peptide linking' y CYSTEINE        ? 'C3 H7 N O2 S'   121.158 
GLN 'L-peptide linking' y GLUTAMINE       ? 'C5 H10 N2 O3'   146.144 
GLU 'L-peptide linking' y 'GLUTAMIC ACID' ? 'C5 H9 N O4'     147.129 
GLY 'peptide linking'   y GLYCINE         ? 'C2 H5 N O2'     75.067  
HIS 'L-peptide linking' y HISTIDINE       ? 'C6 H10 N3 O2 1' 156.162 
HOH non-polymer         . WATER           ? 'H2 O'           18.015  
ILE 'L-peptide linking' y ISOLEUCINE      ? 'C6 H13 N O2'    131.173 
LEU 'L-peptide linking' y LEUCINE         ? 'C6 H13 N O2'    131.173 
LYS 'L-peptide linking' y LYSINE          ? 'C6 H15 N2 O2 1' 147.195 
MET 'L-peptide linking' y METHIONINE      ? 'C5 H11 N O2 S'  149.211 
PHE 'L-peptide linking' y PHENYLALANINE   ? 'C9 H11 N O2'    165.189 
PRO 'L-peptide linking' y PROLINE         ? 'C5 H9 N O2'     115.130 
SER 'L-peptide linking' y SERINE          ? 'C3 H7 N O3'     105.093 
THR 'L-peptide linking' y THREONINE       ? 'C4 H9 N O3'     119.119 
TRP 'L-peptide linking' y TRYPTOPHAN      ? 'C11 H12 N2 O2'  204.225 
TYR 'L-peptide linking' y TYROSINE        ? 'C9 H11 N O3'    181.189 
VAL 'L-peptide linking' y VALINE          ? 'C5 H11 N O2'    117.146 
# 
_exptl.absorpt_coefficient_mu     ? 
_exptl.absorpt_correction_T_max   ? 
_exptl.absorpt_correction_T_min   ? 
_exptl.absorpt_correction_type    ? 
_exptl.absorpt_process_details    ? 
_exptl.entry_id                   5JWT 
_exptl.crystals_number            1 
_exptl.details                    ? 
_exptl.method                     'X-RAY DIFFRACTION' 
_exptl.method_details             ? 
# 
_exptl_crystal.colour                      ? 
_exptl_crystal.density_diffrn              ? 
_exptl_crystal.density_Matthews            2.77 
_exptl_crystal.density_method              ? 
_exptl_crystal.density_percent_sol         55.65 
_exptl_crystal.description                 ? 
_exptl_crystal.F_000                       ? 
_exptl_crystal.id                          1 
_exptl_crystal.preparation                 ? 
_exptl_crystal.size_max                    ? 
_exptl_crystal.size_mid                    ? 
_exptl_crystal.size_min                    ? 
_exptl_crystal.size_rad                    ? 
_exptl_crystal.colour_lustre               ? 
_exptl_crystal.colour_modifier             ? 
_exptl_crystal.colour_primary              ? 
_exptl_crystal.density_meas                ? 
_exptl_crystal.density_meas_esd            ? 
_exptl_crystal.density_meas_gt             ? 
_exptl_crystal.density_meas_lt             ? 
_exptl_crystal.density_meas_temp           ? 
_exptl_crystal.density_meas_temp_esd       ? 
_exptl_crystal.density_meas_temp_gt        ? 
_exptl_crystal.density_meas_temp_lt        ? 
_exptl_crystal.pdbx_crystal_image_url      ? 
_exptl_crystal.pdbx_crystal_image_format   ? 
_exptl_crystal.pdbx_mosaicity              ? 
_exptl_crystal.pdbx_mosaicity_esd          ? 
# 
_exptl_crystal_grow.apparatus       ? 
_exptl_crystal_grow.atmosphere      ? 
_exptl_crystal_grow.crystal_id      1 
_exptl_crystal_grow.details         ? 
_exptl_crystal_grow.method          'VAPOR DIFFUSION, HANGING DROP' 
_exptl_crystal_grow.method_ref      ? 
_exptl_crystal_grow.pH              6.9 
_exptl_crystal_grow.pressure        ? 
_exptl_crystal_grow.pressure_esd    ? 
_exptl_crystal_grow.seeding         ? 
_exptl_crystal_grow.seeding_ref     ? 
_exptl_crystal_grow.temp            277.15 
_exptl_crystal_grow.temp_details    ? 
_exptl_crystal_grow.temp_esd        ? 
_exptl_crystal_grow.time            ? 
_exptl_crystal_grow.pdbx_details    
'2.2 M sodium/potassium phosphate, pH 6.9, 50 mM 2-mercaptoethanol, 50 mM 2-hydroxyethyl disulfide' 
_exptl_crystal_grow.pdbx_pH_range   ? 
# 
_diffrn.ambient_environment    ? 
_diffrn.ambient_temp           100 
_diffrn.ambient_temp_details   ? 
_diffrn.ambient_temp_esd       ? 
_diffrn.crystal_id             1 
_diffrn.crystal_support        ? 
_diffrn.crystal_treatment      ? 
_diffrn.details                ? 
_diffrn.id                     1 
_diffrn.ambient_pressure       ? 
_diffrn.ambient_pressure_esd   ? 
_diffrn.ambient_pressure_gt    ? 
_diffrn.ambient_pressure_lt    ? 
_diffrn.ambient_temp_gt        ? 
_diffrn.ambient_temp_lt        ? 
# 
_diffrn_detector.details                      ? 
_diffrn_detector.detector                     CCD 
_diffrn_detector.diffrn_id                    1 
_diffrn_detector.type                         'ADSC QUANTUM 315r' 
_diffrn_detector.area_resol_mean              ? 
_diffrn_detector.dtime                        ? 
_diffrn_detector.pdbx_frames_total            ? 
_diffrn_detector.pdbx_collection_time_total   ? 
_diffrn_detector.pdbx_collection_date         2015-06-03 
# 
_diffrn_radiation.collimation                      ? 
_diffrn_radiation.diffrn_id                        1 
_diffrn_radiation.filter_edge                      ? 
_diffrn_radiation.inhomogeneity                    ? 
_diffrn_radiation.monochromator                    'KHOZU Double flat crystal' 
_diffrn_radiation.polarisn_norm                    ? 
_diffrn_radiation.polarisn_ratio                   ? 
_diffrn_radiation.probe                            ? 
_diffrn_radiation.type                             ? 
_diffrn_radiation.xray_symbol                      ? 
_diffrn_radiation.wavelength_id                    1 
_diffrn_radiation.pdbx_monochromatic_or_laue_m_l   M 
_diffrn_radiation.pdbx_wavelength_list             ? 
_diffrn_radiation.pdbx_wavelength                  ? 
_diffrn_radiation.pdbx_diffrn_protocol             'SINGLE WAVELENGTH' 
_diffrn_radiation.pdbx_analyzer                    ? 
_diffrn_radiation.pdbx_scattering_type             x-ray 
# 
_diffrn_radiation_wavelength.id           1 
_diffrn_radiation_wavelength.wavelength   1.11587 
_diffrn_radiation_wavelength.wt           1.0 
# 
_diffrn_source.current                     ? 
_diffrn_source.details                     ? 
_diffrn_source.diffrn_id                   1 
_diffrn_source.power                       ? 
_diffrn_source.size                        ? 
_diffrn_source.source                      SYNCHROTRON 
_diffrn_source.target                      ? 
_diffrn_source.type                        'ALS BEAMLINE 8.3.1' 
_diffrn_source.voltage                     ? 
_diffrn_source.take-off_angle              ? 
_diffrn_source.pdbx_wavelength_list        1.11587 
_diffrn_source.pdbx_wavelength             ? 
_diffrn_source.pdbx_synchrotron_beamline   8.3.1 
_diffrn_source.pdbx_synchrotron_site       ALS 
# 
_reflns.B_iso_Wilson_estimate            ? 
_reflns.entry_id                         5JWT 
_reflns.data_reduction_details           ? 
_reflns.data_reduction_method            ? 
_reflns.d_resolution_high                1.41 
_reflns.d_resolution_low                 45.926 
_reflns.details                          ? 
_reflns.limit_h_max                      ? 
_reflns.limit_h_min                      ? 
_reflns.limit_k_max                      ? 
_reflns.limit_k_min                      ? 
_reflns.limit_l_max                      ? 
_reflns.limit_l_min                      ? 
_reflns.number_all                       ? 
_reflns.number_obs                       39667 
_reflns.observed_criterion               ? 
_reflns.observed_criterion_F_max         ? 
_reflns.observed_criterion_F_min         ? 
_reflns.observed_criterion_I_max         ? 
_reflns.observed_criterion_I_min         ? 
_reflns.observed_criterion_sigma_F       ? 
_reflns.observed_criterion_sigma_I       ? 
_reflns.percent_possible_obs             99.6 
_reflns.R_free_details                   ? 
_reflns.Rmerge_F_all                     ? 
_reflns.Rmerge_F_obs                     ? 
_reflns.Friedel_coverage                 ? 
_reflns.number_gt                        ? 
_reflns.threshold_expression             ? 
_reflns.pdbx_redundancy                  8 
_reflns.pdbx_Rmerge_I_obs                0.058 
_reflns.pdbx_Rmerge_I_all                ? 
_reflns.pdbx_Rsym_value                  ? 
_reflns.pdbx_netI_over_av_sigmaI         ? 
_reflns.pdbx_netI_over_sigmaI            2.9 
_reflns.pdbx_res_netI_over_av_sigmaI_2   ? 
_reflns.pdbx_res_netI_over_sigmaI_2      ? 
_reflns.pdbx_chi_squared                 ? 
_reflns.pdbx_scaling_rejects             ? 
_reflns.pdbx_d_res_high_opt              ? 
_reflns.pdbx_d_res_low_opt               ? 
_reflns.pdbx_d_res_opt_method            ? 
_reflns.phase_calculation_details        ? 
_reflns.pdbx_Rrim_I_all                  ? 
_reflns.pdbx_Rpim_I_all                  ? 
_reflns.pdbx_d_opt                       ? 
_reflns.pdbx_number_measured_all         ? 
_reflns.pdbx_diffrn_id                   1 
_reflns.pdbx_ordinal                     1 
_reflns.pdbx_CC_half                     ? 
_reflns.pdbx_R_split                     ? 
# 
_reflns_shell.d_res_high                  1.41 
_reflns_shell.d_res_low                   1.46 
_reflns_shell.meanI_over_sigI_all         ? 
_reflns_shell.meanI_over_sigI_obs         ? 
_reflns_shell.number_measured_all         ? 
_reflns_shell.number_measured_obs         ? 
_reflns_shell.number_possible             ? 
_reflns_shell.number_unique_all           ? 
_reflns_shell.number_unique_obs           ? 
_reflns_shell.percent_possible_all        99.6 
_reflns_shell.percent_possible_obs        ? 
_reflns_shell.Rmerge_F_all                ? 
_reflns_shell.Rmerge_F_obs                ? 
_reflns_shell.Rmerge_I_all                ? 
_reflns_shell.Rmerge_I_obs                0.321 
_reflns_shell.meanI_over_sigI_gt          ? 
_reflns_shell.meanI_over_uI_all           ? 
_reflns_shell.meanI_over_uI_gt            ? 
_reflns_shell.number_measured_gt          ? 
_reflns_shell.number_unique_gt            ? 
_reflns_shell.percent_possible_gt         ? 
_reflns_shell.Rmerge_F_gt                 ? 
_reflns_shell.Rmerge_I_gt                 ? 
_reflns_shell.pdbx_redundancy             ? 
_reflns_shell.pdbx_Rsym_value             ? 
_reflns_shell.pdbx_chi_squared            ? 
_reflns_shell.pdbx_netI_over_sigmaI_all   ? 
_reflns_shell.pdbx_netI_over_sigmaI_obs   ? 
_reflns_shell.pdbx_Rrim_I_all             ? 
_reflns_shell.pdbx_Rpim_I_all             ? 
_reflns_shell.pdbx_rejects                ? 
_reflns_shell.pdbx_ordinal                1 
_reflns_shell.pdbx_diffrn_id              1 
_reflns_shell.pdbx_CC_half                ? 
_reflns_shell.pdbx_R_split                ? 
# 
_refine.aniso_B[1][1]                            ? 
_refine.aniso_B[1][2]                            ? 
_refine.aniso_B[1][3]                            ? 
_refine.aniso_B[2][2]                            ? 
_refine.aniso_B[2][3]                            ? 
_refine.aniso_B[3][3]                            ? 
_refine.B_iso_max                                56.050 
_refine.B_iso_mean                               18.5688 
_refine.B_iso_min                                8.690 
_refine.correlation_coeff_Fo_to_Fc               ? 
_refine.correlation_coeff_Fo_to_Fc_free          ? 
_refine.details                                  ? 
_refine.diff_density_max                         ? 
_refine.diff_density_max_esd                     ? 
_refine.diff_density_min                         ? 
_refine.diff_density_min_esd                     ? 
_refine.diff_density_rms                         ? 
_refine.diff_density_rms_esd                     ? 
_refine.entry_id                                 5JWT 
_refine.pdbx_refine_id                           'X-RAY DIFFRACTION' 
_refine.ls_abs_structure_details                 ? 
_refine.ls_abs_structure_Flack                   ? 
_refine.ls_abs_structure_Flack_esd               ? 
_refine.ls_abs_structure_Rogers                  ? 
_refine.ls_abs_structure_Rogers_esd              ? 
_refine.ls_d_res_high                            1.4100 
_refine.ls_d_res_low                             45.9260 
_refine.ls_extinction_coef                       ? 
_refine.ls_extinction_coef_esd                   ? 
_refine.ls_extinction_expression                 ? 
_refine.ls_extinction_method                     ? 
_refine.ls_goodness_of_fit_all                   ? 
_refine.ls_goodness_of_fit_all_esd               ? 
_refine.ls_goodness_of_fit_obs                   ? 
_refine.ls_goodness_of_fit_obs_esd               ? 
_refine.ls_hydrogen_treatment                    ? 
_refine.ls_matrix_type                           ? 
_refine.ls_number_constraints                    ? 
_refine.ls_number_parameters                     ? 
_refine.ls_number_reflns_all                     ? 
_refine.ls_number_reflns_obs                     39665 
_refine.ls_number_reflns_R_free                  1997 
_refine.ls_number_reflns_R_work                  ? 
_refine.ls_number_restraints                     ? 
_refine.ls_percent_reflns_obs                    99.4900 
_refine.ls_percent_reflns_R_free                 5.0300 
_refine.ls_R_factor_all                          ? 
_refine.ls_R_factor_obs                          0.2213 
_refine.ls_R_factor_R_free                       0.2429 
_refine.ls_R_factor_R_free_error                 ? 
_refine.ls_R_factor_R_free_error_details         ? 
_refine.ls_R_factor_R_work                       0.2201 
_refine.ls_R_Fsqd_factor_obs                     ? 
_refine.ls_R_I_factor_obs                        ? 
_refine.ls_redundancy_reflns_all                 ? 
_refine.ls_redundancy_reflns_obs                 ? 
_refine.ls_restrained_S_all                      ? 
_refine.ls_restrained_S_obs                      ? 
_refine.ls_shift_over_esd_max                    ? 
_refine.ls_shift_over_esd_mean                   ? 
_refine.ls_structure_factor_coef                 ? 
_refine.ls_weighting_details                     ? 
_refine.ls_weighting_scheme                      ? 
_refine.ls_wR_factor_all                         ? 
_refine.ls_wR_factor_obs                         ? 
_refine.ls_wR_factor_R_free                      ? 
_refine.ls_wR_factor_R_work                      ? 
_refine.occupancy_max                            ? 
_refine.occupancy_min                            ? 
_refine.solvent_model_details                    ? 
_refine.solvent_model_param_bsol                 ? 
_refine.solvent_model_param_ksol                 ? 
_refine.ls_R_factor_gt                           ? 
_refine.ls_goodness_of_fit_gt                    ? 
_refine.ls_goodness_of_fit_ref                   ? 
_refine.ls_shift_over_su_max                     ? 
_refine.ls_shift_over_su_max_lt                  ? 
_refine.ls_shift_over_su_mean                    ? 
_refine.ls_shift_over_su_mean_lt                 ? 
_refine.pdbx_ls_sigma_I                          ? 
_refine.pdbx_ls_sigma_F                          1.350 
_refine.pdbx_ls_sigma_Fsqd                       ? 
_refine.pdbx_data_cutoff_high_absF               ? 
_refine.pdbx_data_cutoff_high_rms_absF           ? 
_refine.pdbx_data_cutoff_low_absF                ? 
_refine.pdbx_isotropic_thermal_model             ? 
_refine.pdbx_ls_cross_valid_method               'FREE R-VALUE' 
_refine.pdbx_method_to_determine_struct          'MOLECULAR REPLACEMENT' 
_refine.pdbx_starting_model                      1LGU 
_refine.pdbx_stereochemistry_target_values       ? 
_refine.pdbx_R_Free_selection_details            ? 
_refine.pdbx_stereochem_target_val_spec_case     ? 
_refine.pdbx_overall_ESU_R                       ? 
_refine.pdbx_overall_ESU_R_Free                  ? 
_refine.pdbx_solvent_vdw_probe_radii             1.1100 
_refine.pdbx_solvent_ion_probe_radii             ? 
_refine.pdbx_solvent_shrinkage_radii             0.9000 
_refine.pdbx_real_space_R                        ? 
_refine.pdbx_density_correlation                 ? 
_refine.pdbx_pd_number_of_powder_patterns        ? 
_refine.pdbx_pd_number_of_points                 ? 
_refine.pdbx_pd_meas_number_of_points            ? 
_refine.pdbx_pd_proc_ls_prof_R_factor            ? 
_refine.pdbx_pd_proc_ls_prof_wR_factor           ? 
_refine.pdbx_pd_Marquardt_correlation_coeff      ? 
_refine.pdbx_pd_Fsqrd_R_factor                   ? 
_refine.pdbx_pd_ls_matrix_band_width             ? 
_refine.pdbx_overall_phase_error                 28.5800 
_refine.pdbx_overall_SU_R_free_Cruickshank_DPI   ? 
_refine.pdbx_overall_SU_R_free_Blow_DPI          ? 
_refine.pdbx_overall_SU_R_Blow_DPI               ? 
_refine.pdbx_TLS_residual_ADP_flag               ? 
_refine.pdbx_diffrn_id                           1 
_refine.overall_SU_B                             ? 
_refine.overall_SU_ML                            0.1800 
_refine.overall_SU_R_Cruickshank_DPI             ? 
_refine.overall_SU_R_free                        ? 
_refine.overall_FOM_free_R_set                   ? 
_refine.overall_FOM_work_R_set                   ? 
_refine.pdbx_average_fsc_overall                 ? 
_refine.pdbx_average_fsc_work                    ? 
_refine.pdbx_average_fsc_free                    ? 
# 
_refine_hist.cycle_id                         final 
_refine_hist.pdbx_refine_id                   'X-RAY DIFFRACTION' 
_refine_hist.d_res_high                       1.4100 
_refine_hist.d_res_low                        45.9260 
_refine_hist.pdbx_number_atoms_ligand         6 
_refine_hist.number_atoms_solvent             299 
_refine_hist.number_atoms_total               1588 
_refine_hist.pdbx_number_residues_total       161 
_refine_hist.pdbx_B_iso_mean_ligand           13.31 
_refine_hist.pdbx_B_iso_mean_solvent          29.15 
_refine_hist.pdbx_number_atoms_protein        1283 
_refine_hist.pdbx_number_atoms_nucleic_acid   0 
# 
loop_
_refine_ls_restr.pdbx_refine_id 
_refine_ls_restr.criterion 
_refine_ls_restr.dev_ideal 
_refine_ls_restr.dev_ideal_target 
_refine_ls_restr.number 
_refine_ls_restr.rejects 
_refine_ls_restr.type 
_refine_ls_restr.weight 
_refine_ls_restr.pdbx_restraint_function 
'X-RAY DIFFRACTION' ? 0.005  ? 1402 ? f_bond_d           ? ? 
'X-RAY DIFFRACTION' ? 0.788  ? 1891 ? f_angle_d          ? ? 
'X-RAY DIFFRACTION' ? 0.066  ? 205  ? f_chiral_restr     ? ? 
'X-RAY DIFFRACTION' ? 0.005  ? 248  ? f_plane_restr      ? ? 
'X-RAY DIFFRACTION' ? 12.899 ? 529  ? f_dihedral_angle_d ? ? 
# 
loop_
_refine_ls_shell.pdbx_refine_id 
_refine_ls_shell.d_res_high 
_refine_ls_shell.d_res_low 
_refine_ls_shell.number_reflns_all 
_refine_ls_shell.number_reflns_obs 
_refine_ls_shell.number_reflns_R_free 
_refine_ls_shell.number_reflns_R_work 
_refine_ls_shell.percent_reflns_obs 
_refine_ls_shell.percent_reflns_R_free 
_refine_ls_shell.R_factor_all 
_refine_ls_shell.R_factor_obs 
_refine_ls_shell.R_factor_R_free 
_refine_ls_shell.R_factor_R_free_error 
_refine_ls_shell.R_factor_R_work 
_refine_ls_shell.redundancy_reflns_all 
_refine_ls_shell.redundancy_reflns_obs 
_refine_ls_shell.wR_factor_all 
_refine_ls_shell.wR_factor_obs 
_refine_ls_shell.wR_factor_R_free 
_refine_ls_shell.wR_factor_R_work 
_refine_ls_shell.pdbx_total_number_of_bins_used 
_refine_ls_shell.pdbx_phase_error 
_refine_ls_shell.pdbx_fsc_work 
_refine_ls_shell.pdbx_fsc_free 
'X-RAY DIFFRACTION' 1.4100 1.4452  . . 135 2637 99.0000  . . . 0.3764 . 0.3315 . . . . . . . . . . 
'X-RAY DIFFRACTION' 1.4452 1.4843  . . 133 2686 100.0000 . . . 0.3368 . 0.2943 . . . . . . . . . . 
'X-RAY DIFFRACTION' 1.4843 1.5280  . . 154 2634 100.0000 . . . 0.3629 . 0.2950 . . . . . . . . . . 
'X-RAY DIFFRACTION' 1.5280 1.5773  . . 139 2668 100.0000 . . . 0.2980 . 0.2862 . . . . . . . . . . 
'X-RAY DIFFRACTION' 1.5773 1.6337  . . 134 2707 100.0000 . . . 0.2907 . 0.2769 . . . . . . . . . . 
'X-RAY DIFFRACTION' 1.6337 1.6991  . . 135 2663 100.0000 . . . 0.2905 . 0.2691 . . . . . . . . . . 
'X-RAY DIFFRACTION' 1.6991 1.7765  . . 152 2689 100.0000 . . . 0.2737 . 0.2548 . . . . . . . . . . 
'X-RAY DIFFRACTION' 1.7765 1.8701  . . 151 2664 100.0000 . . . 0.3258 . 0.2605 . . . . . . . . . . 
'X-RAY DIFFRACTION' 1.8701 1.9873  . . 131 2685 100.0000 . . . 0.2679 . 0.2358 . . . . . . . . . . 
'X-RAY DIFFRACTION' 1.9873 2.1407  . . 141 2706 100.0000 . . . 0.2566 . 0.2150 . . . . . . . . . . 
'X-RAY DIFFRACTION' 2.1407 2.3561  . . 164 2682 100.0000 . . . 0.2236 . 0.2007 . . . . . . . . . . 
'X-RAY DIFFRACTION' 2.3561 2.6970  . . 142 2752 100.0000 . . . 0.2311 . 0.2135 . . . . . . . . . . 
'X-RAY DIFFRACTION' 2.6970 3.3978  . . 155 2739 100.0000 . . . 0.2186 . 0.1935 . . . . . . . . . . 
'X-RAY DIFFRACTION' 3.3978 45.9260 . . 131 2756 95.0000  . . . 0.1844 . 0.1840 . . . . . . . . . . 
# 
_struct.entry_id                     5JWT 
_struct.title                        'T4 Lysozyme L99A/M102Q with Benzene Bound' 
_struct.pdbx_model_details           ? 
_struct.pdbx_formula_weight          ? 
_struct.pdbx_formula_weight_method   ? 
_struct.pdbx_model_type_details      ? 
_struct.pdbx_CASP_flag               N 
# 
_struct_keywords.entry_id        5JWT 
_struct_keywords.text            'Phage lysozyme Azaborine, HYDROLASE' 
_struct_keywords.pdbx_keywords   HYDROLASE 
# 
loop_
_struct_asym.id 
_struct_asym.pdbx_blank_PDB_chainid_flag 
_struct_asym.pdbx_modified 
_struct_asym.entity_id 
_struct_asym.details 
A N N 1 ? 
B N N 2 ? 
C N N 3 ? 
# 
loop_
_struct_conf.conf_type_id 
_struct_conf.id 
_struct_conf.pdbx_PDB_helix_id 
_struct_conf.beg_label_comp_id 
_struct_conf.beg_label_asym_id 
_struct_conf.beg_label_seq_id 
_struct_conf.pdbx_beg_PDB_ins_code 
_struct_conf.end_label_comp_id 
_struct_conf.end_label_asym_id 
_struct_conf.end_label_seq_id 
_struct_conf.pdbx_end_PDB_ins_code 
_struct_conf.beg_auth_comp_id 
_struct_conf.beg_auth_asym_id 
_struct_conf.beg_auth_seq_id 
_struct_conf.end_auth_comp_id 
_struct_conf.end_auth_asym_id 
_struct_conf.end_auth_seq_id 
_struct_conf.pdbx_PDB_helix_class 
_struct_conf.details 
_struct_conf.pdbx_PDB_helix_length 
HELX_P HELX_P1 AA1 ASN A 2   ? GLY A 12  ? ASN A 2   GLY A 12  1 ? 11 
HELX_P HELX_P2 AA2 ASP A 38  ? GLY A 51  ? ASP A 38  GLY A 51  1 ? 14 
HELX_P HELX_P3 AA3 THR A 59  ? ASN A 81  ? THR A 59  ASN A 81  1 ? 23 
HELX_P HELX_P4 AA4 LYS A 83  ? LEU A 91  ? LYS A 83  LEU A 91  1 ? 9  
HELX_P HELX_P5 AA5 ASP A 92  ? GLY A 107 ? ASP A 92  GLY A 107 1 ? 16 
HELX_P HELX_P6 AA6 PHE A 114 ? GLN A 123 ? PHE A 114 GLN A 123 1 ? 10 
HELX_P HELX_P7 AA7 ARG A 125 ? LYS A 135 ? ARG A 125 LYS A 135 1 ? 11 
HELX_P HELX_P8 AA8 SER A 136 ? THR A 142 ? SER A 136 THR A 142 1 ? 7  
HELX_P HELX_P9 AA9 THR A 142 ? GLY A 156 ? THR A 142 GLY A 156 1 ? 15 
# 
_struct_conf_type.id          HELX_P 
_struct_conf_type.criteria    ? 
_struct_conf_type.reference   ? 
# 
_struct_sheet.id               AA1 
_struct_sheet.type             ? 
_struct_sheet.number_strands   3 
_struct_sheet.details          ? 
# 
loop_
_struct_sheet_order.sheet_id 
_struct_sheet_order.range_id_1 
_struct_sheet_order.range_id_2 
_struct_sheet_order.offset 
_struct_sheet_order.sense 
AA1 1 2 ? anti-parallel 
AA1 2 3 ? anti-parallel 
# 
loop_
_struct_sheet_range.sheet_id 
_struct_sheet_range.id 
_struct_sheet_range.beg_label_comp_id 
_struct_sheet_range.beg_label_asym_id 
_struct_sheet_range.beg_label_seq_id 
_struct_sheet_range.pdbx_beg_PDB_ins_code 
_struct_sheet_range.end_label_comp_id 
_struct_sheet_range.end_label_asym_id 
_struct_sheet_range.end_label_seq_id 
_struct_sheet_range.pdbx_end_PDB_ins_code 
_struct_sheet_range.beg_auth_comp_id 
_struct_sheet_range.beg_auth_asym_id 
_struct_sheet_range.beg_auth_seq_id 
_struct_sheet_range.end_auth_comp_id 
_struct_sheet_range.end_auth_asym_id 
_struct_sheet_range.end_auth_seq_id 
AA1 1 ARG A 14 ? LYS A 19 ? ARG A 14 LYS A 19 
AA1 2 TYR A 25 ? GLY A 28 ? TYR A 25 GLY A 28 
AA1 3 HIS A 31 ? LEU A 32 ? HIS A 31 LEU A 32 
# 
loop_
_pdbx_struct_sheet_hbond.sheet_id 
_pdbx_struct_sheet_hbond.range_id_1 
_pdbx_struct_sheet_hbond.range_id_2 
_pdbx_struct_sheet_hbond.range_1_label_atom_id 
_pdbx_struct_sheet_hbond.range_1_label_comp_id 
_pdbx_struct_sheet_hbond.range_1_label_asym_id 
_pdbx_struct_sheet_hbond.range_1_label_seq_id 
_pdbx_struct_sheet_hbond.range_1_PDB_ins_code 
_pdbx_struct_sheet_hbond.range_1_auth_atom_id 
_pdbx_struct_sheet_hbond.range_1_auth_comp_id 
_pdbx_struct_sheet_hbond.range_1_auth_asym_id 
_pdbx_struct_sheet_hbond.range_1_auth_seq_id 
_pdbx_struct_sheet_hbond.range_2_label_atom_id 
_pdbx_struct_sheet_hbond.range_2_label_comp_id 
_pdbx_struct_sheet_hbond.range_2_label_asym_id 
_pdbx_struct_sheet_hbond.range_2_label_seq_id 
_pdbx_struct_sheet_hbond.range_2_PDB_ins_code 
_pdbx_struct_sheet_hbond.range_2_auth_atom_id 
_pdbx_struct_sheet_hbond.range_2_auth_comp_id 
_pdbx_struct_sheet_hbond.range_2_auth_asym_id 
_pdbx_struct_sheet_hbond.range_2_auth_seq_id 
AA1 1 2 N TYR A 18 ? N TYR A 18 O THR A 26 ? O THR A 26 
AA1 2 3 N ILE A 27 ? N ILE A 27 O HIS A 31 ? O HIS A 31 
# 
_struct_site.id                   AC1 
_struct_site.pdbx_evidence_code   Software 
_struct_site.pdbx_auth_asym_id    A 
_struct_site.pdbx_auth_comp_id    BNZ 
_struct_site.pdbx_auth_seq_id     201 
_struct_site.pdbx_auth_ins_code   ? 
_struct_site.pdbx_num_residues    4 
_struct_site.details              'binding site for residue BNZ A 201' 
# 
loop_
_struct_site_gen.id 
_struct_site_gen.site_id 
_struct_site_gen.pdbx_num_res 
_struct_site_gen.label_comp_id 
_struct_site_gen.label_asym_id 
_struct_site_gen.label_seq_id 
_struct_site_gen.pdbx_auth_ins_code 
_struct_site_gen.auth_comp_id 
_struct_site_gen.auth_asym_id 
_struct_site_gen.auth_seq_id 
_struct_site_gen.label_atom_id 
_struct_site_gen.label_alt_id 
_struct_site_gen.symmetry 
_struct_site_gen.details 
1 AC1 4 ALA A 99  ? ALA A 99  . ? 1_555 ? 
2 AC1 4 GLN A 102 ? GLN A 102 . ? 1_555 ? 
3 AC1 4 VAL A 111 ? VAL A 111 . ? 1_555 ? 
4 AC1 4 LEU A 118 ? LEU A 118 . ? 1_555 ? 
# 
_atom_sites.entry_id                    5JWT 
_atom_sites.fract_transf_matrix[1][1]   0.01556829 
_atom_sites.fract_transf_matrix[1][2]   0.01115984 
_atom_sites.fract_transf_matrix[1][3]   -0.00079839 
_atom_sites.fract_transf_matrix[2][1]   0.01746347 
_atom_sites.fract_transf_matrix[2][2]   -0.00779843 
_atom_sites.fract_transf_matrix[2][3]   0.00133308 
_atom_sites.fract_transf_matrix[3][1]   0.00028055 
_atom_sites.fract_transf_matrix[3][2]   -0.00112522 
_atom_sites.fract_transf_matrix[3][3]   -0.01025766 
_atom_sites.fract_transf_vector[1]      -0.327541 
_atom_sites.fract_transf_vector[2]      0.225117 
_atom_sites.fract_transf_vector[3]      0.097215 
# 
loop_
_atom_type.symbol 
C 
N 
O 
S 
# 
loop_
_atom_site.group_PDB 
_atom_site.id 
_atom_site.type_symbol 
_atom_site.label_atom_id 
_atom_site.label_alt_id 
_atom_site.label_comp_id 
_atom_site.label_asym_id 
_atom_site.label_entity_id 
_atom_site.label_seq_id 
_atom_site.pdbx_PDB_ins_code 
_atom_site.Cartn_x 
_atom_site.Cartn_y 
_atom_site.Cartn_z 
_atom_site.occupancy 
_atom_site.B_iso_or_equiv 
_atom_site.pdbx_formal_charge 
_atom_site.auth_seq_id 
_atom_site.auth_comp_id 
_atom_site.auth_asym_id 
_atom_site.auth_atom_id 
_atom_site.pdbx_PDB_model_num 
ATOM   1    N N   . MET A 1 1   ? -9.351  15.089  -1.458  1.00 17.03 ?  1   MET A N   1 
ATOM   2    C CA  . MET A 1 1   ? -8.528  13.889  -1.314  1.00 16.43 ?  1   MET A CA  1 
ATOM   3    C C   . MET A 1 1   ? -9.245  12.640  -1.817  1.00 17.18 ?  1   MET A C   1 
ATOM   4    O O   . MET A 1 1   ? -10.464 12.509  -1.684  1.00 19.42 ?  1   MET A O   1 
ATOM   5    C CB  . MET A 1 1   ? -8.111  13.676  0.150   1.00 18.23 ?  1   MET A CB  1 
ATOM   6    C CG  . MET A 1 1   ? -7.099  14.664  0.723   1.00 26.52 ?  1   MET A CG  1 
ATOM   7    S SD  . MET A 1 1   ? -5.471  14.612  -0.066  1.00 27.18 ?  1   MET A SD  1 
ATOM   8    C CE  . MET A 1 1   ? -5.303  12.872  -0.348  1.00 10.45 ?  1   MET A CE  1 
ATOM   9    N N   . ASN A 1 2   ? -8.467  11.728  -2.400  1.00 12.53 ?  2   ASN A N   1 
ATOM   10   C CA  . ASN A 1 2   ? -8.928  10.414  -2.814  1.00 13.83 ?  2   ASN A CA  1 
ATOM   11   C C   . ASN A 1 2   ? -7.734  9.469   -2.724  1.00 10.95 ?  2   ASN A C   1 
ATOM   12   O O   . ASN A 1 2   ? -6.626  9.891   -2.387  1.00 13.17 ?  2   ASN A O   1 
ATOM   13   C CB  . ASN A 1 2   ? -9.532  10.465  -4.228  1.00 15.69 ?  2   ASN A CB  1 
ATOM   14   C CG  . ASN A 1 2   ? -8.555  11.002  -5.263  1.00 15.59 ?  2   ASN A CG  1 
ATOM   15   O OD1 . ASN A 1 2   ? -7.463  10.459  -5.437  1.00 13.02 ?  2   ASN A OD1 1 
ATOM   16   N ND2 . ASN A 1 2   ? -8.950  12.060  -5.967  1.00 15.53 ?  2   ASN A ND2 1 
ATOM   17   N N   . ILE A 1 3   ? -7.961  8.190   -3.039  1.00 11.70 ?  3   ILE A N   1 
ATOM   18   C CA  . ILE A 1 3   ? -6.908  7.183   -2.871  1.00 12.13 ?  3   ILE A CA  1 
ATOM   19   C C   . ILE A 1 3   ? -5.690  7.503   -3.732  1.00 14.97 ?  3   ILE A C   1 
ATOM   20   O O   . ILE A 1 3   ? -4.546  7.244   -3.330  1.00 13.78 ?  3   ILE A O   1 
ATOM   21   C CB  . ILE A 1 3   ? -7.442  5.752   -3.112  1.00 11.90 ?  3   ILE A CB  1 
ATOM   22   C CG1 . ILE A 1 3   ? -6.347  4.704   -2.864  1.00 12.64 ?  3   ILE A CG1 1 
ATOM   23   C CG2 . ILE A 1 3   ? -8.035  5.614   -4.526  1.00 12.43 ?  3   ILE A CG2 1 
ATOM   24   C CD1 . ILE A 1 3   ? -5.757  4.785   -1.452  1.00 12.23 ?  3   ILE A CD1 1 
ATOM   25   N N   . PHE A 1 4   ? -5.903  8.056   -4.935  1.00 10.98 ?  4   PHE A N   1 
ATOM   26   C CA  . PHE A 1 4   ? -4.773  8.390   -5.799  1.00 12.08 ?  4   PHE A CA  1 
ATOM   27   C C   . PHE A 1 4   ? -3.948  9.527   -5.217  1.00 12.01 ?  4   PHE A C   1 
ATOM   28   O O   . PHE A 1 4   ? -2.716  9.430   -5.149  1.00 12.64 ?  4   PHE A O   1 
ATOM   29   C CB  . PHE A 1 4   ? -5.259  8.698   -7.218  1.00 13.90 ?  4   PHE A CB  1 
ATOM   30   C CG  . PHE A 1 4   ? -5.771  7.486   -7.930  1.00 13.01 ?  4   PHE A CG  1 
ATOM   31   C CD1 . PHE A 1 4   ? -4.896  6.637   -8.607  1.00 16.08 ?  4   PHE A CD1 1 
ATOM   32   C CD2 . PHE A 1 4   ? -7.107  7.166   -7.888  1.00 15.59 ?  4   PHE A CD2 1 
ATOM   33   C CE1 . PHE A 1 4   ? -5.365  5.498   -9.239  1.00 17.98 ?  4   PHE A CE1 1 
ATOM   34   C CE2 . PHE A 1 4   ? -7.580  6.030   -8.515  1.00 15.89 ?  4   PHE A CE2 1 
ATOM   35   C CZ  . PHE A 1 4   ? -6.713  5.205   -9.198  1.00 15.64 ?  4   PHE A CZ  1 
ATOM   36   N N   . GLU A 1 5   ? -4.606  10.610  -4.776  1.00 10.91 ?  5   GLU A N   1 
ATOM   37   C CA  . GLU A 1 5   ? -3.869  11.723  -4.176  1.00 13.49 ?  5   GLU A CA  1 
ATOM   38   C C   . GLU A 1 5   ? -3.164  11.288  -2.895  1.00 13.15 ?  5   GLU A C   1 
ATOM   39   O O   . GLU A 1 5   ? -2.045  11.734  -2.616  1.00 13.33 ?  5   GLU A O   1 
ATOM   40   C CB  . GLU A 1 5   ? -4.801  12.904  -3.889  1.00 15.14 ?  5   GLU A CB  1 
ATOM   41   C CG  . GLU A 1 5   ? -5.420  13.524  -5.135  1.00 14.68 ?  5   GLU A CG  1 
ATOM   42   C CD  . GLU A 1 5   ? -6.208  14.790  -4.846  1.00 27.82 ?  5   GLU A CD  1 
ATOM   43   O OE1 . GLU A 1 5   ? -6.132  15.305  -3.708  1.00 27.19 ?  5   GLU A OE1 1 
ATOM   44   O OE2 . GLU A 1 5   ? -6.879  15.289  -5.774  1.00 20.69 -1 5   GLU A OE2 1 
ATOM   45   N N   . MET A 1 6   ? -3.806  10.408  -2.118  1.00 13.02 ?  6   MET A N   1 
ATOM   46   C CA  . MET A 1 6   ? -3.238  9.929   -0.861  1.00 12.33 ?  6   MET A CA  1 
ATOM   47   C C   . MET A 1 6   ? -1.967  9.124   -1.105  1.00 11.40 ?  6   MET A C   1 
ATOM   48   O O   . MET A 1 6   ? -0.924  9.380   -0.491  1.00 11.42 ?  6   MET A O   1 
ATOM   49   C CB  . MET A 1 6   ? -4.264  9.033   -0.177  1.00 10.51 ?  6   MET A CB  1 
ATOM   50   C CG  . MET A 1 6   ? -3.874  8.566   1.213   1.00 12.21 ?  6   MET A CG  1 
ATOM   51   S SD  . MET A 1 6   ? -4.890  7.143   1.643   1.00 12.79 ?  6   MET A SD  1 
ATOM   52   C CE  . MET A 1 6   ? -4.796  7.136   3.438   1.00 10.64 ?  6   MET A CE  1 
ATOM   53   N N   . LEU A 1 7   ? -2.039  8.127   -1.989  1.00 11.23 ?  7   LEU A N   1 
ATOM   54   C CA  . LEU A 1 7   ? -0.859  7.314   -2.261  1.00 12.41 ?  7   LEU A CA  1 
ATOM   55   C C   . LEU A 1 7   ? 0.205   8.102   -3.009  1.00 11.42 ?  7   LEU A C   1 
ATOM   56   O O   . LEU A 1 7   ? 1.401   7.819   -2.846  1.00 14.12 ?  7   LEU A O   1 
ATOM   57   C CB  . LEU A 1 7   ? -1.250  6.035   -3.006  1.00 12.79 ?  7   LEU A CB  1 
ATOM   58   C CG  . LEU A 1 7   ? -1.714  4.878   -2.116  1.00 14.09 ?  7   LEU A CG  1 
ATOM   59   C CD1 . LEU A 1 7   ? -2.445  3.802   -2.932  1.00 14.08 ?  7   LEU A CD1 1 
ATOM   60   C CD2 . LEU A 1 7   ? -0.517  4.289   -1.372  1.00 12.25 ?  7   LEU A CD2 1 
ATOM   61   N N   . ARG A 1 8   ? -0.195  9.072   -3.833  1.00 11.82 ?  8   ARG A N   1 
ATOM   62   C CA  . ARG A 1 8   ? 0.797   9.933   -4.470  1.00 13.46 ?  8   ARG A CA  1 
ATOM   63   C C   . ARG A 1 8   ? 1.641   10.672  -3.431  1.00 13.73 ?  8   ARG A C   1 
ATOM   64   O O   . ARG A 1 8   ? 2.859   10.794  -3.589  1.00 14.91 ?  8   ARG A O   1 
ATOM   65   C CB  . ARG A 1 8   ? 0.122   10.908  -5.441  1.00 14.40 ?  8   ARG A CB  1 
ATOM   66   C CG  . ARG A 1 8   ? 1.053   11.976  -6.024  1.00 14.56 ?  8   ARG A CG  1 
ATOM   67   C CD  . ARG A 1 8   ? 2.216   11.426  -6.860  1.00 13.31 ?  8   ARG A CD  1 
ATOM   68   N NE  . ARG A 1 8   ? 3.057   12.524  -7.340  1.00 16.35 ?  8   ARG A NE  1 
ATOM   69   C CZ  . ARG A 1 8   ? 4.024   13.106  -6.628  1.00 16.98 ?  8   ARG A CZ  1 
ATOM   70   N NH1 . ARG A 1 8   ? 4.306   12.699  -5.400  1.00 17.60 1  8   ARG A NH1 1 
ATOM   71   N NH2 . ARG A 1 8   ? 4.714   14.117  -7.152  1.00 21.72 ?  8   ARG A NH2 1 
ATOM   72   N N   . ILE A 1 9   ? 1.012   11.166  -2.357  1.00 12.46 ?  9   ILE A N   1 
ATOM   73   C CA  . ILE A 1 9   ? 1.763   11.800  -1.276  1.00 13.52 ?  9   ILE A CA  1 
ATOM   74   C C   . ILE A 1 9   ? 2.671   10.789  -0.593  1.00 12.82 ?  9   ILE A C   1 
ATOM   75   O O   . ILE A 1 9   ? 3.849   11.058  -0.340  1.00 14.69 ?  9   ILE A O   1 
ATOM   76   C CB  . ILE A 1 9   ? 0.789   12.442  -0.275  1.00 12.41 ?  9   ILE A CB  1 
ATOM   77   C CG1 . ILE A 1 9   ? 0.200   13.733  -0.838  1.00 16.36 ?  9   ILE A CG1 1 
ATOM   78   C CG2 . ILE A 1 9   ? 1.453   12.677  1.090   1.00 16.97 ?  9   ILE A CG2 1 
ATOM   79   C CD1 . ILE A 1 9   ? -1.042  14.215  -0.108  1.00 15.15 ?  9   ILE A CD1 1 
ATOM   80   N N   . ASP A 1 10  ? 2.131   9.613   -0.260  1.00 11.88 ?  10  ASP A N   1 
ATOM   81   C CA  . ASP A 1 10  ? 2.892   8.653   0.532   1.00 12.32 ?  10  ASP A CA  1 
ATOM   82   C C   . ASP A 1 10  ? 4.039   8.025   -0.257  1.00 14.01 ?  10  ASP A C   1 
ATOM   83   O O   . ASP A 1 10  ? 5.087   7.705   0.321   1.00 16.10 ?  10  ASP A O   1 
ATOM   84   C CB  . ASP A 1 10  ? 1.966   7.579   1.105   1.00 14.13 ?  10  ASP A CB  1 
ATOM   85   C CG  . ASP A 1 10  ? 1.140   8.083   2.271   1.00 14.01 ?  10  ASP A CG  1 
ATOM   86   O OD1 . ASP A 1 10  ? 1.553   9.083   2.900   1.00 13.57 ?  10  ASP A OD1 1 
ATOM   87   O OD2 . ASP A 1 10  ? 0.089   7.470   2.552   1.00 12.76 -1 10  ASP A OD2 1 
ATOM   88   N N   . GLU A 1 11  ? 3.871   7.843   -1.570  1.00 12.33 ?  11  GLU A N   1 
ATOM   89   C CA  . GLU A 1 11  ? 4.838   7.090   -2.359  1.00 12.80 ?  11  GLU A CA  1 
ATOM   90   C C   . GLU A 1 11  ? 5.764   7.953   -3.196  1.00 11.80 ?  11  GLU A C   1 
ATOM   91   O O   . GLU A 1 11  ? 6.818   7.459   -3.625  1.00 15.12 ?  11  GLU A O   1 
ATOM   92   C CB  . GLU A 1 11  ? 4.133   6.099   -3.291  1.00 13.57 ?  11  GLU A CB  1 
ATOM   93   C CG  . GLU A 1 11  ? 3.332   5.004   -2.586  1.00 15.43 ?  11  GLU A CG  1 
ATOM   94   C CD  . GLU A 1 11  ? 4.213   4.024   -1.829  1.00 16.30 ?  11  GLU A CD  1 
ATOM   95   O OE1 . GLU A 1 11  ? 5.449   4.077   -1.989  1.00 17.13 ?  11  GLU A OE1 1 
ATOM   96   O OE2 . GLU A 1 11  ? 3.674   3.197   -1.065  1.00 18.13 -1 11  GLU A OE2 1 
ATOM   97   N N   . GLY A 1 12  ? 5.406   9.209   -3.461  1.00 13.63 ?  12  GLY A N   1 
ATOM   98   C CA  . GLY A 1 12  ? 6.226   10.049  -4.312  1.00 15.73 ?  12  GLY A CA  1 
ATOM   99   C C   . GLY A 1 12  ? 6.076   9.687   -5.782  1.00 15.02 ?  12  GLY A C   1 
ATOM   100  O O   . GLY A 1 12  ? 5.266   8.851   -6.180  1.00 14.09 ?  12  GLY A O   1 
ATOM   101  N N   . LEU A 1 13  ? 6.869   10.360  -6.611  1.00 14.10 ?  13  LEU A N   1 
ATOM   102  C CA  . LEU A 1 13  ? 6.903   10.071  -8.043  1.00 15.92 ?  13  LEU A CA  1 
ATOM   103  C C   . LEU A 1 13  ? 8.340   10.199  -8.510  1.00 15.61 ?  13  LEU A C   1 
ATOM   104  O O   . LEU A 1 13  ? 8.933   11.279  -8.412  1.00 17.79 ?  13  LEU A O   1 
ATOM   105  C CB  . LEU A 1 13  ? 5.994   11.027  -8.832  1.00 15.89 ?  13  LEU A CB  1 
ATOM   106  C CG  . LEU A 1 13  ? 6.107   11.061  -10.367 1.00 18.12 ?  13  LEU A CG  1 
ATOM   107  C CD1 . LEU A 1 13  ? 5.791   9.717   -10.989 1.00 18.37 ?  13  LEU A CD1 1 
ATOM   108  C CD2 . LEU A 1 13  ? 5.190   12.125  -10.956 1.00 24.09 ?  13  LEU A CD2 1 
ATOM   109  N N   . ARG A 1 14  ? 8.904   9.101   -9.003  1.00 14.27 ?  14  ARG A N   1 
ATOM   110  C CA  . ARG A 1 14  ? 10.273  9.114   -9.491  1.00 16.02 ?  14  ARG A CA  1 
ATOM   111  C C   . ARG A 1 14  ? 10.296  8.357   -10.805 1.00 14.95 ?  14  ARG A C   1 
ATOM   112  O O   . ARG A 1 14  ? 9.735   7.266   -10.899 1.00 15.99 ?  14  ARG A O   1 
ATOM   113  C CB  . ARG A 1 14  ? 11.227  8.488   -8.461  1.00 17.85 ?  14  ARG A CB  1 
ATOM   114  C CG  . ARG A 1 14  ? 11.239  9.280   -7.138  1.00 17.56 ?  14  ARG A CG  1 
ATOM   115  C CD  . ARG A 1 14  ? 12.246  8.772   -6.135  1.00 23.22 ?  14  ARG A CD  1 
ATOM   116  N NE  . ARG A 1 14  ? 13.605  9.155   -6.491  1.00 23.15 ?  14  ARG A NE  1 
ATOM   117  C CZ  . ARG A 1 14  ? 14.679  8.752   -5.827  1.00 25.45 ?  14  ARG A CZ  1 
ATOM   118  N NH1 . ARG A 1 14  ? 14.541  7.954   -4.773  1.00 21.16 1  14  ARG A NH1 1 
ATOM   119  N NH2 . ARG A 1 14  ? 15.883  9.139   -6.220  1.00 28.45 ?  14  ARG A NH2 1 
ATOM   120  N N   . LEU A 1 15  ? 10.921  8.947   -11.824 1.00 14.71 ?  15  LEU A N   1 
ATOM   121  C CA  . LEU A 1 15  ? 10.858  8.399   -13.172 1.00 14.51 ?  15  LEU A CA  1 
ATOM   122  C C   . LEU A 1 15  ? 12.013  7.465   -13.506 1.00 15.49 ?  15  LEU A C   1 
ATOM   123  O O   . LEU A 1 15  ? 11.998  6.845   -14.575 1.00 17.92 ?  15  LEU A O   1 
ATOM   124  C CB  . LEU A 1 15  ? 10.759  9.532   -14.202 1.00 15.30 ?  15  LEU A CB  1 
ATOM   125  C CG  . LEU A 1 15  ? 9.534   10.442  -14.076 1.00 17.31 ?  15  LEU A CG  1 
ATOM   126  C CD1 . LEU A 1 15  ? 9.508   11.476  -15.204 1.00 23.12 ?  15  LEU A CD1 1 
ATOM   127  C CD2 . LEU A 1 15  ? 8.228   9.651   -14.051 1.00 18.39 ?  15  LEU A CD2 1 
ATOM   128  N N   . LYS A 1 16  ? 12.993  7.331   -12.617 1.00 15.07 ?  16  LYS A N   1 
ATOM   129  C CA  . LYS A 1 16  ? 14.115  6.424   -12.793 1.00 14.75 ?  16  LYS A CA  1 
ATOM   130  C C   . LYS A 1 16  ? 14.071  5.365   -11.701 1.00 14.31 ?  16  LYS A C   1 
ATOM   131  O O   . LYS A 1 16  ? 13.588  5.619   -10.590 1.00 14.58 ?  16  LYS A O   1 
ATOM   132  C CB  . LYS A 1 16  ? 15.451  7.170   -12.667 1.00 20.01 ?  16  LYS A CB  1 
ATOM   133  C CG  . LYS A 1 16  ? 15.617  8.370   -13.586 1.00 24.75 ?  16  LYS A CG  1 
ATOM   134  C CD  . LYS A 1 16  ? 16.920  9.104   -13.273 1.00 29.15 ?  16  LYS A CD  1 
ATOM   135  C CE  . LYS A 1 16  ? 17.094  10.324  -14.162 1.00 41.28 ?  16  LYS A CE  1 
ATOM   136  N NZ  . LYS A 1 16  ? 18.384  11.026  -13.899 1.00 47.38 1  16  LYS A NZ  1 
ATOM   137  N N   . ILE A 1 17  ? 14.586  4.173   -12.006 1.00 13.11 ?  17  ILE A N   1 
ATOM   138  C CA  . ILE A 1 17  ? 14.605  3.114   -11.006 1.00 10.62 ?  17  ILE A CA  1 
ATOM   139  C C   . ILE A 1 17  ? 15.319  3.614   -9.762  1.00 14.60 ?  17  ILE A C   1 
ATOM   140  O O   . ILE A 1 17  ? 16.392  4.230   -9.843  1.00 15.74 ?  17  ILE A O   1 
ATOM   141  C CB  . ILE A 1 17  ? 15.270  1.843   -11.557 1.00 12.73 ?  17  ILE A CB  1 
ATOM   142  C CG1 . ILE A 1 17  ? 14.411  1.189   -12.639 1.00 12.99 ?  17  ILE A CG1 1 
ATOM   143  C CG2 . ILE A 1 17  ? 15.526  0.833   -10.416 1.00 14.60 ?  17  ILE A CG2 1 
ATOM   144  C CD1 . ILE A 1 17  ? 15.066  -0.012  -13.317 1.00 18.28 ?  17  ILE A CD1 1 
ATOM   145  N N   . TYR A 1 18  ? 14.707  3.376   -8.602  1.00 13.81 ?  18  TYR A N   1 
ATOM   146  C CA  . TYR A 1 18  ? 15.269  3.740   -7.310  1.00 15.73 ?  18  TYR A CA  1 
ATOM   147  C C   . TYR A 1 18  ? 14.985  2.616   -6.327  1.00 13.81 ?  18  TYR A C   1 
ATOM   148  O O   . TYR A 1 18  ? 14.218  1.695   -6.609  1.00 14.79 ?  18  TYR A O   1 
ATOM   149  C CB  . TYR A 1 18  ? 14.672  5.048   -6.780  1.00 15.46 ?  18  TYR A CB  1 
ATOM   150  C CG  . TYR A 1 18  ? 13.214  4.968   -6.360  1.00 17.71 ?  18  TYR A CG  1 
ATOM   151  C CD1 . TYR A 1 18  ? 12.198  5.074   -7.300  1.00 16.57 ?  18  TYR A CD1 1 
ATOM   152  C CD2 . TYR A 1 18  ? 12.850  4.823   -5.020  1.00 15.46 ?  18  TYR A CD2 1 
ATOM   153  C CE1 . TYR A 1 18  ? 10.870  5.021   -6.937  1.00 15.25 ?  18  TYR A CE1 1 
ATOM   154  C CE2 . TYR A 1 18  ? 11.518  4.772   -4.646  1.00 19.93 ?  18  TYR A CE2 1 
ATOM   155  C CZ  . TYR A 1 18  ? 10.535  4.873   -5.606  1.00 18.24 ?  18  TYR A CZ  1 
ATOM   156  O OH  . TYR A 1 18  ? 9.201   4.823   -5.260  1.00 23.42 ?  18  TYR A OH  1 
ATOM   157  N N   . LYS A 1 19  ? 15.605  2.686   -5.157  1.00 13.58 ?  19  LYS A N   1 
ATOM   158  C CA  . LYS A 1 19  ? 15.363  1.706   -4.113  1.00 16.00 ?  19  LYS A CA  1 
ATOM   159  C C   . LYS A 1 19  ? 14.372  2.283   -3.115  1.00 14.61 ?  19  LYS A C   1 
ATOM   160  O O   . LYS A 1 19  ? 14.524  3.435   -2.680  1.00 14.16 ?  19  LYS A O   1 
ATOM   161  C CB  . LYS A 1 19  ? 16.662  1.309   -3.416  1.00 14.30 ?  19  LYS A CB  1 
ATOM   162  C CG  . LYS A 1 19  ? 17.594  0.453   -4.281  1.00 12.92 ?  19  LYS A CG  1 
ATOM   163  C CD  . LYS A 1 19  ? 18.737  -0.077  -3.432  1.00 18.65 ?  19  LYS A CD  1 
ATOM   164  C CE  . LYS A 1 19  ? 19.791  -0.777  -4.268  1.00 15.06 ?  19  LYS A CE  1 
ATOM   165  N NZ  . LYS A 1 19  ? 20.965  -1.068  -3.397  1.00 18.57 1  19  LYS A NZ  1 
ATOM   166  N N   . ASP A 1 20  ? 13.363  1.480   -2.763  1.00 13.00 ?  20  ASP A N   1 
ATOM   167  C CA  . ASP A 1 20  ? 12.329  1.887   -1.816  1.00 13.23 ?  20  ASP A CA  1 
ATOM   168  C C   . ASP A 1 20  ? 12.871  1.871   -0.384  1.00 13.23 ?  20  ASP A C   1 
ATOM   169  O O   . ASP A 1 20  ? 14.063  1.651   -0.149  1.00 13.97 ?  20  ASP A O   1 
ATOM   170  C CB  . ASP A 1 20  ? 11.049  1.069   -2.015  1.00 12.74 ?  20  ASP A CB  1 
ATOM   171  C CG  . ASP A 1 20  ? 11.148  -0.375  -1.517  1.00 16.94 ?  20  ASP A CG  1 
ATOM   172  O OD1 . ASP A 1 20  ? 12.167  -0.782  -0.920  1.00 13.88 ?  20  ASP A OD1 1 
ATOM   173  O OD2 . ASP A 1 20  ? 10.157  -1.118  -1.705  1.00 18.59 -1 20  ASP A OD2 1 
ATOM   174  N N   . THR A 1 21  ? 11.981  2.064   0.597   1.00 13.64 ?  21  THR A N   1 
ATOM   175  C CA  . THR A 1 21  ? 12.411  2.110   1.994   1.00 13.58 ?  21  THR A CA  1 
ATOM   176  C C   . THR A 1 21  ? 13.006  0.792   2.467   1.00 14.68 ?  21  THR A C   1 
ATOM   177  O O   . THR A 1 21  ? 13.769  0.784   3.438   1.00 13.70 ?  21  THR A O   1 
ATOM   178  C CB  . THR A 1 21  ? 11.247  2.524   2.912   1.00 15.68 ?  21  THR A CB  1 
ATOM   179  O OG1 . THR A 1 21  ? 10.284  1.464   3.008   1.00 19.06 ?  21  THR A OG1 1 
ATOM   180  C CG2 . THR A 1 21  ? 10.553  3.788   2.394   1.00 19.52 ?  21  THR A CG2 1 
ATOM   181  N N   . GLU A 1 22  ? 12.673  -0.320  1.817   1.00 14.76 ?  22  GLU A N   1 
ATOM   182  C CA  . GLU A 1 22  ? 13.219  -1.623  2.162   1.00 12.28 ?  22  GLU A CA  1 
ATOM   183  C C   . GLU A 1 22  ? 14.445  -1.990  1.338   1.00 13.94 ?  22  GLU A C   1 
ATOM   184  O O   . GLU A 1 22  ? 14.959  -3.097  1.490   1.00 15.51 ?  22  GLU A O   1 
ATOM   185  C CB  . GLU A 1 22  ? 12.146  -2.707  1.991   1.00 15.99 ?  22  GLU A CB  1 
ATOM   186  C CG  . GLU A 1 22  ? 10.933  -2.553  2.919   1.00 18.63 ?  22  GLU A CG  1 
ATOM   187  C CD  . GLU A 1 22  ? 11.240  -2.856  4.380   1.00 27.41 ?  22  GLU A CD  1 
ATOM   188  O OE1 . GLU A 1 22  ? 12.188  -3.624  4.662   1.00 27.86 ?  22  GLU A OE1 1 
ATOM   189  O OE2 . GLU A 1 22  ? 10.525  -2.319  5.256   1.00 28.61 -1 22  GLU A OE2 1 
ATOM   190  N N   . GLY A 1 23  ? 14.911  -1.091  0.479   1.00 13.59 ?  23  GLY A N   1 
ATOM   191  C CA  . GLY A 1 23  ? 16.025  -1.366  -0.405  1.00 14.99 ?  23  GLY A CA  1 
ATOM   192  C C   . GLY A 1 23  ? 15.686  -2.071  -1.699  1.00 15.41 ?  23  GLY A C   1 
ATOM   193  O O   . GLY A 1 23  ? 16.594  -2.586  -2.355  1.00 14.92 ?  23  GLY A O   1 
ATOM   194  N N   . TYR A 1 24  ? 14.413  -2.112  -2.095  1.00 13.52 ?  24  TYR A N   1 
ATOM   195  C CA  . TYR A 1 24  ? 13.968  -2.861  -3.268  1.00 14.14 ?  24  TYR A CA  1 
ATOM   196  C C   . TYR A 1 24  ? 13.763  -1.934  -4.460  1.00 13.51 ?  24  TYR A C   1 
ATOM   197  O O   . TYR A 1 24  ? 13.155  -0.868  -4.336  1.00 11.65 ?  24  TYR A O   1 
ATOM   198  C CB  . TYR A 1 24  ? 12.647  -3.576  -2.996  1.00 17.31 ?  24  TYR A CB  1 
ATOM   199  C CG  . TYR A 1 24  ? 12.697  -4.611  -1.903  1.00 17.37 ?  24  TYR A CG  1 
ATOM   200  C CD1 . TYR A 1 24  ? 13.799  -5.435  -1.751  1.00 19.09 ?  24  TYR A CD1 1 
ATOM   201  C CD2 . TYR A 1 24  ? 11.635  -4.767  -1.029  1.00 18.73 ?  24  TYR A CD2 1 
ATOM   202  C CE1 . TYR A 1 24  ? 13.849  -6.393  -0.738  1.00 21.53 ?  24  TYR A CE1 1 
ATOM   203  C CE2 . TYR A 1 24  ? 11.669  -5.717  -0.020  1.00 22.69 ?  24  TYR A CE2 1 
ATOM   204  C CZ  . TYR A 1 24  ? 12.775  -6.525  0.117   1.00 23.76 ?  24  TYR A CZ  1 
ATOM   205  O OH  . TYR A 1 24  ? 12.811  -7.472  1.118   1.00 31.38 ?  24  TYR A OH  1 
ATOM   206  N N   . TYR A 1 25  ? 14.252  -2.370  -5.626  1.00 13.45 ?  25  TYR A N   1 
ATOM   207  C CA  . TYR A 1 25  ? 14.110  -1.597  -6.857  1.00 13.18 ?  25  TYR A CA  1 
ATOM   208  C C   . TYR A 1 25  ? 12.647  -1.325  -7.180  1.00 11.24 ?  25  TYR A C   1 
ATOM   209  O O   . TYR A 1 25  ? 11.826  -2.242  -7.226  1.00 13.75 ?  25  TYR A O   1 
ATOM   210  C CB  . TYR A 1 25  ? 14.767  -2.344  -8.021  1.00 13.50 ?  25  TYR A CB  1 
ATOM   211  C CG  . TYR A 1 25  ? 16.268  -2.425  -7.891  1.00 12.25 ?  25  TYR A CG  1 
ATOM   212  C CD1 . TYR A 1 25  ? 17.043  -1.269  -7.783  1.00 15.29 ?  25  TYR A CD1 1 
ATOM   213  C CD2 . TYR A 1 25  ? 16.920  -3.655  -7.875  1.00 15.03 ?  25  TYR A CD2 1 
ATOM   214  C CE1 . TYR A 1 25  ? 18.426  -1.335  -7.671  1.00 16.01 ?  25  TYR A CE1 1 
ATOM   215  C CE2 . TYR A 1 25  ? 18.307  -3.729  -7.743  1.00 16.52 ?  25  TYR A CE2 1 
ATOM   216  C CZ  . TYR A 1 25  ? 19.048  -2.572  -7.658  1.00 13.77 ?  25  TYR A CZ  1 
ATOM   217  O OH  . TYR A 1 25  ? 20.425  -2.641  -7.533  1.00 19.53 ?  25  TYR A OH  1 
ATOM   218  N N   . THR A 1 26  ? 12.355  -0.057  -7.454  1.00 10.96 ?  26  THR A N   1 
ATOM   219  C CA  . THR A 1 26  ? 11.005  0.484   -7.566  1.00 10.75 ?  26  THR A CA  1 
ATOM   220  C C   . THR A 1 26  ? 11.055  1.584   -8.620  1.00 12.11 ?  26  THR A C   1 
ATOM   221  O O   . THR A 1 26  ? 12.126  2.075   -8.957  1.00 11.86 ?  26  THR A O   1 
ATOM   222  C CB  . THR A 1 26  ? 10.596  1.013   -6.174  1.00 12.15 ?  26  THR A CB  1 
ATOM   223  O OG1 . THR A 1 26  ? 10.589  -0.067  -5.237  1.00 14.11 ?  26  THR A OG1 1 
ATOM   224  C CG2 . THR A 1 26  ? 9.230   1.669   -6.162  1.00 11.79 ?  26  THR A CG2 1 
ATOM   225  N N   . ILE A 1 27  ? 9.898   1.981   -9.154  1.00 12.20 ?  27  ILE A N   1 
ATOM   226  C CA  . ILE A 1 27  ? 9.847   3.106   -10.076 1.00 11.18 ?  27  ILE A CA  1 
ATOM   227  C C   . ILE A 1 27  ? 8.463   3.736   -9.987  1.00 10.70 ?  27  ILE A C   1 
ATOM   228  O O   . ILE A 1 27  ? 7.522   3.140   -9.460  1.00 12.07 ?  27  ILE A O   1 
ATOM   229  C CB  . ILE A 1 27  ? 10.183  2.670   -11.526 1.00 12.02 ?  27  ILE A CB  1 
ATOM   230  C CG1 . ILE A 1 27  ? 10.567  3.875   -12.398 1.00 11.09 ?  27  ILE A CG1 1 
ATOM   231  C CG2 . ILE A 1 27  ? 9.003   1.919   -12.129 1.00 12.60 ?  27  ILE A CG2 1 
ATOM   232  C CD1 . ILE A 1 27  ? 11.259  3.483   -13.673 1.00 12.11 ?  27  ILE A CD1 1 
ATOM   233  N N   . GLY A 1 28  ? 8.349   4.955   -10.506 1.00 10.92 ?  28  GLY A N   1 
ATOM   234  C CA  . GLY A 1 28  ? 7.043   5.583   -10.632 1.00 13.57 ?  28  GLY A CA  1 
ATOM   235  C C   . GLY A 1 28  ? 6.494   6.010   -9.286  1.00 12.47 ?  28  GLY A C   1 
ATOM   236  O O   . GLY A 1 28  ? 7.169   6.681   -8.496  1.00 13.80 ?  28  GLY A O   1 
ATOM   237  N N   . ILE A 1 29  ? 5.238   5.643   -9.041  1.00 11.98 ?  29  ILE A N   1 
ATOM   238  C CA  . ILE A 1 29  ? 4.553   5.947   -7.785  1.00 12.41 ?  29  ILE A CA  1 
ATOM   239  C C   . ILE A 1 29  ? 4.488   4.662   -6.967  1.00 11.56 ?  29  ILE A C   1 
ATOM   240  O O   . ILE A 1 29  ? 3.452   3.989   -6.909  1.00 12.03 ?  29  ILE A O   1 
ATOM   241  C CB  . ILE A 1 29  ? 3.169   6.560   -8.069  1.00 11.48 ?  29  ILE A CB  1 
ATOM   242  C CG1 . ILE A 1 29  ? 3.329   7.774   -8.994  1.00 13.02 ?  29  ILE A CG1 1 
ATOM   243  C CG2 . ILE A 1 29  ? 2.473   6.972   -6.770  1.00 13.39 ?  29  ILE A CG2 1 
ATOM   244  C CD1 . ILE A 1 29  ? 2.028   8.293   -9.603  1.00 14.46 ?  29  ILE A CD1 1 
ATOM   245  N N   . GLY A 1 30  ? 5.613   4.288   -6.365  1.00 12.82 ?  30  GLY A N   1 
ATOM   246  C CA  . GLY A 1 30  ? 5.653   3.093   -5.545  1.00 10.99 ?  30  GLY A CA  1 
ATOM   247  C C   . GLY A 1 30  ? 5.437   1.793   -6.292  1.00 12.44 ?  30  GLY A C   1 
ATOM   248  O O   . GLY A 1 30  ? 4.916   0.839   -5.706  1.00 12.90 ?  30  GLY A O   1 
ATOM   249  N N   . HIS A 1 31  ? 5.837   1.707   -7.567  1.00 11.99 ?  31  HIS A N   1 
ATOM   250  C CA  . HIS A 1 31  ? 5.701   0.439   -8.292  1.00 13.35 ?  31  HIS A CA  1 
ATOM   251  C C   . HIS A 1 31  ? 6.911   -0.446  -8.006  1.00 11.79 ?  31  HIS A C   1 
ATOM   252  O O   . HIS A 1 31  ? 7.993   -0.243  -8.561  1.00 11.97 ?  31  HIS A O   1 
ATOM   253  C CB  . HIS A 1 31  ? 5.516   0.638   -9.790  1.00 12.48 ?  31  HIS A CB  1 
ATOM   254  C CG  . HIS A 1 31  ? 5.332   -0.656  -10.517 1.00 11.53 ?  31  HIS A CG  1 
ATOM   255  N ND1 . HIS A 1 31  ? 4.119   -1.311  -10.558 1.00 13.31 ?  31  HIS A ND1 1 
ATOM   256  C CD2 . HIS A 1 31  ? 6.219   -1.474  -11.145 1.00 14.16 ?  31  HIS A CD2 1 
ATOM   257  C CE1 . HIS A 1 31  ? 4.257   -2.455  -11.208 1.00 15.09 ?  31  HIS A CE1 1 
ATOM   258  N NE2 . HIS A 1 31  ? 5.520   -2.576  -11.577 1.00 13.29 ?  31  HIS A NE2 1 
ATOM   259  N N   . LEU A 1 32  ? 6.725   -1.444  -7.151  1.00 12.17 ?  32  LEU A N   1 
ATOM   260  C CA  . LEU A 1 32  ? 7.799   -2.372  -6.839  1.00 14.58 ?  32  LEU A CA  1 
ATOM   261  C C   . LEU A 1 32  ? 8.119   -3.204  -8.072  1.00 12.40 ?  32  LEU A C   1 
ATOM   262  O O   . LEU A 1 32  ? 7.217   -3.785  -8.685  1.00 13.20 ?  32  LEU A O   1 
ATOM   263  C CB  . LEU A 1 32  ? 7.371   -3.278  -5.688  1.00 14.92 ?  32  LEU A CB  1 
ATOM   264  C CG  . LEU A 1 32  ? 8.346   -4.375  -5.281  1.00 16.21 ?  32  LEU A CG  1 
ATOM   265  C CD1 . LEU A 1 32  ? 9.643   -3.754  -4.791  1.00 17.06 ?  32  LEU A CD1 1 
ATOM   266  C CD2 . LEU A 1 32  ? 7.726   -5.277  -4.209  1.00 23.05 ?  32  LEU A CD2 1 
ATOM   267  N N   . LEU A 1 33  ? 9.396   -3.236  -8.456  1.00 12.34 ?  33  LEU A N   1 
ATOM   268  C CA  . LEU A 1 33  ? 9.804   -4.019  -9.615  1.00 13.91 ?  33  LEU A CA  1 
ATOM   269  C C   . LEU A 1 33  ? 10.225  -5.432  -9.234  1.00 16.78 ?  33  LEU A C   1 
ATOM   270  O O   . LEU A 1 33  ? 9.815   -6.395  -9.898  1.00 16.99 ?  33  LEU A O   1 
ATOM   271  C CB  . LEU A 1 33  ? 10.926  -3.291  -10.357 1.00 13.36 ?  33  LEU A CB  1 
ATOM   272  C CG  . LEU A 1 33  ? 10.498  -2.007  -11.070 1.00 12.34 ?  33  LEU A CG  1 
ATOM   273  C CD1 . LEU A 1 33  ? 11.701  -1.169  -11.454 1.00 11.86 ?  33  LEU A CD1 1 
ATOM   274  C CD2 . LEU A 1 33  ? 9.675   -2.351  -12.304 1.00 12.19 ?  33  LEU A CD2 1 
ATOM   275  N N   . THR A 1 34  ? 11.011  -5.576  -8.168  1.00 15.19 ?  34  THR A N   1 
ATOM   276  C CA  . THR A 1 34  ? 11.547  -6.870  -7.758  1.00 14.28 ?  34  THR A CA  1 
ATOM   277  C C   . THR A 1 34  ? 12.207  -6.724  -6.396  1.00 15.99 ?  34  THR A C   1 
ATOM   278  O O   . THR A 1 34  ? 12.651  -5.638  -6.013  1.00 15.86 ?  34  THR A O   1 
ATOM   279  C CB  . THR A 1 34  ? 12.577  -7.405  -8.764  1.00 19.48 ?  34  THR A CB  1 
ATOM   280  O OG1 . THR A 1 34  ? 13.033  -8.689  -8.326  1.00 19.20 ?  34  THR A OG1 1 
ATOM   281  C CG2 . THR A 1 34  ? 13.777  -6.475  -8.862  1.00 17.90 ?  34  THR A CG2 1 
ATOM   282  N N   . LYS A 1 35  ? 12.276  -7.839  -5.669  1.00 18.84 ?  35  LYS A N   1 
ATOM   283  C CA  . LYS A 1 35  ? 13.072  -7.891  -4.452  1.00 17.35 ?  35  LYS A CA  1 
ATOM   284  C C   . LYS A 1 35  ? 14.488  -8.401  -4.706  1.00 20.41 ?  35  LYS A C   1 
ATOM   285  O O   . LYS A 1 35  ? 15.291  -8.466  -3.768  1.00 21.90 ?  35  LYS A O   1 
ATOM   286  C CB  . LYS A 1 35  ? 12.359  -8.720  -3.372  1.00 24.98 ?  35  LYS A CB  1 
ATOM   287  C CG  . LYS A 1 35  ? 11.040  -8.084  -2.912  1.00 20.57 ?  35  LYS A CG  1 
ATOM   288  C CD  . LYS A 1 35  ? 10.342  -8.906  -1.835  1.00 26.95 ?  35  LYS A CD  1 
ATOM   289  C CE  . LYS A 1 35  ? 9.067   -8.208  -1.376  1.00 29.32 ?  35  LYS A CE  1 
ATOM   290  N NZ  . LYS A 1 35  ? 8.361   -8.965  -0.305  1.00 36.94 1  35  LYS A NZ  1 
ATOM   291  N N   . SER A 1 36  ? 14.809  -8.739  -5.950  1.00 21.15 ?  36  SER A N   1 
ATOM   292  C CA  . SER A 1 36  ? 16.154  -9.178  -6.299  1.00 17.92 ?  36  SER A CA  1 
ATOM   293  C C   . SER A 1 36  ? 17.140  -8.021  -6.162  1.00 24.69 ?  36  SER A C   1 
ATOM   294  O O   . SER A 1 36  ? 16.822  -6.886  -6.526  1.00 18.41 ?  36  SER A O   1 
ATOM   295  C CB  . SER A 1 36  ? 16.178  -9.659  -7.749  1.00 19.81 ?  36  SER A CB  1 
ATOM   296  O OG  . SER A 1 36  ? 17.506  -9.719  -8.248  1.00 22.32 ?  36  SER A OG  1 
ATOM   297  N N   . PRO A 1 37  ? 18.352  -8.278  -5.663  1.00 22.78 ?  37  PRO A N   1 
ATOM   298  C CA  . PRO A 1 37  ? 19.386  -7.235  -5.639  1.00 21.19 ?  37  PRO A CA  1 
ATOM   299  C C   . PRO A 1 37  ? 20.022  -6.949  -6.993  1.00 20.30 ?  37  PRO A C   1 
ATOM   300  O O   . PRO A 1 37  ? 20.890  -6.069  -7.082  1.00 19.69 ?  37  PRO A O   1 
ATOM   301  C CB  . PRO A 1 37  ? 20.420  -7.808  -4.661  1.00 24.44 ?  37  PRO A CB  1 
ATOM   302  C CG  . PRO A 1 37  ? 20.271  -9.280  -4.800  1.00 26.82 ?  37  PRO A CG  1 
ATOM   303  C CD  . PRO A 1 37  ? 18.805  -9.529  -5.030  1.00 26.07 ?  37  PRO A CD  1 
ATOM   304  N N   . ASP A 1 38  ? 19.609  -7.654  -8.049  1.00 18.89 ?  38  ASP A N   1 
ATOM   305  C CA  . ASP A 1 38  ? 20.199  -7.512  -9.376  1.00 19.02 ?  38  ASP A CA  1 
ATOM   306  C C   . ASP A 1 38  ? 19.424  -6.440  -10.133 1.00 18.21 ?  38  ASP A C   1 
ATOM   307  O O   . ASP A 1 38  ? 18.248  -6.627  -10.464 1.00 18.06 ?  38  ASP A O   1 
ATOM   308  C CB  . ASP A 1 38  ? 20.143  -8.853  -10.108 1.00 20.83 ?  38  ASP A CB  1 
ATOM   309  C CG  . ASP A 1 38  ? 20.675  -8.782  -11.538 1.00 28.24 ?  38  ASP A CG  1 
ATOM   310  O OD1 . ASP A 1 38  ? 21.304  -7.776  -11.928 1.00 26.36 ?  38  ASP A OD1 1 
ATOM   311  O OD2 . ASP A 1 38  ? 20.476  -9.760  -12.283 1.00 41.41 -1 38  ASP A OD2 1 
ATOM   312  N N   . LEU A 1 39  ? 20.092  -5.327  -10.416 1.00 20.35 ?  39  LEU A N   1 
ATOM   313  C CA  . LEU A 1 39  ? 19.459  -4.250  -11.158 1.00 18.77 ?  39  LEU A CA  1 
ATOM   314  C C   . LEU A 1 39  ? 18.993  -4.717  -12.534 1.00 20.19 ?  39  LEU A C   1 
ATOM   315  O O   . LEU A 1 39  ? 17.971  -4.238  -13.040 1.00 17.96 ?  39  LEU A O   1 
ATOM   316  C CB  . LEU A 1 39  ? 20.437  -3.088  -11.263 1.00 17.91 ?  39  LEU A CB  1 
ATOM   317  C CG  . LEU A 1 39  ? 20.007  -1.875  -12.070 1.00 18.41 ?  39  LEU A CG  1 
ATOM   318  C CD1 . LEU A 1 39  ? 18.722  -1.250  -11.517 1.00 18.42 ?  39  LEU A CD1 1 
ATOM   319  C CD2 . LEU A 1 39  ? 21.149  -0.893  -12.034 1.00 19.45 ?  39  LEU A CD2 1 
ATOM   320  N N   . ASN A 1 40  ? 19.710  -5.662  -13.146 1.00 18.73 ?  40  ASN A N   1 
ATOM   321  C CA  . ASN A 1 40  ? 19.274  -6.159  -14.447 1.00 17.67 ?  40  ASN A CA  1 
ATOM   322  C C   . ASN A 1 40  ? 17.927  -6.857  -14.346 1.00 16.58 ?  40  ASN A C   1 
ATOM   323  O O   . ASN A 1 40  ? 17.109  -6.775  -15.269 1.00 17.77 ?  40  ASN A O   1 
ATOM   324  C CB  . ASN A 1 40  ? 20.317  -7.112  -15.030 1.00 22.04 ?  40  ASN A CB  1 
ATOM   325  C CG  . ASN A 1 40  ? 21.571  -6.402  -15.469 1.00 28.87 ?  40  ASN A CG  1 
ATOM   326  O OD1 . ASN A 1 40  ? 21.514  -5.311  -16.034 1.00 27.65 ?  40  ASN A OD1 1 
ATOM   327  N ND2 . ASN A 1 40  ? 22.719  -7.013  -15.201 1.00 34.66 ?  40  ASN A ND2 1 
ATOM   328  N N   . ALA A 1 41  ? 17.689  -7.577  -13.247 1.00 17.83 ?  41  ALA A N   1 
ATOM   329  C CA  . ALA A 1 41  ? 16.394  -8.218  -13.061 1.00 17.65 ?  41  ALA A CA  1 
ATOM   330  C C   . ALA A 1 41  ? 15.299  -7.174  -12.926 1.00 18.60 ?  41  ALA A C   1 
ATOM   331  O O   . ALA A 1 41  ? 14.200  -7.341  -13.466 1.00 16.26 ?  41  ALA A O   1 
ATOM   332  C CB  . ALA A 1 41  ? 16.423  -9.143  -11.849 1.00 18.93 ?  41  ALA A CB  1 
ATOM   333  N N   . ALA A 1 42  ? 15.599  -6.070  -12.239 1.00 16.01 ?  42  ALA A N   1 
ATOM   334  C CA  . ALA A 1 42  ? 14.641  -4.975  -12.131 1.00 13.26 ?  42  ALA A CA  1 
ATOM   335  C C   . ALA A 1 42  ? 14.359  -4.343  -13.486 1.00 15.75 ?  42  ALA A C   1 
ATOM   336  O O   . ALA A 1 42  ? 13.201  -4.060  -13.816 1.00 13.67 ?  42  ALA A O   1 
ATOM   337  C CB  . ALA A 1 42  ? 15.166  -3.924  -11.152 1.00 15.95 ?  42  ALA A CB  1 
ATOM   338  N N   . LYS A 1 43  ? 15.403  -4.112  -14.287 1.00 15.50 ?  43  LYS A N   1 
ATOM   339  C CA  . LYS A 1 43  ? 15.218  -3.553  -15.625 1.00 13.26 ?  43  LYS A CA  1 
ATOM   340  C C   . LYS A 1 43  ? 14.371  -4.466  -16.503 1.00 13.80 ?  43  LYS A C   1 
ATOM   341  O O   . LYS A 1 43  ? 13.514  -3.988  -17.256 1.00 14.92 ?  43  LYS A O   1 
ATOM   342  C CB  . LYS A 1 43  ? 16.578  -3.267  -16.261 1.00 14.83 ?  43  LYS A CB  1 
ATOM   343  C CG  . LYS A 1 43  ? 17.254  -2.063  -15.624 1.00 15.34 ?  43  LYS A CG  1 
ATOM   344  C CD  . LYS A 1 43  ? 18.650  -1.856  -16.187 1.00 19.07 ?  43  LYS A CD  1 
ATOM   345  C CE  . LYS A 1 43  ? 19.242  -0.556  -15.675 1.00 20.62 ?  43  LYS A CE  1 
ATOM   346  N NZ  . LYS A 1 43  ? 20.607  -0.305  -16.240 1.00 27.53 1  43  LYS A NZ  1 
ATOM   347  N N   . SER A 1 44  ? 14.564  -5.781  -16.384 1.00 15.30 ?  44  SER A N   1 
ATOM   348  C CA  . SER A 1 44  ? 13.739  -6.723  -17.137 1.00 14.47 ?  44  SER A CA  1 
ATOM   349  C C   . SER A 1 44  ? 12.272  -6.621  -16.721 1.00 15.67 ?  44  SER A C   1 
ATOM   350  O O   . SER A 1 44  ? 11.376  -6.576  -17.572 1.00 15.27 ?  44  SER A O   1 
ATOM   351  C CB  . SER A 1 44  ? 14.273  -8.146  -16.945 1.00 19.22 ?  44  SER A CB  1 
ATOM   352  O OG  . SER A 1 44  ? 13.529  -9.086  -17.696 1.00 26.01 ?  44  SER A OG  1 
ATOM   353  N N   . GLU A 1 45  ? 12.009  -6.555  -15.415 1.00 13.33 ?  45  GLU A N   1 
ATOM   354  C CA  . GLU A 1 45  ? 10.631  -6.391  -14.955 1.00 12.18 ?  45  GLU A CA  1 
ATOM   355  C C   . GLU A 1 45  ? 10.025  -5.086  -15.450 1.00 13.70 ?  45  GLU A C   1 
ATOM   356  O O   . GLU A 1 45  ? 8.841   -5.041  -15.815 1.00 13.77 ?  45  GLU A O   1 
ATOM   357  C CB  . GLU A 1 45  ? 10.586  -6.439  -13.432 1.00 12.19 ?  45  GLU A CB  1 
ATOM   358  C CG  . GLU A 1 45  ? 10.895  -7.822  -12.862 1.00 13.05 ?  45  GLU A CG  1 
ATOM   359  C CD  . GLU A 1 45  ? 9.914   -8.898  -13.310 1.00 18.63 ?  45  GLU A CD  1 
ATOM   360  O OE1 . GLU A 1 45  ? 8.685   -8.708  -13.176 1.00 15.36 ?  45  GLU A OE1 1 
ATOM   361  O OE2 . GLU A 1 45  ? 10.367  -9.959  -13.793 1.00 19.75 -1 45  GLU A OE2 1 
ATOM   362  N N   . LEU A 1 46  ? 10.808  -4.005  -15.441 1.00 12.05 ?  46  LEU A N   1 
ATOM   363  C CA  . LEU A 1 46  ? 10.307  -2.733  -15.941 1.00 12.93 ?  46  LEU A CA  1 
ATOM   364  C C   . LEU A 1 46  ? 9.904   -2.844  -17.403 1.00 15.10 ?  46  LEU A C   1 
ATOM   365  O O   . LEU A 1 46  ? 8.800   -2.451  -17.785 1.00 15.58 ?  46  LEU A O   1 
ATOM   366  C CB  . LEU A 1 46  ? 11.364  -1.643  -15.756 1.00 15.47 ?  46  LEU A CB  1 
ATOM   367  C CG  . LEU A 1 46  ? 10.959  -0.265  -16.264 1.00 12.99 ?  46  LEU A CG  1 
ATOM   368  C CD1 . LEU A 1 46  ? 9.734   0.245   -15.517 1.00 14.37 ?  46  LEU A CD1 1 
ATOM   369  C CD2 . LEU A 1 46  ? 12.118  0.730   -16.153 1.00 15.34 ?  46  LEU A CD2 1 
ATOM   370  N N   . ASP A 1 47  ? 10.798  -3.371  -18.237 1.00 14.39 ?  47  ASP A N   1 
ATOM   371  C CA  . ASP A 1 47  ? 10.500  -3.485  -19.655 1.00 12.59 ?  47  ASP A CA  1 
ATOM   372  C C   . ASP A 1 47  ? 9.256   -4.331  -19.894 1.00 14.71 ?  47  ASP A C   1 
ATOM   373  O O   . ASP A 1 47  ? 8.440   -4.010  -20.766 1.00 15.23 ?  47  ASP A O   1 
ATOM   374  C CB  . ASP A 1 47  ? 11.700  -4.079  -20.385 1.00 14.53 ?  47  ASP A CB  1 
ATOM   375  C CG  . ASP A 1 47  ? 12.906  -3.171  -20.362 1.00 16.58 ?  47  ASP A CG  1 
ATOM   376  O OD1 . ASP A 1 47  ? 12.781  -1.995  -19.948 1.00 17.02 ?  47  ASP A OD1 1 
ATOM   377  O OD2 . ASP A 1 47  ? 13.991  -3.629  -20.785 1.00 22.65 -1 47  ASP A OD2 1 
ATOM   378  N N   . LYS A 1 48  ? 9.094   -5.407  -19.119 1.00 13.97 ?  48  LYS A N   1 
ATOM   379  C CA  . LYS A 1 48  ? 7.909   -6.249  -19.249 1.00 13.90 ?  48  LYS A CA  1 
ATOM   380  C C   . LYS A 1 48  ? 6.652   -5.492  -18.831 1.00 13.64 ?  48  LYS A C   1 
ATOM   381  O O   . LYS A 1 48  ? 5.588   -5.652  -19.446 1.00 12.84 ?  48  LYS A O   1 
ATOM   382  C CB  . LYS A 1 48  ? 8.100   -7.519  -18.420 1.00 12.52 ?  48  LYS A CB  1 
ATOM   383  C CG  . LYS A 1 48  ? 6.916   -8.470  -18.318 1.00 14.24 ?  48  LYS A CG  1 
ATOM   384  C CD  . LYS A 1 48  ? 7.338   -9.842  -17.767 1.00 17.01 ?  48  LYS A CD  1 
ATOM   385  C CE  . LYS A 1 48  ? 8.015   -9.776  -16.401 1.00 21.18 ?  48  LYS A CE  1 
ATOM   386  N NZ  . LYS A 1 48  ? 7.082   -9.635  -15.256 1.00 16.05 1  48  LYS A NZ  1 
ATOM   387  N N   . ALA A 1 49  ? 6.762   -4.655  -17.793 1.00 12.43 ?  49  ALA A N   1 
ATOM   388  C CA  . ALA A 1 49  ? 5.599   -3.934  -17.289 1.00 13.23 ?  49  ALA A CA  1 
ATOM   389  C C   . ALA A 1 49  ? 5.144   -2.848  -18.253 1.00 13.19 ?  49  ALA A C   1 
ATOM   390  O O   . ALA A 1 49  ? 3.941   -2.593  -18.375 1.00 12.64 ?  49  ALA A O   1 
ATOM   391  C CB  . ALA A 1 49  ? 5.927   -3.320  -15.927 1.00 13.12 ?  49  ALA A CB  1 
ATOM   392  N N   . ILE A 1 50  ? 6.085   -2.189  -18.925 1.00 11.63 ?  50  ILE A N   1 
ATOM   393  C CA  . ILE A 1 50  ? 5.763   -1.060  -19.788 1.00 12.65 ?  50  ILE A CA  1 
ATOM   394  C C   . ILE A 1 50  ? 5.533   -1.503  -21.230 1.00 14.57 ?  50  ILE A C   1 
ATOM   395  O O   . ILE A 1 50  ? 4.788   -0.848  -21.967 1.00 16.39 ?  50  ILE A O   1 
ATOM   396  C CB  . ILE A 1 50  ? 6.907   -0.028  -19.696 1.00 14.15 ?  50  ILE A CB  1 
ATOM   397  C CG1 . ILE A 1 50  ? 7.066   0.436   -18.247 1.00 14.88 ?  50  ILE A CG1 1 
ATOM   398  C CG2 . ILE A 1 50  ? 6.669   1.157   -20.637 1.00 18.30 ?  50  ILE A CG2 1 
ATOM   399  C CD1 . ILE A 1 50  ? 5.895   1.234   -17.766 1.00 19.74 ?  50  ILE A CD1 1 
ATOM   400  N N   . GLY A 1 51  ? 6.164   -2.599  -21.645 1.00 13.56 ?  51  GLY A N   1 
ATOM   401  C CA  . GLY A 1 51  ? 6.035   -3.072  -23.009 1.00 15.81 ?  51  GLY A CA  1 
ATOM   402  C C   . GLY A 1 51  ? 7.033   -2.500  -23.988 1.00 20.78 ?  51  GLY A C   1 
ATOM   403  O O   . GLY A 1 51  ? 6.793   -2.556  -25.200 1.00 22.36 ?  51  GLY A O   1 
ATOM   404  N N   . ARG A 1 52  ? 8.130   -1.929  -23.507 1.00 16.46 ?  52  ARG A N   1 
ATOM   405  C CA  . ARG A 1 52  ? 9.194   -1.436  -24.369 1.00 19.85 ?  52  ARG A CA  1 
ATOM   406  C C   . ARG A 1 52  ? 10.491  -1.504  -23.581 1.00 19.41 ?  52  ARG A C   1 
ATOM   407  O O   . ARG A 1 52  ? 10.488  -1.715  -22.366 1.00 18.06 ?  52  ARG A O   1 
ATOM   408  C CB  . ARG A 1 52  ? 8.919   -0.012  -24.853 1.00 21.55 ?  52  ARG A CB  1 
ATOM   409  C CG  . ARG A 1 52  ? 8.985   1.008   -23.728 1.00 19.25 ?  52  ARG A CG  1 
ATOM   410  C CD  . ARG A 1 52  ? 8.642   2.419   -24.178 1.00 18.56 ?  52  ARG A CD  1 
ATOM   411  N NE  . ARG A 1 52  ? 8.713   3.354   -23.053 1.00 17.78 ?  52  ARG A NE  1 
ATOM   412  C CZ  . ARG A 1 52  ? 9.832   3.919   -22.619 1.00 19.85 ?  52  ARG A CZ  1 
ATOM   413  N NH1 . ARG A 1 52  ? 10.991  3.663   -23.215 1.00 19.93 1  52  ARG A NH1 1 
ATOM   414  N NH2 . ARG A 1 52  ? 9.801   4.745   -21.579 1.00 20.36 ?  52  ARG A NH2 1 
ATOM   415  N N   . ASN A 1 53  ? 11.608  -1.322  -24.284 1.00 19.16 ?  53  ASN A N   1 
ATOM   416  C CA  . ASN A 1 53  ? 12.915  -1.269  -23.636 1.00 21.33 ?  53  ASN A CA  1 
ATOM   417  C C   . ASN A 1 53  ? 13.116  0.117   -23.038 1.00 20.32 ?  53  ASN A C   1 
ATOM   418  O O   . ASN A 1 53  ? 13.370  1.087   -23.757 1.00 20.75 ?  53  ASN A O   1 
ATOM   419  C CB  . ASN A 1 53  ? 14.018  -1.621  -24.631 1.00 23.69 ?  53  ASN A CB  1 
ATOM   420  C CG  . ASN A 1 53  ? 14.450  -3.067  -24.525 1.00 38.71 ?  53  ASN A CG  1 
ATOM   421  O OD1 . ASN A 1 53  ? 13.695  -3.978  -24.867 1.00 41.92 ?  53  ASN A OD1 1 
ATOM   422  N ND2 . ASN A 1 53  ? 15.669  -3.287  -24.041 1.00 42.22 ?  53  ASN A ND2 1 
ATOM   423  N N   . CYS A 1 54  ? 13.014  0.208   -21.710 1.00 18.26 ?  54  CYS A N   1 
ATOM   424  C CA  . CYS A 1 54  ? 13.021  1.489   -21.011 1.00 18.15 ?  54  CYS A CA  1 
ATOM   425  C C   . CYS A 1 54  ? 14.402  1.915   -20.534 1.00 15.67 ?  54  CYS A C   1 
ATOM   426  O O   . CYS A 1 54  ? 14.599  3.104   -20.258 1.00 20.19 ?  54  CYS A O   1 
ATOM   427  C CB  . CYS A 1 54  ? 12.114  1.410   -19.776 1.00 13.40 ?  54  CYS A CB  1 
ATOM   428  S SG  . CYS A 1 54  ? 10.389  1.052   -20.152 1.00 16.70 ?  54  CYS A SG  1 
ATOM   429  N N   . ASN A 1 55  ? 15.336  0.974   -20.405 1.00 18.78 ?  55  ASN A N   1 
ATOM   430  C CA  . ASN A 1 55  ? 16.652  1.236   -19.821 1.00 24.64 ?  55  ASN A CA  1 
ATOM   431  C C   . ASN A 1 55  ? 16.552  1.999   -18.502 1.00 19.62 ?  55  ASN A C   1 
ATOM   432  O O   . ASN A 1 55  ? 17.304  2.946   -18.245 1.00 24.13 ?  55  ASN A O   1 
ATOM   433  C CB  . ASN A 1 55  ? 17.588  1.926   -20.808 1.00 26.90 ?  55  ASN A CB  1 
ATOM   434  C CG  . ASN A 1 55  ? 19.049  1.747   -20.437 1.00 32.73 ?  55  ASN A CG  1 
ATOM   435  O OD1 . ASN A 1 55  ? 19.413  0.793   -19.737 1.00 35.08 ?  55  ASN A OD1 1 
ATOM   436  N ND2 . ASN A 1 55  ? 19.892  2.665   -20.895 1.00 37.79 ?  55  ASN A ND2 1 
ATOM   437  N N   . GLY A 1 56  ? 15.596  1.599   -17.667 1.00 17.29 ?  56  GLY A N   1 
ATOM   438  C CA  . GLY A 1 56  ? 15.520  2.125   -16.319 1.00 16.83 ?  56  GLY A CA  1 
ATOM   439  C C   . GLY A 1 56  ? 14.811  3.446   -16.147 1.00 18.95 ?  56  GLY A C   1 
ATOM   440  O O   . GLY A 1 56  ? 14.821  3.977   -15.033 1.00 17.80 ?  56  GLY A O   1 
ATOM   441  N N   . VAL A 1 57  ? 14.174  3.984   -17.189 1.00 15.50 ?  57  VAL A N   1 
ATOM   442  C CA  . VAL A 1 57  ? 13.536  5.296   -17.136 1.00 14.29 ?  57  VAL A CA  1 
ATOM   443  C C   . VAL A 1 57  ? 12.162  5.230   -17.802 1.00 18.20 ?  57  VAL A C   1 
ATOM   444  O O   . VAL A 1 57  ? 12.013  4.643   -18.877 1.00 17.98 ?  57  VAL A O   1 
ATOM   445  C CB  . VAL A 1 57  ? 14.406  6.363   -17.832 1.00 21.66 ?  57  VAL A CB  1 
ATOM   446  C CG1 . VAL A 1 57  ? 13.726  7.715   -17.790 1.00 26.34 ?  57  VAL A CG1 1 
ATOM   447  C CG2 . VAL A 1 57  ? 15.775  6.436   -17.191 1.00 23.41 ?  57  VAL A CG2 1 
ATOM   448  N N   . ILE A 1 58  ? 11.162  5.873   -17.190 1.00 14.87 ?  58  ILE A N   1 
ATOM   449  C CA  . ILE A 1 58  ? 9.815   5.949   -17.760 1.00 13.92 ?  58  ILE A CA  1 
ATOM   450  C C   . ILE A 1 58  ? 9.330   7.395   -17.780 1.00 16.19 ?  58  ILE A C   1 
ATOM   451  O O   . ILE A 1 58  ? 9.944   8.295   -17.202 1.00 16.53 ?  58  ILE A O   1 
ATOM   452  C CB  . ILE A 1 58  ? 8.788   5.036   -17.043 1.00 15.24 ?  58  ILE A CB  1 
ATOM   453  C CG1 . ILE A 1 58  ? 8.598   5.456   -15.573 1.00 14.85 ?  58  ILE A CG1 1 
ATOM   454  C CG2 . ILE A 1 58  ? 9.195   3.572   -17.165 1.00 16.42 ?  58  ILE A CG2 1 
ATOM   455  C CD1 . ILE A 1 58  ? 7.576   4.593   -14.835 1.00 13.98 ?  58  ILE A CD1 1 
ATOM   456  N N   . THR A 1 59  ? 8.204   7.601   -18.462 1.00 14.94 ?  59  THR A N   1 
ATOM   457  C CA  . THR A 1 59  ? 7.547   8.897   -18.501 1.00 17.12 ?  59  THR A CA  1 
ATOM   458  C C   . THR A 1 59  ? 6.525   8.999   -17.369 1.00 15.69 ?  59  THR A C   1 
ATOM   459  O O   . THR A 1 59  ? 6.168   8.011   -16.725 1.00 15.25 ?  59  THR A O   1 
ATOM   460  C CB  . THR A 1 59  ? 6.865   9.102   -19.854 1.00 18.75 ?  59  THR A CB  1 
ATOM   461  O OG1 . THR A 1 59  ? 5.764   8.189   -19.973 1.00 19.11 ?  59  THR A OG1 1 
ATOM   462  C CG2 . THR A 1 59  ? 7.860   8.863   -20.998 1.00 20.74 ?  59  THR A CG2 1 
ATOM   463  N N   . LYS A 1 60  ? 6.063   10.227  -17.115 1.00 15.90 ?  60  LYS A N   1 
ATOM   464  C CA  . LYS A 1 60  ? 5.047   10.423  -16.094 1.00 15.76 ?  60  LYS A CA  1 
ATOM   465  C C   . LYS A 1 60  ? 3.755   9.702   -16.451 1.00 17.39 ?  60  LYS A C   1 
ATOM   466  O O   . LYS A 1 60  ? 3.110   9.109   -15.582 1.00 16.27 ?  60  LYS A O   1 
ATOM   467  C CB  . LYS A 1 60  ? 4.805   11.915  -15.874 1.00 16.76 ?  60  LYS A CB  1 
ATOM   468  C CG  . LYS A 1 60  ? 3.813   12.216  -14.749 1.00 19.29 ?  60  LYS A CG  1 
ATOM   469  C CD  . LYS A 1 60  ? 3.700   13.708  -14.502 1.00 26.67 ?  60  LYS A CD  1 
ATOM   470  C CE  . LYS A 1 60  ? 2.728   14.004  -13.380 1.00 26.45 ?  60  LYS A CE  1 
ATOM   471  N NZ  . LYS A 1 60  ? 2.698   15.463  -13.090 1.00 41.74 1  60  LYS A NZ  1 
ATOM   472  N N   . ASP A 1 61  ? 3.367   9.730   -17.733 1.00 15.27 ?  61  ASP A N   1 
ATOM   473  C CA  . ASP A 1 61  ? 2.194   8.982   -18.175 1.00 16.07 ?  61  ASP A CA  1 
ATOM   474  C C   . ASP A 1 61  ? 2.341   7.497   -17.864 1.00 13.59 ?  61  ASP A C   1 
ATOM   475  O O   . ASP A 1 61  ? 1.400   6.851   -17.385 1.00 15.38 ?  61  ASP A O   1 
ATOM   476  C CB  . ASP A 1 61  ? 1.982   9.166   -19.678 1.00 17.75 ?  61  ASP A CB  1 
ATOM   477  C CG  . ASP A 1 61  ? 1.415   10.527  -20.035 1.00 25.41 ?  61  ASP A CG  1 
ATOM   478  O OD1 . ASP A 1 61  ? 1.307   11.397  -19.147 1.00 29.66 ?  61  ASP A OD1 1 
ATOM   479  O OD2 . ASP A 1 61  ? 1.087   10.728  -21.228 1.00 29.59 -1 61  ASP A OD2 1 
ATOM   480  N N   . GLU A 1 62  ? 3.512   6.926   -18.170 1.00 14.99 ?  62  GLU A N   1 
ATOM   481  C CA  . GLU A 1 62  ? 3.738   5.510   -17.883 1.00 12.74 ?  62  GLU A CA  1 
ATOM   482  C C   . GLU A 1 62  ? 3.674   5.239   -16.386 1.00 13.08 ?  62  GLU A C   1 
ATOM   483  O O   . GLU A 1 62  ? 3.091   4.239   -15.948 1.00 13.52 ?  62  GLU A O   1 
ATOM   484  C CB  . GLU A 1 62  ? 5.077   5.049   -18.469 1.00 12.98 ?  62  GLU A CB  1 
ATOM   485  C CG  . GLU A 1 62  ? 5.028   4.960   -19.998 1.00 15.91 ?  62  GLU A CG  1 
ATOM   486  C CD  . GLU A 1 62  ? 6.385   4.843   -20.678 1.00 21.32 ?  62  GLU A CD  1 
ATOM   487  O OE1 . GLU A 1 62  ? 7.438   5.101   -20.052 1.00 16.86 ?  62  GLU A OE1 1 
ATOM   488  O OE2 . GLU A 1 62  ? 6.381   4.495   -21.874 1.00 18.15 -1 62  GLU A OE2 1 
ATOM   489  N N   . ALA A 1 63  ? 4.266   6.124   -15.584 1.00 12.80 ?  63  ALA A N   1 
ATOM   490  C CA  . ALA A 1 63  ? 4.188   5.977   -14.134 1.00 14.07 ?  63  ALA A CA  1 
ATOM   491  C C   . ALA A 1 63  ? 2.739   6.000   -13.668 1.00 13.38 ?  63  ALA A C   1 
ATOM   492  O O   . ALA A 1 63  ? 2.333   5.192   -12.822 1.00 12.08 ?  63  ALA A O   1 
ATOM   493  C CB  . ALA A 1 63  ? 4.981   7.100   -13.459 1.00 14.20 ?  63  ALA A CB  1 
ATOM   494  N N   . GLU A 1 64  ? 1.935   6.896   -14.240 1.00 11.55 ?  64  GLU A N   1 
ATOM   495  C CA  . GLU A 1 64  ? 0.547   6.976   -13.818 1.00 11.20 ?  64  GLU A CA  1 
ATOM   496  C C   . GLU A 1 64  ? -0.243  5.763   -14.288 1.00 11.52 ?  64  GLU A C   1 
ATOM   497  O O   . GLU A 1 64  ? -1.170  5.321   -13.606 1.00 12.91 ?  64  GLU A O   1 
ATOM   498  C CB  . GLU A 1 64  ? -0.076  8.296   -14.292 1.00 13.48 ?  64  GLU A CB  1 
ATOM   499  C CG  . GLU A 1 64  ? 0.499   9.506   -13.552 1.00 16.04 ?  64  GLU A CG  1 
ATOM   500  C CD  . GLU A 1 64  ? 0.114   10.843  -14.164 1.00 21.31 ?  64  GLU A CD  1 
ATOM   501  O OE1 . GLU A 1 64  ? -0.343  10.881  -15.329 1.00 20.24 ?  64  GLU A OE1 1 
ATOM   502  O OE2 . GLU A 1 64  ? 0.279   11.865  -13.470 1.00 25.15 -1 64  GLU A OE2 1 
ATOM   503  N N   . LYS A 1 65  ? 0.133   5.188   -15.429 1.00 12.52 ?  65  LYS A N   1 
ATOM   504  C CA  . LYS A 1 65  ? -0.529  3.970   -15.877 1.00 12.55 ?  65  LYS A CA  1 
ATOM   505  C C   . LYS A 1 65  ? -0.268  2.810   -14.922 1.00 13.10 ?  65  LYS A C   1 
ATOM   506  O O   . LYS A 1 65  ? -1.201  2.098   -14.542 1.00 13.22 ?  65  LYS A O   1 
ATOM   507  C CB  . LYS A 1 65  ? -0.098  3.615   -17.302 1.00 14.03 ?  65  LYS A CB  1 
ATOM   508  C CG  . LYS A 1 65  ? -0.865  2.426   -17.855 1.00 15.94 ?  65  LYS A CG  1 
ATOM   509  C CD  . LYS A 1 65  ? -0.638  2.222   -19.344 1.00 18.68 ?  65  LYS A CD  1 
ATOM   510  C CE  . LYS A 1 65  ? -1.593  1.154   -19.866 1.00 25.68 ?  65  LYS A CE  1 
ATOM   511  N NZ  . LYS A 1 65  ? -1.693  1.119   -21.348 1.00 30.71 1  65  LYS A NZ  1 
ATOM   512  N N   . LEU A 1 66  ? 1.001   2.594   -14.532 1.00 11.75 ?  66  LEU A N   1 
ATOM   513  C CA  . LEU A 1 66  ? 1.283   1.539   -13.554 1.00 11.38 ?  66  LEU A CA  1 
ATOM   514  C C   . LEU A 1 66  ? 0.560   1.802   -12.239 1.00 12.36 ?  66  LEU A C   1 
ATOM   515  O O   . LEU A 1 66  ? 0.095   0.868   -11.586 1.00 12.40 ?  66  LEU A O   1 
ATOM   516  C CB  . LEU A 1 66  ? 2.785   1.415   -13.295 1.00 12.63 ?  66  LEU A CB  1 
ATOM   517  C CG  . LEU A 1 66  ? 3.721   1.020   -14.439 1.00 12.39 ?  66  LEU A CG  1 
ATOM   518  C CD1 . LEU A 1 66  ? 5.177   0.979   -13.941 1.00 17.58 ?  66  LEU A CD1 1 
ATOM   519  C CD2 . LEU A 1 66  ? 3.302   -0.310  -15.066 1.00 16.90 ?  66  LEU A CD2 1 
ATOM   520  N N   . PHE A 1 67  ? 0.464   3.069   -11.839 1.00 11.12 ?  67  PHE A N   1 
ATOM   521  C CA  . PHE A 1 67  ? -0.220  3.419   -10.593 1.00 10.98 ?  67  PHE A CA  1 
ATOM   522  C C   . PHE A 1 67  ? -1.699  3.041   -10.661 1.00 14.13 ?  67  PHE A C   1 
ATOM   523  O O   . PHE A 1 67  ? -2.238  2.414   -9.738  1.00 12.91 ?  67  PHE A O   1 
ATOM   524  C CB  . PHE A 1 67  ? -0.038  4.921   -10.369 1.00 11.82 ?  67  PHE A CB  1 
ATOM   525  C CG  . PHE A 1 67  ? -0.503  5.436   -9.016  1.00 13.23 ?  67  PHE A CG  1 
ATOM   526  C CD1 . PHE A 1 67  ? -0.404  4.672   -7.849  1.00 11.74 ?  67  PHE A CD1 1 
ATOM   527  C CD2 . PHE A 1 67  ? -1.004  6.724   -8.927  1.00 13.05 ?  67  PHE A CD2 1 
ATOM   528  C CE1 . PHE A 1 67  ? -0.823  5.203   -6.614  1.00 12.15 ?  67  PHE A CE1 1 
ATOM   529  C CE2 . PHE A 1 67  ? -1.406  7.265   -7.716  1.00 13.70 ?  67  PHE A CE2 1 
ATOM   530  C CZ  . PHE A 1 67  ? -1.320  6.496   -6.553  1.00 13.31 ?  67  PHE A CZ  1 
ATOM   531  N N   . ASN A 1 68  ? -2.369  3.393   -11.767 1.00 13.30 ?  68  ASN A N   1 
ATOM   532  C CA  . ASN A 1 68  ? -3.761  2.996   -11.948 1.00 13.97 ?  68  ASN A CA  1 
ATOM   533  C C   . ASN A 1 68  ? -3.911  1.483   -11.837 1.00 12.92 ?  68  ASN A C   1 
ATOM   534  O O   . ASN A 1 68  ? -4.823  0.984   -11.164 1.00 13.03 ?  68  ASN A O   1 
ATOM   535  C CB  . ASN A 1 68  ? -4.267  3.482   -13.312 1.00 14.35 ?  68  ASN A CB  1 
ATOM   536  C CG  . ASN A 1 68  ? -4.624  4.961   -13.331 1.00 20.96 ?  68  ASN A CG  1 
ATOM   537  O OD1 . ASN A 1 68  ? -5.079  5.509   -12.333 1.00 21.34 ?  68  ASN A OD1 1 
ATOM   538  N ND2 . ASN A 1 68  ? -4.424  5.615   -14.477 1.00 19.97 ?  68  ASN A ND2 1 
ATOM   539  N N   . GLN A 1 69  ? -3.027  0.728   -12.507 1.00 11.83 ?  69  GLN A N   1 
ATOM   540  C CA  . GLN A 1 69  ? -3.116  -0.729  -12.441 1.00 12.73 ?  69  GLN A CA  1 
ATOM   541  C C   . GLN A 1 69  ? -2.876  -1.226  -11.025 1.00 12.36 ?  69  GLN A C   1 
ATOM   542  O O   . GLN A 1 69  ? -3.543  -2.156  -10.564 1.00 13.00 ?  69  GLN A O   1 
ATOM   543  C CB  . GLN A 1 69  ? -2.106  -1.368  -13.398 1.00 12.72 ?  69  GLN A CB  1 
ATOM   544  C CG  . GLN A 1 69  ? -2.371  -1.038  -14.865 1.00 12.68 ?  69  GLN A CG  1 
ATOM   545  C CD  . GLN A 1 69  ? -1.323  -1.602  -15.795 1.00 15.41 ?  69  GLN A CD  1 
ATOM   546  O OE1 . GLN A 1 69  ? -0.221  -1.998  -15.374 1.00 17.00 ?  69  GLN A OE1 1 
ATOM   547  N NE2 . GLN A 1 69  ? -1.659  -1.645  -17.073 1.00 11.12 ?  69  GLN A NE2 1 
ATOM   548  N N   . ASP A 1 70  ? -1.911  -0.625  -10.331 1.00 13.56 ?  70  ASP A N   1 
ATOM   549  C CA  . ASP A 1 70  ? -1.537  -1.101  -9.002  1.00 13.74 ?  70  ASP A CA  1 
ATOM   550  C C   . ASP A 1 70  ? -2.635  -0.822  -7.981  1.00 13.46 ?  70  ASP A C   1 
ATOM   551  O O   . ASP A 1 70  ? -2.920  -1.674  -7.131  1.00 13.62 ?  70  ASP A O   1 
ATOM   552  C CB  . ASP A 1 70  ? -0.219  -0.446  -8.575  1.00 12.27 ?  70  ASP A CB  1 
ATOM   553  C CG  . ASP A 1 70  ? 0.988   -0.963  -9.350  1.00 14.82 ?  70  ASP A CG  1 
ATOM   554  O OD1 . ASP A 1 70  ? 0.891   -1.979  -10.060 1.00 14.22 ?  70  ASP A OD1 1 
ATOM   555  O OD2 . ASP A 1 70  ? 2.059   -0.345  -9.213  1.00 13.97 -1 70  ASP A OD2 1 
ATOM   556  N N   . VAL A 1 71  ? -3.273  0.351   -8.064  1.00 11.92 ?  71  VAL A N   1 
ATOM   557  C CA  . VAL A 1 71  ? -4.395  0.653   -7.168  1.00 11.34 ?  71  VAL A CA  1 
ATOM   558  C C   . VAL A 1 71  ? -5.544  -0.315  -7.414  1.00 14.22 ?  71  VAL A C   1 
ATOM   559  O O   . VAL A 1 71  ? -6.119  -0.880  -6.472  1.00 14.09 ?  71  VAL A O   1 
ATOM   560  C CB  . VAL A 1 71  ? -4.841  2.119   -7.321  1.00 16.56 ?  71  VAL A CB  1 
ATOM   561  C CG1 . VAL A 1 71  ? -6.150  2.367   -6.559  1.00 13.97 ?  71  VAL A CG1 1 
ATOM   562  C CG2 . VAL A 1 71  ? -3.745  3.083   -6.845  1.00 14.98 ?  71  VAL A CG2 1 
ATOM   563  N N   . ASP A 1 72  ? -5.898  -0.511  -8.690  1.00 13.30 ?  72  ASP A N   1 
ATOM   564  C CA  . ASP A 1 72  ? -6.991  -1.415  -9.045  1.00 12.80 ?  72  ASP A CA  1 
ATOM   565  C C   . ASP A 1 72  ? -6.720  -2.819  -8.514  1.00 15.25 ?  72  ASP A C   1 
ATOM   566  O O   . ASP A 1 72  ? -7.581  -3.435  -7.872  1.00 15.68 ?  72  ASP A O   1 
ATOM   567  C CB  . ASP A 1 72  ? -7.154  -1.395  -10.575 1.00 14.27 ?  72  ASP A CB  1 
ATOM   568  C CG  . ASP A 1 72  ? -8.362  -2.170  -11.079 1.00 21.51 ?  72  ASP A CG  1 
ATOM   569  O OD1 . ASP A 1 72  ? -9.210  -2.601  -10.282 1.00 24.48 ?  72  ASP A OD1 1 
ATOM   570  O OD2 . ASP A 1 72  ? -8.462  -2.331  -12.312 1.00 29.73 -1 72  ASP A OD2 1 
ATOM   571  N N   . ALA A 1 73  ? -5.499  -3.322  -8.734  1.00 14.92 ?  73  ALA A N   1 
ATOM   572  C CA  . ALA A 1 73  ? -5.128  -4.649  -8.258  1.00 16.41 ?  73  ALA A CA  1 
ATOM   573  C C   . ALA A 1 73  ? -5.159  -4.732  -6.735  1.00 16.87 ?  73  ALA A C   1 
ATOM   574  O O   . ALA A 1 73  ? -5.528  -5.773  -6.172  1.00 17.82 ?  73  ALA A O   1 
ATOM   575  C CB  . ALA A 1 73  ? -3.737  -5.015  -8.781  1.00 21.89 ?  73  ALA A CB  1 
ATOM   576  N N   . ALA A 1 74  ? -4.780  -3.648  -6.050  1.00 14.45 ?  74  ALA A N   1 
ATOM   577  C CA  . ALA A 1 74  ? -4.804  -3.654  -4.590  1.00 15.05 ?  74  ALA A CA  1 
ATOM   578  C C   . ALA A 1 74  ? -6.230  -3.797  -4.069  1.00 16.26 ?  74  ALA A C   1 
ATOM   579  O O   . ALA A 1 74  ? -6.501  -4.624  -3.196  1.00 15.90 ?  74  ALA A O   1 
ATOM   580  C CB  . ALA A 1 74  ? -4.137  -2.398  -4.022  1.00 16.11 ?  74  ALA A CB  1 
ATOM   581  N N   . VAL A 1 75  ? -7.165  -3.015  -4.604  1.00 13.49 ?  75  VAL A N   1 
ATOM   582  C CA  . VAL A 1 75  ? -8.519  -3.110  -4.073  1.00 15.69 ?  75  VAL A CA  1 
ATOM   583  C C   . VAL A 1 75  ? -9.181  -4.416  -4.500  1.00 17.08 ?  75  VAL A C   1 
ATOM   584  O O   . VAL A 1 75  ? -9.890  -5.047  -3.709  1.00 17.29 ?  75  VAL A O   1 
ATOM   585  C CB  . VAL A 1 75  ? -9.357  -1.861  -4.394  1.00 21.38 ?  75  VAL A CB  1 
ATOM   586  C CG1 . VAL A 1 75  ? -9.483  -1.669  -5.865  1.00 20.89 ?  75  VAL A CG1 1 
ATOM   587  C CG2 . VAL A 1 75  ? -10.755 -1.984  -3.757  1.00 20.86 ?  75  VAL A CG2 1 
ATOM   588  N N   . ARG A 1 76  ? -8.940  -4.869  -5.734  1.00 17.57 ?  76  ARG A N   1 
ATOM   589  C CA  . ARG A 1 76  ? -9.526  -6.147  -6.142  1.00 15.89 ?  76  ARG A CA  1 
ATOM   590  C C   . ARG A 1 76  ? -8.980  -7.295  -5.301  1.00 18.75 ?  76  ARG A C   1 
ATOM   591  O O   . ARG A 1 76  ? -9.717  -8.222  -4.951  1.00 18.07 ?  76  ARG A O   1 
ATOM   592  C CB  . ARG A 1 76  ? -9.296  -6.406  -7.632  1.00 18.07 ?  76  ARG A CB  1 
ATOM   593  C CG  . ARG A 1 76  ? -10.224 -7.456  -8.225  1.00 22.35 ?  76  ARG A CG  1 
ATOM   594  C CD  . ARG A 1 76  ? -11.681 -7.018  -8.205  1.00 20.65 ?  76  ARG A CD  1 
ATOM   595  N NE  . ARG A 1 76  ? -12.537 -7.986  -8.884  1.00 23.23 ?  76  ARG A NE  1 
ATOM   596  C CZ  . ARG A 1 76  ? -12.840 -7.938  -10.181 1.00 20.07 ?  76  ARG A CZ  1 
ATOM   597  N NH1 . ARG A 1 76  ? -12.361 -6.947  -10.933 1.00 21.40 1  76  ARG A NH1 1 
ATOM   598  N NH2 . ARG A 1 76  ? -13.618 -8.877  -10.714 1.00 21.32 ?  76  ARG A NH2 1 
ATOM   599  N N   . GLY A 1 77  ? -7.698  -7.234  -4.940  1.00 14.44 ?  77  GLY A N   1 
ATOM   600  C CA  . GLY A 1 77  ? -7.146  -8.235  -4.038  1.00 16.09 ?  77  GLY A CA  1 
ATOM   601  C C   . GLY A 1 77  ? -7.827  -8.253  -2.681  1.00 17.84 ?  77  GLY A C   1 
ATOM   602  O O   . GLY A 1 77  ? -8.075  -9.322  -2.116  1.00 19.27 ?  77  GLY A O   1 
ATOM   603  N N   . ILE A 1 78  ? -8.133  -7.072  -2.135  1.00 15.69 ?  78  ILE A N   1 
ATOM   604  C CA  . ILE A 1 78  ? -8.909  -7.012  -0.896  1.00 13.02 ?  78  ILE A CA  1 
ATOM   605  C C   . ILE A 1 78  ? -10.240 -7.733  -1.066  1.00 15.42 ?  78  ILE A C   1 
ATOM   606  O O   . ILE A 1 78  ? -10.634 -8.553  -0.228  1.00 15.27 ?  78  ILE A O   1 
ATOM   607  C CB  . ILE A 1 78  ? -9.111  -5.555  -0.446  1.00 11.62 ?  78  ILE A CB  1 
ATOM   608  C CG1 . ILE A 1 78  ? -7.790  -4.947  0.028   1.00 15.77 ?  78  ILE A CG1 1 
ATOM   609  C CG2 . ILE A 1 78  ? -10.146 -5.497  0.672   1.00 12.76 ?  78  ILE A CG2 1 
ATOM   610  C CD1 . ILE A 1 78  ? -7.861  -3.441  0.227   1.00 15.23 ?  78  ILE A CD1 1 
ATOM   611  N N   . LEU A 1 79  ? -10.956 -7.438  -2.152  1.00 14.06 ?  79  LEU A N   1 
ATOM   612  C CA  . LEU A 1 79  ? -12.269 -8.049  -2.346  1.00 17.50 ?  79  LEU A CA  1 
ATOM   613  C C   . LEU A 1 79  ? -12.181 -9.561  -2.528  1.00 18.92 ?  79  LEU A C   1 
ATOM   614  O O   . LEU A 1 79  ? -13.131 -10.274 -2.188  1.00 18.24 ?  79  LEU A O   1 
ATOM   615  C CB  . LEU A 1 79  ? -13.013 -7.382  -3.510  1.00 19.05 ?  79  LEU A CB  1 
ATOM   616  C CG  . LEU A 1 79  ? -13.288 -5.868  -3.382  1.00 15.77 ?  79  LEU A CG  1 
ATOM   617  C CD1 . LEU A 1 79  ? -14.147 -5.322  -4.533  1.00 21.15 ?  79  LEU A CD1 1 
ATOM   618  C CD2 . LEU A 1 79  ? -13.918 -5.497  -2.039  1.00 19.22 ?  79  LEU A CD2 1 
ATOM   619  N N   A ARG A 1 80  ? -11.067 -10.069 -3.058  0.45 16.89 ?  80  ARG A N   1 
ATOM   620  N N   B ARG A 1 80  ? -11.061 -10.061 -3.054  0.55 16.86 ?  80  ARG A N   1 
ATOM   621  C CA  A ARG A 1 80  ? -10.925 -11.510 -3.233  0.45 18.48 ?  80  ARG A CA  1 
ATOM   622  C CA  B ARG A 1 80  ? -10.850 -11.489 -3.265  0.55 18.50 ?  80  ARG A CA  1 
ATOM   623  C C   A ARG A 1 80  ? -10.449 -12.227 -1.975  0.45 20.05 ?  80  ARG A C   1 
ATOM   624  C C   B ARG A 1 80  ? -10.214 -12.194 -2.071  0.55 19.89 ?  80  ARG A C   1 
ATOM   625  O O   A ARG A 1 80  ? -10.511 -13.461 -1.927  0.45 17.86 ?  80  ARG A O   1 
ATOM   626  O O   B ARG A 1 80  ? -9.911  -13.390 -2.166  0.55 22.49 ?  80  ARG A O   1 
ATOM   627  C CB  A ARG A 1 80  ? -9.982  -11.817 -4.403  0.45 19.20 ?  80  ARG A CB  1 
ATOM   628  C CB  B ARG A 1 80  ? -9.987  -11.719 -4.513  0.55 19.09 ?  80  ARG A CB  1 
ATOM   629  C CG  A ARG A 1 80  ? -10.483 -11.291 -5.738  0.45 25.18 ?  80  ARG A CG  1 
ATOM   630  C CG  B ARG A 1 80  ? -10.714 -11.473 -5.828  0.55 25.19 ?  80  ARG A CG  1 
ATOM   631  C CD  A ARG A 1 80  ? -9.678  -11.840 -6.908  0.45 25.16 ?  80  ARG A CD  1 
ATOM   632  C CD  B ARG A 1 80  ? -9.730  -11.333 -6.985  0.55 24.53 ?  80  ARG A CD  1 
ATOM   633  N NE  A ARG A 1 80  ? -10.152 -11.300 -8.180  0.45 27.94 ?  80  ARG A NE  1 
ATOM   634  N NE  B ARG A 1 80  ? -10.406 -11.104 -8.259  0.55 27.53 ?  80  ARG A NE  1 
ATOM   635  C CZ  A ARG A 1 80  ? -11.283 -11.671 -8.774  0.45 30.06 ?  80  ARG A CZ  1 
ATOM   636  C CZ  B ARG A 1 80  ? -9.816  -10.578 -9.327  0.55 24.86 ?  80  ARG A CZ  1 
ATOM   637  N NH1 A ARG A 1 80  ? -12.061 -12.583 -8.207  0.45 27.29 1  80  ARG A NH1 1 
ATOM   638  N NH1 B ARG A 1 80  ? -8.545  -10.209 -9.262  0.55 25.32 1  80  ARG A NH1 1 
ATOM   639  N NH2 A ARG A 1 80  ? -11.638 -11.129 -9.932  0.45 26.33 ?  80  ARG A NH2 1 
ATOM   640  N NH2 B ARG A 1 80  ? -10.496 -10.402 -10.452 0.55 28.96 ?  80  ARG A NH2 1 
ATOM   641  N N   . ASN A 1 81  ? -9.996  -11.493 -0.962  1.00 18.52 ?  81  ASN A N   1 
ATOM   642  C CA  . ASN A 1 81  ? -9.437  -12.086 0.247   1.00 16.24 ?  81  ASN A CA  1 
ATOM   643  C C   . ASN A 1 81  ? -10.556 -12.274 1.267   1.00 15.99 ?  81  ASN A C   1 
ATOM   644  O O   . ASN A 1 81  ? -11.187 -11.299 1.696   1.00 18.43 ?  81  ASN A O   1 
ATOM   645  C CB  . ASN A 1 81  ? -8.338  -11.179 0.797   1.00 16.17 ?  81  ASN A CB  1 
ATOM   646  C CG  . ASN A 1 81  ? -7.592  -11.804 1.957   1.00 20.97 ?  81  ASN A CG  1 
ATOM   647  O OD1 . ASN A 1 81  ? -8.156  -12.010 3.028   1.00 23.32 ?  81  ASN A OD1 1 
ATOM   648  N ND2 . ASN A 1 81  ? -6.310  -12.098 1.754   1.00 21.91 ?  81  ASN A ND2 1 
ATOM   649  N N   . ALA A 1 82  ? -10.800 -13.524 1.660   1.00 21.05 ?  82  ALA A N   1 
ATOM   650  C CA  . ALA A 1 82  ? -11.937 -13.815 2.531   1.00 22.44 ?  82  ALA A CA  1 
ATOM   651  C C   . ALA A 1 82  ? -11.825 -13.155 3.902   1.00 16.90 ?  82  ALA A C   1 
ATOM   652  O O   . ALA A 1 82  ? -12.852 -12.916 4.550   1.00 21.42 ?  82  ALA A O   1 
ATOM   653  C CB  . ALA A 1 82  ? -12.131 -15.327 2.679   1.00 25.86 ?  82  ALA A CB  1 
ATOM   654  N N   . LYS A 1 83  ? -10.608 -12.858 4.364   1.00 17.57 ?  83  LYS A N   1 
ATOM   655  C CA  . LYS A 1 83  ? -10.428 -12.204 5.653   1.00 18.99 ?  83  LYS A CA  1 
ATOM   656  C C   . LYS A 1 83  ? -10.573 -10.695 5.554   1.00 19.09 ?  83  LYS A C   1 
ATOM   657  O O   . LYS A 1 83  ? -11.088 -10.066 6.482   1.00 22.42 ?  83  LYS A O   1 
ATOM   658  C CB  . LYS A 1 83  ? -9.063  -12.566 6.243   1.00 20.37 ?  83  LYS A CB  1 
ATOM   659  C CG  . LYS A 1 83  ? -8.952  -14.030 6.657   1.00 32.33 ?  83  LYS A CG  1 
ATOM   660  C CD  . LYS A 1 83  ? -10.046 -14.393 7.655   1.00 38.12 ?  83  LYS A CD  1 
ATOM   661  C CE  . LYS A 1 83  ? -10.187 -15.902 7.817   1.00 47.31 ?  83  LYS A CE  1 
ATOM   662  N NZ  . LYS A 1 83  ? -11.216 -16.254 8.840   1.00 49.36 1  83  LYS A NZ  1 
ATOM   663  N N   . LEU A 1 84  ? -10.149 -10.103 4.438   1.00 14.22 ?  84  LEU A N   1 
ATOM   664  C CA  . LEU A 1 84  ? -10.131 -8.653  4.294   1.00 15.25 ?  84  LEU A CA  1 
ATOM   665  C C   . LEU A 1 84  ? -11.455 -8.092  3.795   1.00 14.48 ?  84  LEU A C   1 
ATOM   666  O O   . LEU A 1 84  ? -11.866 -7.012  4.227   1.00 14.00 ?  84  LEU A O   1 
ATOM   667  C CB  . LEU A 1 84  ? -8.993  -8.220  3.362   1.00 14.79 ?  84  LEU A CB  1 
ATOM   668  C CG  . LEU A 1 84  ? -7.564  -8.577  3.789   1.00 13.99 ?  84  LEU A CG  1 
ATOM   669  C CD1 . LEU A 1 84  ? -6.571  -8.094  2.730   1.00 15.91 ?  84  LEU A CD1 1 
ATOM   670  C CD2 . LEU A 1 84  ? -7.243  -7.963  5.131   1.00 17.02 ?  84  LEU A CD2 1 
ATOM   671  N N   . LYS A 1 85  ? -12.131 -8.808  2.898   1.00 14.06 ?  85  LYS A N   1 
ATOM   672  C CA  . LYS A 1 85  ? -13.364 -8.291  2.302   1.00 14.36 ?  85  LYS A CA  1 
ATOM   673  C C   . LYS A 1 85  ? -14.427 -7.881  3.318   1.00 13.10 ?  85  LYS A C   1 
ATOM   674  O O   . LYS A 1 85  ? -14.948 -6.761  3.202   1.00 13.54 ?  85  LYS A O   1 
ATOM   675  C CB  . LYS A 1 85  ? -13.911 -9.260  1.244   1.00 14.71 ?  85  LYS A CB  1 
ATOM   676  C CG  . LYS A 1 85  ? -15.153 -8.749  0.553   1.00 17.87 ?  85  LYS A CG  1 
ATOM   677  C CD  . LYS A 1 85  ? -15.751 -9.802  -0.348  1.00 20.09 ?  85  LYS A CD  1 
ATOM   678  C CE  . LYS A 1 85  ? -16.946 -9.258  -1.106  1.00 19.82 ?  85  LYS A CE  1 
ATOM   679  N NZ  . LYS A 1 85  ? -17.553 -10.316 -1.963  1.00 28.40 1  85  LYS A NZ  1 
ATOM   680  N N   . PRO A 1 86  ? -14.799 -8.703  4.310   1.00 15.08 ?  86  PRO A N   1 
ATOM   681  C CA  . PRO A 1 86  ? -15.832 -8.257  5.260   1.00 15.76 ?  86  PRO A CA  1 
ATOM   682  C C   . PRO A 1 86  ? -15.419 -7.039  6.058   1.00 12.58 ?  86  PRO A C   1 
ATOM   683  O O   . PRO A 1 86  ? -16.266 -6.193  6.357   1.00 13.18 ?  86  PRO A O   1 
ATOM   684  C CB  . PRO A 1 86  ? -16.054 -9.482  6.160   1.00 15.71 ?  86  PRO A CB  1 
ATOM   685  C CG  . PRO A 1 86  ? -14.838 -10.350 5.950   1.00 20.95 ?  86  PRO A CG  1 
ATOM   686  C CD  . PRO A 1 86  ? -14.423 -10.112 4.539   1.00 16.10 ?  86  PRO A CD  1 
ATOM   687  N N   . VAL A 1 87  ? -14.136 -6.902  6.390   1.00 11.62 ?  87  VAL A N   1 
ATOM   688  C CA  . VAL A 1 87  ? -13.683 -5.720  7.114   1.00 12.58 ?  87  VAL A CA  1 
ATOM   689  C C   . VAL A 1 87  ? -13.754 -4.492  6.213   1.00 11.29 ?  87  VAL A C   1 
ATOM   690  O O   . VAL A 1 87  ? -14.316 -3.453  6.579   1.00 11.69 ?  87  VAL A O   1 
ATOM   691  C CB  . VAL A 1 87  ? -12.270 -5.932  7.691   1.00 12.81 ?  87  VAL A CB  1 
ATOM   692  C CG1 . VAL A 1 87  ? -11.883 -4.744  8.531   1.00 12.60 ?  87  VAL A CG1 1 
ATOM   693  C CG2 . VAL A 1 87  ? -12.218 -7.190  8.541   1.00 14.29 ?  87  VAL A CG2 1 
ATOM   694  N N   . TYR A 1 88  ? -13.234 -4.619  4.995   1.00 12.21 ?  88  TYR A N   1 
ATOM   695  C CA  . TYR A 1 88  ? -13.301 -3.527  4.034   1.00 11.92 ?  88  TYR A CA  1 
ATOM   696  C C   . TYR A 1 88  ? -14.733 -3.079  3.790   1.00 11.50 ?  88  TYR A C   1 
ATOM   697  O O   . TYR A 1 88  ? -15.029 -1.878  3.792   1.00 12.01 ?  88  TYR A O   1 
ATOM   698  C CB  . TYR A 1 88  ? -12.665 -3.992  2.733   1.00 10.87 ?  88  TYR A CB  1 
ATOM   699  C CG  . TYR A 1 88  ? -12.579 -2.929  1.669   1.00 12.61 ?  88  TYR A CG  1 
ATOM   700  C CD1 . TYR A 1 88  ? -11.528 -2.006  1.657   1.00 11.93 ?  88  TYR A CD1 1 
ATOM   701  C CD2 . TYR A 1 88  ? -13.526 -2.854  0.651   1.00 12.72 ?  88  TYR A CD2 1 
ATOM   702  C CE1 . TYR A 1 88  ? -11.432 -1.035  0.664   1.00 12.18 ?  88  TYR A CE1 1 
ATOM   703  C CE2 . TYR A 1 88  ? -13.437 -1.885  -0.346  1.00 15.51 ?  88  TYR A CE2 1 
ATOM   704  C CZ  . TYR A 1 88  ? -12.381 -0.979  -0.332  1.00 13.69 ?  88  TYR A CZ  1 
ATOM   705  O OH  . TYR A 1 88  ? -12.289 -0.013  -1.316  1.00 17.40 ?  88  TYR A OH  1 
ATOM   706  N N   . ASP A 1 89  ? -15.632 -4.033  3.532   1.00 10.85 ?  89  ASP A N   1 
ATOM   707  C CA  . ASP A 1 89  ? -17.010 -3.655  3.237   1.00 11.99 ?  89  ASP A CA  1 
ATOM   708  C C   . ASP A 1 89  ? -17.698 -3.014  4.432   1.00 12.39 ?  89  ASP A C   1 
ATOM   709  O O   . ASP A 1 89  ? -18.648 -2.249  4.252   1.00 14.16 ?  89  ASP A O   1 
ATOM   710  C CB  . ASP A 1 89  ? -17.800 -4.855  2.705   1.00 14.68 ?  89  ASP A CB  1 
ATOM   711  C CG  . ASP A 1 89  ? -17.478 -5.165  1.243   1.00 17.34 ?  89  ASP A CG  1 
ATOM   712  O OD1 . ASP A 1 89  ? -16.864 -4.309  0.562   1.00 19.57 ?  89  ASP A OD1 1 
ATOM   713  O OD2 . ASP A 1 89  ? -17.849 -6.264  0.778   1.00 22.17 -1 89  ASP A OD2 1 
ATOM   714  N N   . SER A 1 90  ? -17.213 -3.258  5.645   1.00 11.60 ?  90  SER A N   1 
ATOM   715  C CA  . SER A 1 90  ? -17.793 -2.604  6.814   1.00 12.24 ?  90  SER A CA  1 
ATOM   716  C C   . SER A 1 90  ? -17.385 -1.139  6.958   1.00 11.80 ?  90  SER A C   1 
ATOM   717  O O   . SER A 1 90  ? -18.034 -0.398  7.704   1.00 12.10 ?  90  SER A O   1 
ATOM   718  C CB  . SER A 1 90  ? -17.411 -3.359  8.090   1.00 13.60 ?  90  SER A CB  1 
ATOM   719  O OG  . SER A 1 90  ? -16.078 -3.058  8.510   1.00 11.18 ?  90  SER A OG  1 
ATOM   720  N N   . LEU A 1 91  ? -16.337 -0.706  6.267   1.00 12.58 ?  91  LEU A N   1 
ATOM   721  C CA  . LEU A 1 91  ? -15.776 0.630   6.418   1.00 11.20 ?  91  LEU A CA  1 
ATOM   722  C C   . LEU A 1 91  ? -16.496 1.661   5.554   1.00 14.09 ?  91  LEU A C   1 
ATOM   723  O O   . LEU A 1 91  ? -17.054 1.344   4.495   1.00 13.99 ?  91  LEU A O   1 
ATOM   724  C CB  . LEU A 1 91  ? -14.292 0.609   6.032   1.00 12.40 ?  91  LEU A CB  1 
ATOM   725  C CG  . LEU A 1 91  ? -13.338 -0.265  6.855   1.00 11.55 ?  91  LEU A CG  1 
ATOM   726  C CD1 . LEU A 1 91  ? -11.943 -0.249  6.234   1.00 12.71 ?  91  LEU A CD1 1 
ATOM   727  C CD2 . LEU A 1 91  ? -13.286 0.196   8.297   1.00 14.89 ?  91  LEU A CD2 1 
ATOM   728  N N   . ASP A 1 92  ? -16.456 2.907   6.014   1.00 13.16 ?  92  ASP A N   1 
ATOM   729  C CA  . ASP A 1 92  ? -16.819 4.065   5.213   1.00 12.02 ?  92  ASP A CA  1 
ATOM   730  C C   . ASP A 1 92  ? -15.739 4.348   4.165   1.00 15.37 ?  92  ASP A C   1 
ATOM   731  O O   . ASP A 1 92  ? -14.640 3.779   4.188   1.00 13.24 ?  92  ASP A O   1 
ATOM   732  C CB  . ASP A 1 92  ? -16.919 5.279   6.122   1.00 14.79 ?  92  ASP A CB  1 
ATOM   733  C CG  . ASP A 1 92  ? -15.626 5.525   6.871   1.00 13.82 ?  92  ASP A CG  1 
ATOM   734  O OD1 . ASP A 1 92  ? -15.440 4.883   7.928   1.00 13.36 ?  92  ASP A OD1 1 
ATOM   735  O OD2 . ASP A 1 92  ? -14.791 6.317   6.371   1.00 16.07 -1 92  ASP A OD2 1 
ATOM   736  N N   . ALA A 1 93  ? -16.055 5.277   3.253   1.00 14.88 ?  93  ALA A N   1 
ATOM   737  C CA  . ALA A 1 93  ? -15.206 5.513   2.080   1.00 16.23 ?  93  ALA A CA  1 
ATOM   738  C C   . ALA A 1 93  ? -13.802 5.991   2.454   1.00 13.07 ?  93  ALA A C   1 
ATOM   739  O O   . ALA A 1 93  ? -12.819 5.603   1.811   1.00 16.94 ?  93  ALA A O   1 
ATOM   740  C CB  . ALA A 1 93  ? -15.871 6.516   1.136   1.00 21.45 ?  93  ALA A CB  1 
ATOM   741  N N   . VAL A 1 94  ? -13.683 6.858   3.455   1.00 12.73 ?  94  VAL A N   1 
ATOM   742  C CA  . VAL A 1 94  ? -12.366 7.388   3.798   1.00 13.15 ?  94  VAL A CA  1 
ATOM   743  C C   . VAL A 1 94  ? -11.496 6.294   4.404   1.00 11.26 ?  94  VAL A C   1 
ATOM   744  O O   . VAL A 1 94  ? -10.323 6.127   4.037   1.00 12.57 ?  94  VAL A O   1 
ATOM   745  C CB  . VAL A 1 94  ? -12.497 8.610   4.723   1.00 13.66 ?  94  VAL A CB  1 
ATOM   746  C CG1 . VAL A 1 94  ? -11.112 9.064   5.194   1.00 14.77 ?  94  VAL A CG1 1 
ATOM   747  C CG2 . VAL A 1 94  ? -13.213 9.755   3.993   1.00 17.37 ?  94  VAL A CG2 1 
ATOM   748  N N   . ARG A 1 95  ? -12.051 5.525   5.342   1.00 11.16 ?  95  ARG A N   1 
ATOM   749  C CA  . ARG A 1 95  ? -11.280 4.434   5.932   1.00 13.21 ?  95  ARG A CA  1 
ATOM   750  C C   . ARG A 1 95  ? -10.954 3.350   4.909   1.00 12.09 ?  95  ARG A C   1 
ATOM   751  O O   . ARG A 1 95  ? -9.913  2.697   5.020   1.00 10.51 ?  95  ARG A O   1 
ATOM   752  C CB  . ARG A 1 95  ? -12.009 3.877   7.152   1.00 11.80 ?  95  ARG A CB  1 
ATOM   753  C CG  . ARG A 1 95  ? -12.147 4.900   8.269   1.00 11.69 ?  95  ARG A CG  1 
ATOM   754  C CD  . ARG A 1 95  ? -12.684 4.251   9.518   1.00 14.05 ?  95  ARG A CD  1 
ATOM   755  N NE  . ARG A 1 95  ? -12.616 5.110   10.703  1.00 11.94 ?  95  ARG A NE  1 
ATOM   756  C CZ  . ARG A 1 95  ? -13.581 5.951   11.081  1.00 13.78 ?  95  ARG A CZ  1 
ATOM   757  N NH1 . ARG A 1 95  ? -14.684 6.075   10.346  1.00 13.00 1  95  ARG A NH1 1 
ATOM   758  N NH2 . ARG A 1 95  ? -13.433 6.669   12.195  1.00 12.48 ?  95  ARG A NH2 1 
ATOM   759  N N   . ARG A 1 96  ? -11.806 3.149   3.896   1.00 11.40 ?  96  ARG A N   1 
ATOM   760  C CA  . ARG A 1 96  ? -11.454 2.224   2.822   1.00 15.07 ?  96  ARG A CA  1 
ATOM   761  C C   . ARG A 1 96  ? -10.175 2.658   2.118   1.00 11.77 ?  96  ARG A C   1 
ATOM   762  O O   . ARG A 1 96  ? -9.386  1.816   1.671   1.00 10.79 ?  96  ARG A O   1 
ATOM   763  C CB  . ARG A 1 96  ? -12.595 2.127   1.807   1.00 14.30 ?  96  ARG A CB  1 
ATOM   764  C CG  . ARG A 1 96  ? -13.738 1.284   2.285   1.00 13.61 ?  96  ARG A CG  1 
ATOM   765  C CD  . ARG A 1 96  ? -14.871 1.203   1.268   1.00 12.83 ?  96  ARG A CD  1 
ATOM   766  N NE  . ARG A 1 96  ? -15.967 0.416   1.832   1.00 15.55 ?  96  ARG A NE  1 
ATOM   767  C CZ  . ARG A 1 96  ? -17.166 0.293   1.280   1.00 15.73 ?  96  ARG A CZ  1 
ATOM   768  N NH1 . ARG A 1 96  ? -17.434 0.898   0.128   1.00 23.75 1  96  ARG A NH1 1 
ATOM   769  N NH2 . ARG A 1 96  ? -18.091 -0.450  1.876   1.00 14.88 ?  96  ARG A NH2 1 
ATOM   770  N N   . CYS A 1 97  ? -9.969  3.970   1.979   1.00 10.64 ?  97  CYS A N   1 
ATOM   771  C CA  . CYS A 1 97  ? -8.720  4.462   1.400   1.00 12.14 ?  97  CYS A CA  1 
ATOM   772  C C   . CYS A 1 97  ? -7.521  4.083   2.253   1.00 12.31 ?  97  CYS A C   1 
ATOM   773  O O   . CYS A 1 97  ? -6.481  3.672   1.728   1.00 12.52 ?  97  CYS A O   1 
ATOM   774  C CB  . CYS A 1 97  ? -8.778  5.972   1.223   1.00 10.96 ?  97  CYS A CB  1 
ATOM   775  S SG  . CYS A 1 97  ? -9.902  6.494   -0.088  1.00 14.44 ?  97  CYS A SG  1 
ATOM   776  N N   . ALA A 1 98  ? -7.649  4.198   3.577   1.00 10.93 ?  98  ALA A N   1 
ATOM   777  C CA  . ALA A 1 98  ? -6.562  3.748   4.444   1.00 10.78 ?  98  ALA A CA  1 
ATOM   778  C C   . ALA A 1 98  ? -6.265  2.264   4.245   1.00 12.46 ?  98  ALA A C   1 
ATOM   779  O O   . ALA A 1 98  ? -5.091  1.854   4.227   1.00 11.15 ?  98  ALA A O   1 
ATOM   780  C CB  . ALA A 1 98  ? -6.913  4.065   5.901   1.00 10.04 ?  98  ALA A CB  1 
ATOM   781  N N   . ALA A 1 99  ? -7.310  1.452   4.073   1.00 10.54 ?  99  ALA A N   1 
ATOM   782  C CA  . ALA A 1 99  ? -7.127  0.021   3.849   1.00 10.92 ?  99  ALA A CA  1 
ATOM   783  C C   . ALA A 1 99  ? -6.367  -0.249  2.556   1.00 12.48 ?  99  ALA A C   1 
ATOM   784  O O   . ALA A 1 99  ? -5.448  -1.077  2.526   1.00 12.14 ?  99  ALA A O   1 
ATOM   785  C CB  . ALA A 1 99  ? -8.494  -0.665  3.828   1.00 11.85 ?  99  ALA A CB  1 
ATOM   786  N N   . ILE A 1 100 ? -6.757  0.429   1.465   1.00 12.29 ?  100 ILE A N   1 
ATOM   787  C CA  . ILE A 1 100 ? -6.065  0.257   0.186   1.00 11.22 ?  100 ILE A CA  1 
ATOM   788  C C   . ILE A 1 100 ? -4.610  0.663   0.317   1.00 12.52 ?  100 ILE A C   1 
ATOM   789  O O   . ILE A 1 100 ? -3.707  -0.012  -0.197  1.00 12.41 ?  100 ILE A O   1 
ATOM   790  C CB  . ILE A 1 100 ? -6.778  1.065   -0.912  1.00 11.63 ?  100 ILE A CB  1 
ATOM   791  C CG1 . ILE A 1 100 ? -8.200  0.528   -1.107  1.00 12.76 ?  100 ILE A CG1 1 
ATOM   792  C CG2 . ILE A 1 100 ? -5.997  0.996   -2.219  1.00 12.77 ?  100 ILE A CG2 1 
ATOM   793  C CD1 . ILE A 1 100 ? -9.081  1.445   -1.934  1.00 15.14 ?  100 ILE A CD1 1 
ATOM   794  N N   . ASN A 1 101 ? -4.364  1.769   1.015   1.00 11.81 ?  101 ASN A N   1 
ATOM   795  C CA  . ASN A 1 101 ? -3.008  2.264   1.209   1.00 10.91 ?  101 ASN A CA  1 
ATOM   796  C C   . ASN A 1 101 ? -2.141  1.210   1.888   1.00 11.32 ?  101 ASN A C   1 
ATOM   797  O O   . ASN A 1 101 ? -1.020  0.929   1.442   1.00 12.08 ?  101 ASN A O   1 
ATOM   798  C CB  . ASN A 1 101 ? -3.079  3.557   2.036   1.00 11.73 ?  101 ASN A CB  1 
ATOM   799  C CG  . ASN A 1 101 ? -1.767  4.318   2.069   1.00 11.53 ?  101 ASN A CG  1 
ATOM   800  O OD1 . ASN A 1 101 ? -0.723  3.760   2.402   1.00 12.96 ?  101 ASN A OD1 1 
ATOM   801  N ND2 . ASN A 1 101 ? -1.816  5.603   1.733   1.00 11.55 ?  101 ASN A ND2 1 
ATOM   802  N N   A GLN A 1 102 ? -2.643  0.622   2.982   0.55 10.96 ?  102 GLN A N   1 
ATOM   803  N N   B GLN A 1 102 ? -2.657  0.589   2.957   0.45 10.98 ?  102 GLN A N   1 
ATOM   804  C CA  A GLN A 1 102 ? -1.919  -0.438  3.674   0.55 13.45 ?  102 GLN A CA  1 
ATOM   805  C CA  B GLN A 1 102 ? -1.893  -0.423  3.680   0.45 13.44 ?  102 GLN A CA  1 
ATOM   806  C C   A GLN A 1 102 ? -1.582  -1.581  2.735   0.55 15.23 ?  102 GLN A C   1 
ATOM   807  C C   B GLN A 1 102 ? -1.606  -1.642  2.806   0.45 15.20 ?  102 GLN A C   1 
ATOM   808  O O   A GLN A 1 102 ? -0.437  -2.041  2.683   0.55 13.58 ?  102 GLN A O   1 
ATOM   809  O O   B GLN A 1 102 ? -0.505  -2.199  2.852   0.45 13.68 ?  102 GLN A O   1 
ATOM   810  C CB  A GLN A 1 102 ? -2.770  -0.977  4.819   0.55 13.91 ?  102 GLN A CB  1 
ATOM   811  C CB  B GLN A 1 102 ? -2.638  -0.827  4.958   0.45 13.93 ?  102 GLN A CB  1 
ATOM   812  C CG  A GLN A 1 102 ? -2.738  -0.143  6.049   0.55 13.21 ?  102 GLN A CG  1 
ATOM   813  C CG  B GLN A 1 102 ? -1.818  -1.652  5.950   0.45 13.50 ?  102 GLN A CG  1 
ATOM   814  C CD  A GLN A 1 102 ? -3.248  -0.910  7.237   0.55 13.55 ?  102 GLN A CD  1 
ATOM   815  C CD  B GLN A 1 102 ? -2.669  -2.172  7.094   0.45 15.76 ?  102 GLN A CD  1 
ATOM   816  O OE1 A GLN A 1 102 ? -4.308  -1.520  7.172   0.55 15.15 ?  102 GLN A OE1 1 
ATOM   817  O OE1 B GLN A 1 102 ? -3.897  -2.144  7.029   0.45 14.07 ?  102 GLN A OE1 1 
ATOM   818  N NE2 A GLN A 1 102 ? -2.489  -0.901  8.324   0.55 17.64 ?  102 GLN A NE2 1 
ATOM   819  N NE2 B GLN A 1 102 ? -2.019  -2.647  8.149   0.45 16.88 ?  102 GLN A NE2 1 
ATOM   820  N N   . VAL A 1 103 ? -2.580  -2.074  1.999   1.00 13.84 ?  103 VAL A N   1 
ATOM   821  C CA  . VAL A 1 103 ? -2.356  -3.225  1.127   1.00 14.93 ?  103 VAL A CA  1 
ATOM   822  C C   . VAL A 1 103 ? -1.390  -2.864  0.015   1.00 15.48 ?  103 VAL A C   1 
ATOM   823  O O   . VAL A 1 103 ? -0.542  -3.674  -0.379  1.00 16.76 ?  103 VAL A O   1 
ATOM   824  C CB  . VAL A 1 103 ? -3.688  -3.767  0.573   1.00 14.06 ?  103 VAL A CB  1 
ATOM   825  C CG1 . VAL A 1 103 ? -3.445  -4.758  -0.546  1.00 18.38 ?  103 VAL A CG1 1 
ATOM   826  C CG2 . VAL A 1 103 ? -4.504  -4.420  1.682   1.00 17.08 ?  103 VAL A CG2 1 
ATOM   827  N N   . PHE A 1 104 ? -1.484  -1.636  -0.490  1.00 14.38 ?  104 PHE A N   1 
ATOM   828  C CA  . PHE A 1 104 ? -0.561  -1.187  -1.525  1.00 12.88 ?  104 PHE A CA  1 
ATOM   829  C C   . PHE A 1 104 ? 0.877   -1.240  -1.022  1.00 12.05 ?  104 PHE A C   1 
ATOM   830  O O   . PHE A 1 104 ? 1.777   -1.679  -1.742  1.00 14.45 ?  104 PHE A O   1 
ATOM   831  C CB  . PHE A 1 104 ? -0.967  0.229   -1.946  1.00 13.31 ?  104 PHE A CB  1 
ATOM   832  C CG  . PHE A 1 104 ? -0.216  0.786   -3.128  1.00 13.11 ?  104 PHE A CG  1 
ATOM   833  C CD1 . PHE A 1 104 ? 1.056   1.308   -2.977  1.00 14.76 ?  104 PHE A CD1 1 
ATOM   834  C CD2 . PHE A 1 104 ? -0.824  0.879   -4.372  1.00 16.19 ?  104 PHE A CD2 1 
ATOM   835  C CE1 . PHE A 1 104 ? 1.728   1.858   -4.051  1.00 16.33 ?  104 PHE A CE1 1 
ATOM   836  C CE2 . PHE A 1 104 ? -0.156  1.438   -5.454  1.00 14.37 ?  104 PHE A CE2 1 
ATOM   837  C CZ  . PHE A 1 104 ? 1.120   1.922   -5.287  1.00 16.98 ?  104 PHE A CZ  1 
ATOM   838  N N   . GLN A 1 105 ? 1.104   -0.818  0.221   1.00 11.52 ?  105 GLN A N   1 
ATOM   839  C CA  . GLN A 1 105 ? 2.460   -0.793  0.772   1.00 12.51 ?  105 GLN A CA  1 
ATOM   840  C C   . GLN A 1 105 ? 2.948   -2.181  1.183   1.00 15.17 ?  105 GLN A C   1 
ATOM   841  O O   . GLN A 1 105 ? 4.115   -2.521  0.943   1.00 16.28 ?  105 GLN A O   1 
ATOM   842  C CB  . GLN A 1 105 ? 2.522   0.129   1.991   1.00 13.09 ?  105 GLN A CB  1 
ATOM   843  C CG  . GLN A 1 105 ? 3.926   0.215   2.600   1.00 12.92 ?  105 GLN A CG  1 
ATOM   844  C CD  . GLN A 1 105 ? 3.991   1.102   3.820   1.00 13.14 ?  105 GLN A CD  1 
ATOM   845  O OE1 . GLN A 1 105 ? 2.997   1.671   4.268   1.00 12.87 ?  105 GLN A OE1 1 
ATOM   846  N NE2 . GLN A 1 105 ? 5.190   1.228   4.370   1.00 15.28 ?  105 GLN A NE2 1 
ATOM   847  N N   A MET A 1 106 ? 2.076   -3.027  1.738   0.47 15.68 ?  106 MET A N   1 
ATOM   848  N N   B MET A 1 106 ? 2.094   -2.948  1.866   0.53 15.69 ?  106 MET A N   1 
ATOM   849  C CA  A MET A 1 106 ? 2.518   -4.292  2.314   0.47 16.77 ?  106 MET A CA  1 
ATOM   850  C CA  B MET A 1 106 ? 2.501   -4.139  2.604   0.53 16.70 ?  106 MET A CA  1 
ATOM   851  C C   A MET A 1 106 ? 2.019   -5.541  1.599   0.47 17.42 ?  106 MET A C   1 
ATOM   852  C C   B MET A 1 106 ? 2.207   -5.441  1.881   0.53 17.09 ?  106 MET A C   1 
ATOM   853  O O   A MET A 1 106 ? 2.504   -6.636  1.907   0.47 18.68 ?  106 MET A O   1 
ATOM   854  O O   B MET A 1 106 ? 2.760   -6.477  2.268   0.53 18.90 ?  106 MET A O   1 
ATOM   855  C CB  A MET A 1 106 ? 2.113   -4.386  3.792   0.47 18.58 ?  106 MET A CB  1 
ATOM   856  C CB  B MET A 1 106 ? 1.775   -4.203  3.958   0.53 17.97 ?  106 MET A CB  1 
ATOM   857  C CG  A MET A 1 106 ? 2.686   -3.303  4.668   0.47 18.43 ?  106 MET A CG  1 
ATOM   858  C CG  B MET A 1 106 ? 2.156   -3.128  4.956   0.53 20.25 ?  106 MET A CG  1 
ATOM   859  S SD  A MET A 1 106 ? 2.275   -3.604  6.394   0.47 20.89 ?  106 MET A SD  1 
ATOM   860  S SD  B MET A 1 106 ? 1.412   -3.446  6.577   0.53 22.51 ?  106 MET A SD  1 
ATOM   861  C CE  A MET A 1 106 ? 0.692   -4.414  6.236   0.47 11.85 ?  106 MET A CE  1 
ATOM   862  C CE  B MET A 1 106 ? 1.911   -5.147  6.829   0.53 23.96 ?  106 MET A CE  1 
ATOM   863  N N   A GLY A 1 107 ? 1.068   -5.426  0.677   0.47 17.02 ?  107 GLY A N   1 
ATOM   864  N N   B GLY A 1 107 ? 1.338   -5.427  0.877   0.53 17.16 ?  107 GLY A N   1 
ATOM   865  C CA  A GLY A 1 107 ? 0.512   -6.646  0.119   0.47 17.08 ?  107 GLY A CA  1 
ATOM   866  C CA  B GLY A 1 107 ? 0.856   -6.665  0.303   0.53 16.89 ?  107 GLY A CA  1 
ATOM   867  C C   A GLY A 1 107 ? -0.423  -7.337  1.108   0.47 21.11 ?  107 GLY A C   1 
ATOM   868  C C   B GLY A 1 107 ? -0.317  -7.227  1.081   0.53 21.08 ?  107 GLY A C   1 
ATOM   869  O O   A GLY A 1 107 ? -0.939  -6.735  2.056   0.47 20.63 ?  107 GLY A O   1 
ATOM   870  O O   B GLY A 1 107 ? -0.393  -7.081  2.309   0.53 16.58 ?  107 GLY A O   1 
ATOM   871  N N   A GLU A 1 108 ? -0.626  -8.637  0.879   0.47 21.95 ?  108 GLU A N   1 
ATOM   872  N N   B GLU A 1 108 ? -1.233  -7.887  0.366   0.53 19.91 ?  108 GLU A N   1 
ATOM   873  C CA  A GLU A 1 108 ? -1.554  -9.439  1.671   0.47 23.33 ?  108 GLU A CA  1 
ATOM   874  C CA  B GLU A 1 108 ? -2.470  -8.364  0.975   0.53 23.51 ?  108 GLU A CA  1 
ATOM   875  C C   A GLU A 1 108 ? -0.868  -10.507 2.520   0.47 23.84 ?  108 GLU A C   1 
ATOM   876  C C   B GLU A 1 108 ? -2.222  -9.448  2.015   0.53 24.27 ?  108 GLU A C   1 
ATOM   877  O O   A GLU A 1 108 ? -1.560  -11.308 3.157   0.47 26.48 ?  108 GLU A O   1 
ATOM   878  O O   B GLU A 1 108 ? -2.988  -9.560  2.981   0.53 21.55 ?  108 GLU A O   1 
ATOM   879  C CB  A GLU A 1 108 ? -2.613  -10.090 0.769   0.47 23.95 ?  108 GLU A CB  1 
ATOM   880  C CB  B GLU A 1 108 ? -3.426  -8.861  -0.111  0.53 23.70 ?  108 GLU A CB  1 
ATOM   881  C CG  A GLU A 1 108 ? -3.668  -9.138  0.234   0.47 24.20 ?  108 GLU A CG  1 
ATOM   882  C CG  B GLU A 1 108 ? -2.733  -9.432  -1.338  0.53 30.36 ?  108 GLU A CG  1 
ATOM   883  C CD  A GLU A 1 108 ? -4.604  -9.786  -0.779  0.47 23.14 ?  108 GLU A CD  1 
ATOM   884  C CD  B GLU A 1 108 ? -3.704  -9.717  -2.467  0.53 29.33 ?  108 GLU A CD  1 
ATOM   885  O OE1 A GLU A 1 108 ? -4.963  -9.099  -1.756  0.47 26.00 ?  108 GLU A OE1 1 
ATOM   886  O OE1 B GLU A 1 108 ? -4.925  -9.686  -2.210  0.53 31.12 ?  108 GLU A OE1 1 
ATOM   887  O OE2 A GLU A 1 108 ? -4.986  -10.967 -0.606  0.47 20.64 -1 108 GLU A OE2 1 
ATOM   888  O OE2 B GLU A 1 108 ? -3.251  -9.966  -3.606  0.53 37.80 -1 108 GLU A OE2 1 
ATOM   889  N N   A THR A 1 109 ? 0.465   -10.547 2.555   0.47 21.77 ?  109 THR A N   1 
ATOM   890  N N   B THR A 1 109 ? -1.173  -10.256 1.842   0.53 24.54 ?  109 THR A N   1 
ATOM   891  C CA  A THR A 1 109 ? 1.138   -11.635 3.259   0.47 20.01 ?  109 THR A CA  1 
ATOM   892  C CA  B THR A 1 109 ? -0.896  -11.298 2.825   0.53 25.18 ?  109 THR A CA  1 
ATOM   893  C C   A THR A 1 109 ? 1.144   -11.478 4.778   0.47 21.93 ?  109 THR A C   1 
ATOM   894  C C   B THR A 1 109 ? -0.424  -10.697 4.144   0.53 24.93 ?  109 THR A C   1 
ATOM   895  O O   A THR A 1 109 ? 1.483   -12.438 5.479   0.47 30.55 ?  109 THR A O   1 
ATOM   896  O O   B THR A 1 109 ? -0.860  -11.130 5.217   0.53 23.16 ?  109 THR A O   1 
ATOM   897  C CB  A THR A 1 109 ? 2.566   -11.849 2.736   0.47 20.63 ?  109 THR A CB  1 
ATOM   898  C CB  B THR A 1 109 ? 0.122   -12.303 2.280   0.53 24.93 ?  109 THR A CB  1 
ATOM   899  O OG1 A THR A 1 109 ? 3.282   -10.608 2.742   0.47 26.03 ?  109 THR A OG1 1 
ATOM   900  O OG1 B THR A 1 109 ? 1.337   -11.622 1.942   0.53 29.77 ?  109 THR A OG1 1 
ATOM   901  C CG2 A THR A 1 109 ? 2.539   -12.411 1.320   0.47 21.65 ?  109 THR A CG2 1 
ATOM   902  C CG2 B THR A 1 109 ? -0.430  -13.013 1.048   0.53 23.18 ?  109 THR A CG2 1 
ATOM   903  N N   A GLY A 1 110 ? 0.776   -10.314 5.302   0.47 21.70 ?  110 GLY A N   1 
ATOM   904  N N   B GLY A 1 110 ? 0.463   -9.700  4.084   0.53 19.23 ?  110 GLY A N   1 
ATOM   905  C CA  A GLY A 1 110 ? 0.735   -10.086 6.731   0.47 24.30 ?  110 GLY A CA  1 
ATOM   906  C CA  B GLY A 1 110 ? 0.886   -9.028  5.302   0.53 23.71 ?  110 GLY A CA  1 
ATOM   907  C C   A GLY A 1 110 ? -0.643  -10.090 7.362   0.47 21.43 ?  110 GLY A C   1 
ATOM   908  C C   B GLY A 1 110 ? -0.272  -8.389  6.045   0.53 23.08 ?  110 GLY A C   1 
ATOM   909  O O   A GLY A 1 110 ? -0.770  -9.682  8.523   0.47 22.57 ?  110 GLY A O   1 
ATOM   910  O O   B GLY A 1 110 ? -0.369  -8.490  7.270   0.53 23.53 ?  110 GLY A O   1 
ATOM   911  N N   A VAL A 1 111 ? -1.673  -10.563 6.653   0.47 22.81 ?  111 VAL A N   1 
ATOM   912  N N   B VAL A 1 111 ? -1.177  -7.742  5.311   0.53 19.85 ?  111 VAL A N   1 
ATOM   913  C CA  A VAL A 1 111 ? -3.047  -10.454 7.145   0.47 21.86 ?  111 VAL A CA  1 
ATOM   914  C CA  B VAL A 1 111 ? -2.309  -7.068  5.945   0.53 14.47 ?  111 VAL A CA  1 
ATOM   915  C C   A VAL A 1 111 ? -3.230  -11.220 8.452   0.47 23.11 ?  111 VAL A C   1 
ATOM   916  C C   B VAL A 1 111 ? -3.275  -8.072  6.562   0.53 21.39 ?  111 VAL A C   1 
ATOM   917  O O   A VAL A 1 111 ? -3.977  -10.788 9.340   0.47 21.72 ?  111 VAL A O   1 
ATOM   918  O O   B VAL A 1 111 ? -3.773  -7.871  7.677   0.53 19.91 ?  111 VAL A O   1 
ATOM   919  C CB  A VAL A 1 111 ? -4.044  -10.899 6.058   0.47 24.49 ?  111 VAL A CB  1 
ATOM   920  C CB  B VAL A 1 111 ? -3.018  -6.147  4.938   0.53 9.06  ?  111 VAL A CB  1 
ATOM   921  C CG1 A VAL A 1 111 ? -5.468  -10.918 6.598   0.47 26.04 ?  111 VAL A CG1 1 
ATOM   922  C CG1 B VAL A 1 111 ? -4.242  -5.529  5.575   0.53 18.18 ?  111 VAL A CG1 1 
ATOM   923  C CG2 A VAL A 1 111 ? -3.948  -9.974  4.856   0.47 21.50 ?  111 VAL A CG2 1 
ATOM   924  C CG2 B VAL A 1 111 ? -2.063  -5.082  4.456   0.53 19.12 ?  111 VAL A CG2 1 
ATOM   925  N N   A ALA A 1 112 ? -2.558  -12.365 8.595   0.47 24.95 ?  112 ALA A N   1 
ATOM   926  N N   B ALA A 1 112 ? -3.577  -9.153  5.844   0.53 20.32 ?  112 ALA A N   1 
ATOM   927  C CA  A ALA A 1 112 ? -2.695  -13.139 9.825   0.47 24.97 ?  112 ALA A CA  1 
ATOM   928  C CA  B ALA A 1 112 ? -4.539  -10.125 6.351   0.53 21.27 ?  112 ALA A CA  1 
ATOM   929  C C   A ALA A 1 112 ? -2.040  -12.436 11.009  0.47 24.46 ?  112 ALA A C   1 
ATOM   930  C C   B ALA A 1 112 ? -4.063  -10.798 7.632   0.53 21.40 ?  112 ALA A C   1 
ATOM   931  O O   A ALA A 1 112 ? -2.431  -12.664 12.160  0.47 19.43 ?  112 ALA A O   1 
ATOM   932  O O   B ALA A 1 112 ? -4.889  -11.336 8.379   0.53 25.72 ?  112 ALA A O   1 
ATOM   933  C CB  A ALA A 1 112 ? -2.151  -14.555 9.626   0.47 25.33 ?  112 ALA A CB  1 
ATOM   934  C CB  B ALA A 1 112 ? -4.870  -11.162 5.276   0.53 23.46 ?  112 ALA A CB  1 
ATOM   935  N N   A GLY A 1 113 ? -1.054  -11.575 10.750  0.47 17.17 ?  113 GLY A N   1 
ATOM   936  N N   B GLY A 1 113 ? -2.757  -10.777 7.906   0.53 20.74 ?  113 GLY A N   1 
ATOM   937  C CA  A GLY A 1 113 ? -0.477  -10.782 11.821  0.47 17.77 ?  113 GLY A CA  1 
ATOM   938  C CA  B GLY A 1 113 ? -2.239  -11.264 9.174   0.53 18.63 ?  113 GLY A CA  1 
ATOM   939  C C   A GLY A 1 113 ? -1.362  -9.636  12.268  0.47 16.81 ?  113 GLY A C   1 
ATOM   940  C C   B GLY A 1 113 ? -2.444  -10.333 10.351  0.53 23.20 ?  113 GLY A C   1 
ATOM   941  O O   A GLY A 1 113 ? -1.352  -9.272  13.447  0.47 15.93 ?  113 GLY A O   1 
ATOM   942  O O   B GLY A 1 113 ? -2.144  -10.719 11.485  0.53 20.86 ?  113 GLY A O   1 
ATOM   943  N N   A PHE A 1 114 ? -2.140  -9.057  11.348  0.47 17.59 ?  114 PHE A N   1 
ATOM   944  N N   B PHE A 1 114 ? -2.945  -9.117  10.112  0.53 21.03 ?  114 PHE A N   1 
ATOM   945  C CA  A PHE A 1 114 ? -3.058  -7.964  11.653  0.47 17.79 ?  114 PHE A CA  1 
ATOM   946  C CA  B PHE A 1 114 ? -3.219  -8.153  11.181  0.53 18.31 ?  114 PHE A CA  1 
ATOM   947  C C   A PHE A 1 114 ? -4.473  -8.442  12.013  0.47 18.00 ?  114 PHE A C   1 
ATOM   948  C C   B PHE A 1 114 ? -4.544  -8.487  11.869  0.53 17.69 ?  114 PHE A C   1 
ATOM   949  O O   A PHE A 1 114 ? -5.407  -7.634  11.993  0.47 17.12 ?  114 PHE A O   1 
ATOM   950  O O   B PHE A 1 114 ? -5.441  -7.654  11.992  0.53 17.14 ?  114 PHE A O   1 
ATOM   951  C CB  A PHE A 1 114 ? -3.102  -6.952  10.499  0.47 17.94 ?  114 PHE A CB  1 
ATOM   952  C CB  B PHE A 1 114 ? -3.240  -6.737  10.620  0.53 17.73 ?  114 PHE A CB  1 
ATOM   953  C CG  A PHE A 1 114 ? -1.913  -6.018  10.450  0.47 19.05 ?  114 PHE A CG  1 
ATOM   954  C CG  B PHE A 1 114 ? -1.885  -6.103  10.509  0.53 19.09 ?  114 PHE A CG  1 
ATOM   955  C CD1 A PHE A 1 114 ? -1.918  -4.826  11.159  0.47 16.60 ?  114 PHE A CD1 1 
ATOM   956  C CD1 B PHE A 1 114 ? -0.819  -6.798  9.965   0.53 19.80 ?  114 PHE A CD1 1 
ATOM   957  C CD2 A PHE A 1 114 ? -0.797  -6.325  9.685   0.47 19.87 ?  114 PHE A CD2 1 
ATOM   958  C CD2 B PHE A 1 114 ? -1.681  -4.802  10.933  0.53 15.70 ?  114 PHE A CD2 1 
ATOM   959  C CE1 A PHE A 1 114 ? -0.831  -3.963  11.115  0.47 17.07 ?  114 PHE A CE1 1 
ATOM   960  C CE1 B PHE A 1 114 ? 0.430   -6.210  9.862   0.53 21.74 ?  114 PHE A CE1 1 
ATOM   961  C CE2 A PHE A 1 114 ? 0.292   -5.464  9.638   0.47 19.35 ?  114 PHE A CE2 1 
ATOM   962  C CE2 B PHE A 1 114 ? -0.440  -4.205  10.832  0.53 18.92 ?  114 PHE A CE2 1 
ATOM   963  C CZ  A PHE A 1 114 ? 0.277   -4.286  10.352  0.47 19.58 ?  114 PHE A CZ  1 
ATOM   964  C CZ  B PHE A 1 114 ? 0.618   -4.908  10.287  0.53 17.44 ?  114 PHE A CZ  1 
ATOM   965  N N   . THR A 1 115 ? -4.636  -9.727  12.359  1.00 18.06 ?  115 THR A N   1 
ATOM   966  C CA  . THR A 1 115 ? -5.936  -10.269 12.765  1.00 20.12 ?  115 THR A CA  1 
ATOM   967  C C   . THR A 1 115 ? -6.616  -9.427  13.840  1.00 19.30 ?  115 THR A C   1 
ATOM   968  O O   . THR A 1 115 ? -7.832  -9.190  13.779  1.00 17.96 ?  115 THR A O   1 
ATOM   969  C CB  . THR A 1 115 ? -5.758  -11.697 13.285  1.00 21.11 ?  115 THR A CB  1 
ATOM   970  O OG1 . THR A 1 115 ? -5.247  -12.528 12.236  1.00 26.22 ?  115 THR A OG1 1 
ATOM   971  C CG2 . THR A 1 115 ? -7.094  -12.247 13.785  1.00 21.13 ?  115 THR A CG2 1 
ATOM   972  N N   . ASN A 1 116 ? -5.858  -8.975  14.841  1.00 16.07 ?  116 ASN A N   1 
ATOM   973  C CA  . ASN A 1 116 ? -6.480  -8.256  15.946  1.00 15.18 ?  116 ASN A CA  1 
ATOM   974  C C   . ASN A 1 116 ? -6.871  -6.836  15.538  1.00 14.59 ?  116 ASN A C   1 
ATOM   975  O O   . ASN A 1 116 ? -7.937  -6.346  15.930  1.00 15.19 ?  116 ASN A O   1 
ATOM   976  C CB  . ASN A 1 116 ? -5.567  -8.294  17.177  1.00 16.83 ?  116 ASN A CB  1 
ATOM   977  C CG  . ASN A 1 116 ? -5.271  -9.721  17.633  1.00 22.27 ?  116 ASN A CG  1 
ATOM   978  O OD1 . ASN A 1 116 ? -6.147  -10.592 17.604  1.00 22.73 ?  116 ASN A OD1 1 
ATOM   979  N ND2 . ASN A 1 116 ? -4.025  -9.972  18.027  1.00 17.14 ?  116 ASN A ND2 1 
ATOM   980  N N   . SER A 1 117 ? -6.040  -6.179  14.723  1.00 14.37 ?  117 SER A N   1 
ATOM   981  C CA  . SER A 1 117 ? -6.370  -4.842  14.232  1.00 12.04 ?  117 SER A CA  1 
ATOM   982  C C   . SER A 1 117 ? -7.611  -4.880  13.356  1.00 15.64 ?  117 SER A C   1 
ATOM   983  O O   . SER A 1 117 ? -8.484  -4.014  13.466  1.00 14.10 ?  117 SER A O   1 
ATOM   984  C CB  . SER A 1 117 ? -5.211  -4.301  13.396  1.00 14.56 ?  117 SER A CB  1 
ATOM   985  O OG  . SER A 1 117 ? -4.042  -4.097  14.170  1.00 24.21 ?  117 SER A OG  1 
ATOM   986  N N   . LEU A 1 118 ? -7.678  -5.861  12.453  1.00 12.53 ?  118 LEU A N   1 
ATOM   987  C CA  . LEU A 1 118 ? -8.826  -6.008  11.560  1.00 13.42 ?  118 LEU A CA  1 
ATOM   988  C C   . LEU A 1 118 ? -10.121 -6.175  12.336  1.00 12.39 ?  118 LEU A C   1 
ATOM   989  O O   . LEU A 1 118 ? -11.153 -5.603  11.966  1.00 14.12 ?  118 LEU A O   1 
ATOM   990  C CB  . LEU A 1 118 ? -8.623  -7.230  10.665  1.00 14.37 ?  118 LEU A CB  1 
ATOM   991  C CG  . LEU A 1 118 ? -7.549  -7.106  9.591   1.00 16.23 ?  118 LEU A CG  1 
ATOM   992  C CD1 . LEU A 1 118 ? -7.222  -8.482  9.021   1.00 18.46 ?  118 LEU A CD1 1 
ATOM   993  C CD2 . LEU A 1 118 ? -8.017  -6.173  8.479   1.00 16.86 ?  118 LEU A CD2 1 
ATOM   994  N N   . ARG A 1 119 ? -10.097 -6.973  13.405  1.00 13.71 ?  119 ARG A N   1 
ATOM   995  C CA  . ARG A 1 119 ? -11.302 -7.168  14.204  1.00 14.89 ?  119 ARG A CA  1 
ATOM   996  C C   . ARG A 1 119 ? -11.725 -5.864  14.861  1.00 13.13 ?  119 ARG A C   1 
ATOM   997  O O   . ARG A 1 119 ? -12.908 -5.501  14.844  1.00 13.08 ?  119 ARG A O   1 
ATOM   998  C CB  . ARG A 1 119 ? -11.046 -8.253  15.256  1.00 16.14 ?  119 ARG A CB  1 
ATOM   999  C CG  . ARG A 1 119 ? -12.233 -8.513  16.166  1.00 19.44 ?  119 ARG A CG  1 
ATOM   1000 C CD  . ARG A 1 119 ? -11.884 -9.452  17.317  1.00 24.30 ?  119 ARG A CD  1 
ATOM   1001 N NE  . ARG A 1 119 ? -11.338 -10.730 16.864  1.00 42.69 ?  119 ARG A NE  1 
ATOM   1002 C CZ  . ARG A 1 119 ? -10.075 -11.122 17.026  1.00 40.77 ?  119 ARG A CZ  1 
ATOM   1003 N NH1 . ARG A 1 119 ? -9.194  -10.344 17.649  1.00 28.41 1  119 ARG A NH1 1 
ATOM   1004 N NH2 . ARG A 1 119 ? -9.694  -12.311 16.571  1.00 35.07 ?  119 ARG A NH2 1 
ATOM   1005 N N   . MET A 1 120 ? -10.768 -5.126  15.424  1.00 12.53 ?  120 MET A N   1 
ATOM   1006 C CA  . MET A 1 120 ? -11.103 -3.849  16.047  1.00 12.57 ?  120 MET A CA  1 
ATOM   1007 C C   . MET A 1 120 ? -11.683 -2.873  15.030  1.00 11.82 ?  120 MET A C   1 
ATOM   1008 O O   . MET A 1 120 ? -12.629 -2.140  15.334  1.00 12.39 ?  120 MET A O   1 
ATOM   1009 C CB  . MET A 1 120 ? -9.867  -3.251  16.727  1.00 12.44 ?  120 MET A CB  1 
ATOM   1010 C CG  . MET A 1 120 ? -9.372  -4.107  17.864  1.00 13.34 ?  120 MET A CG  1 
ATOM   1011 S SD  . MET A 1 120 ? -7.890  -3.416  18.582  1.00 15.95 ?  120 MET A SD  1 
ATOM   1012 C CE  . MET A 1 120 ? -7.305  -4.807  19.544  1.00 16.89 ?  120 MET A CE  1 
ATOM   1013 N N   . LEU A 1 121 ? -11.132 -2.859  13.815  1.00 12.95 ?  121 LEU A N   1 
ATOM   1014 C CA  . LEU A 1 121 ? -11.681 -2.023  12.751  1.00 11.90 ?  121 LEU A CA  1 
ATOM   1015 C C   . LEU A 1 121 ? -13.114 -2.426  12.415  1.00 10.09 ?  121 LEU A C   1 
ATOM   1016 O O   . LEU A 1 121 ? -13.999 -1.569  12.315  1.00 11.36 ?  121 LEU A O   1 
ATOM   1017 C CB  . LEU A 1 121 ? -10.787 -2.105  11.511  1.00 10.58 ?  121 LEU A CB  1 
ATOM   1018 C CG  . LEU A 1 121 ? -9.420  -1.413  11.632  1.00 10.71 ?  121 LEU A CG  1 
ATOM   1019 C CD1 . LEU A 1 121 ? -8.558  -1.742  10.406  1.00 14.24 ?  121 LEU A CD1 1 
ATOM   1020 C CD2 . LEU A 1 121 ? -9.558  0.099   11.782  1.00 14.03 ?  121 LEU A CD2 1 
ATOM   1021 N N   . GLN A 1 122 ? -13.359 -3.726  12.236  1.00 10.82 ?  122 GLN A N   1 
ATOM   1022 C CA  . GLN A 1 122 ? -14.723 -4.164  11.940  1.00 14.40 ?  122 GLN A CA  1 
ATOM   1023 C C   . GLN A 1 122 ? -15.671 -3.835  13.086  1.00 14.64 ?  122 GLN A C   1 
ATOM   1024 O O   . GLN A 1 122 ? -16.850 -3.530  12.856  1.00 15.24 ?  122 GLN A O   1 
ATOM   1025 C CB  . GLN A 1 122 ? -14.773 -5.653  11.598  1.00 13.01 ?  122 GLN A CB  1 
ATOM   1026 C CG  . GLN A 1 122 ? -16.119 -6.026  10.954  1.00 15.85 ?  122 GLN A CG  1 
ATOM   1027 C CD  . GLN A 1 122 ? -16.184 -7.420  10.357  1.00 20.64 ?  122 GLN A CD  1 
ATOM   1028 O OE1 . GLN A 1 122 ? -15.220 -8.187  10.391  1.00 21.74 ?  122 GLN A OE1 1 
ATOM   1029 N NE2 . GLN A 1 122 ? -17.357 -7.764  9.833   1.00 20.98 ?  122 GLN A NE2 1 
ATOM   1030 N N   . GLN A 1 123 ? -15.169 -3.856  14.321  1.00 13.48 ?  123 GLN A N   1 
ATOM   1031 C CA  . GLN A 1 123 ? -15.967 -3.496  15.484  1.00 14.77 ?  123 GLN A CA  1 
ATOM   1032 C C   . GLN A 1 123 ? -16.144 -1.995  15.631  1.00 13.78 ?  123 GLN A C   1 
ATOM   1033 O O   . GLN A 1 123 ? -16.919 -1.561  16.494  1.00 14.62 ?  123 GLN A O   1 
ATOM   1034 C CB  . GLN A 1 123 ? -15.314 -4.041  16.759  1.00 15.62 ?  123 GLN A CB  1 
ATOM   1035 C CG  . GLN A 1 123 ? -15.352 -5.546  16.898  1.00 16.29 ?  123 GLN A CG  1 
ATOM   1036 C CD  . GLN A 1 123 ? -14.486 -6.030  18.053  1.00 19.09 ?  123 GLN A CD  1 
ATOM   1037 O OE1 . GLN A 1 123 ? -13.395 -5.507  18.284  1.00 18.51 ?  123 GLN A OE1 1 
ATOM   1038 N NE2 . GLN A 1 123 ? -14.975 -7.016  18.791  1.00 28.42 ?  123 GLN A NE2 1 
ATOM   1039 N N   . LYS A 1 124 ? -15.427 -1.196  14.837  1.00 10.28 ?  124 LYS A N   1 
ATOM   1040 C CA  . LYS A 1 124 ? -15.514 0.258   14.896  1.00 11.46 ?  124 LYS A CA  1 
ATOM   1041 C C   . LYS A 1 124 ? -15.005 0.799   16.230  1.00 11.50 ?  124 LYS A C   1 
ATOM   1042 O O   . LYS A 1 124 ? -15.445 1.840   16.719  1.00 12.87 ?  124 LYS A O   1 
ATOM   1043 C CB  . LYS A 1 124 ? -16.907 0.791   14.512  1.00 12.48 ?  124 LYS A CB  1 
ATOM   1044 C CG  . LYS A 1 124 ? -17.343 0.305   13.126  1.00 13.39 ?  124 LYS A CG  1 
ATOM   1045 C CD  . LYS A 1 124 ? -18.459 1.174   12.553  1.00 16.29 ?  124 LYS A CD  1 
ATOM   1046 C CE  . LYS A 1 124 ? -18.833 0.736   11.151  1.00 14.32 ?  124 LYS A CE  1 
ATOM   1047 N NZ  . LYS A 1 124 ? -17.739 0.890   10.177  1.00 16.04 1  124 LYS A NZ  1 
ATOM   1048 N N   . ARG A 1 125 ? -14.029 0.098   16.798  1.00 12.17 ?  125 ARG A N   1 
ATOM   1049 C CA  . ARG A 1 125 ? -13.346 0.533   18.010  1.00 11.74 ?  125 ARG A CA  1 
ATOM   1050 C C   . ARG A 1 125 ? -12.093 1.276   17.554  1.00 10.39 ?  125 ARG A C   1 
ATOM   1051 O O   . ARG A 1 125 ? -10.984 0.740   17.523  1.00 12.51 ?  125 ARG A O   1 
ATOM   1052 C CB  . ARG A 1 125 ? -13.031 -0.683  18.875  1.00 12.24 ?  125 ARG A CB  1 
ATOM   1053 C CG  . ARG A 1 125 ? -14.304 -1.380  19.356  1.00 14.16 ?  125 ARG A CG  1 
ATOM   1054 C CD  . ARG A 1 125 ? -14.066 -2.576  20.228  1.00 18.43 ?  125 ARG A CD  1 
ATOM   1055 N NE  . ARG A 1 125 ? -15.350 -3.179  20.591  1.00 19.24 ?  125 ARG A NE  1 
ATOM   1056 C CZ  . ARG A 1 125 ? -15.489 -4.210  21.412  1.00 25.81 ?  125 ARG A CZ  1 
ATOM   1057 N NH1 . ARG A 1 125 ? -14.420 -4.764  21.968  1.00 25.84 1  125 ARG A NH1 1 
ATOM   1058 N NH2 . ARG A 1 125 ? -16.700 -4.684  21.681  1.00 24.38 ?  125 ARG A NH2 1 
ATOM   1059 N N   . TRP A 1 126 ? -12.298 2.525   17.130  1.00 12.90 ?  126 TRP A N   1 
ATOM   1060 C CA  . TRP A 1 126 ? -11.294 3.203   16.312  1.00 12.02 ?  126 TRP A CA  1 
ATOM   1061 C C   . TRP A 1 126 ? -10.020 3.519   17.086  1.00 13.15 ?  126 TRP A C   1 
ATOM   1062 O O   . TRP A 1 126 ? -8.920  3.367   16.549  1.00 13.32 ?  126 TRP A O   1 
ATOM   1063 C CB  . TRP A 1 126 ? -11.860 4.476   15.708  1.00 12.96 ?  126 TRP A CB  1 
ATOM   1064 C CG  . TRP A 1 126 ? -13.097 4.290   14.891  1.00 10.53 ?  126 TRP A CG  1 
ATOM   1065 C CD1 . TRP A 1 126 ? -14.281 4.943   15.062  1.00 12.16 ?  126 TRP A CD1 1 
ATOM   1066 C CD2 . TRP A 1 126 ? -13.273 3.436   13.745  1.00 10.68 ?  126 TRP A CD2 1 
ATOM   1067 N NE1 . TRP A 1 126 ? -15.184 4.544   14.112  1.00 11.40 ?  126 TRP A NE1 1 
ATOM   1068 C CE2 . TRP A 1 126 ? -14.595 3.618   13.292  1.00 11.87 ?  126 TRP A CE2 1 
ATOM   1069 C CE3 . TRP A 1 126 ? -12.452 2.511   13.076  1.00 12.26 ?  126 TRP A CE3 1 
ATOM   1070 C CZ2 . TRP A 1 126 ? -15.113 2.936   12.192  1.00 13.70 ?  126 TRP A CZ2 1 
ATOM   1071 C CZ3 . TRP A 1 126 ? -12.975 1.832   11.980  1.00 13.58 ?  126 TRP A CZ3 1 
ATOM   1072 C CH2 . TRP A 1 126 ? -14.292 2.047   11.553  1.00 14.66 ?  126 TRP A CH2 1 
ATOM   1073 N N   . ASP A 1 127 ? -10.134 3.987   18.326  1.00 13.35 ?  127 ASP A N   1 
ATOM   1074 C CA  . ASP A 1 127 ? -8.923  4.314   19.075  1.00 13.91 ?  127 ASP A CA  1 
ATOM   1075 C C   . ASP A 1 127 ? -8.150  3.056   19.439  1.00 13.32 ?  127 ASP A C   1 
ATOM   1076 O O   . ASP A 1 127 ? -6.912  3.031   19.366  1.00 11.68 ?  127 ASP A O   1 
ATOM   1077 C CB  . ASP A 1 127 ? -9.249  5.117   20.334  1.00 13.34 ?  127 ASP A CB  1 
ATOM   1078 C CG  . ASP A 1 127 ? -9.578  6.573   20.042  1.00 17.69 ?  127 ASP A CG  1 
ATOM   1079 O OD1 . ASP A 1 127 ? -9.971  6.892   18.904  1.00 18.84 ?  127 ASP A OD1 1 
ATOM   1080 O OD2 . ASP A 1 127 ? -9.435  7.409   20.970  1.00 19.81 -1 127 ASP A OD2 1 
ATOM   1081 N N   . GLU A 1 128 ? -8.859  1.994   19.808  1.00 12.94 ?  128 GLU A N   1 
ATOM   1082 C CA  . GLU A 1 128 ? -8.188  0.738   20.117  1.00 11.99 ?  128 GLU A CA  1 
ATOM   1083 C C   . GLU A 1 128 ? -7.496  0.180   18.884  1.00 13.00 ?  128 GLU A C   1 
ATOM   1084 O O   . GLU A 1 128 ? -6.349  -0.287  18.959  1.00 13.14 ?  128 GLU A O   1 
ATOM   1085 C CB  . GLU A 1 128 ? -9.200  -0.273  20.658  1.00 13.83 ?  128 GLU A CB  1 
ATOM   1086 C CG  . GLU A 1 128 ? -9.818  0.121   21.992  1.00 17.70 ?  128 GLU A CG  1 
ATOM   1087 C CD  . GLU A 1 128 ? -10.927 -0.821  22.417  1.00 29.03 ?  128 GLU A CD  1 
ATOM   1088 O OE1 . GLU A 1 128 ? -10.644 -2.013  22.662  1.00 33.00 ?  128 GLU A OE1 1 
ATOM   1089 O OE2 . GLU A 1 128 ? -12.090 -0.366  22.478  1.00 28.83 -1 128 GLU A OE2 1 
ATOM   1090 N N   . ALA A 1 129 ? -8.176  0.220   17.731  1.00 10.98 ?  129 ALA A N   1 
ATOM   1091 C CA  . ALA A 1 129 ? -7.562  -0.246  16.493  1.00 10.72 ?  129 ALA A CA  1 
ATOM   1092 C C   . ALA A 1 129 ? -6.294  0.539   16.201  1.00 10.89 ?  129 ALA A C   1 
ATOM   1093 O O   . ALA A 1 129 ? -5.269  -0.045  15.826  1.00 10.85 ?  129 ALA A O   1 
ATOM   1094 C CB  . ALA A 1 129 ? -8.535  -0.097  15.324  1.00 12.49 ?  129 ALA A CB  1 
ATOM   1095 N N   . ALA A 1 130 ? -6.340  1.861   16.395  1.00 11.80 ?  130 ALA A N   1 
ATOM   1096 C CA  . ALA A 1 130 ? -5.173  2.700   16.129  1.00 12.89 ?  130 ALA A CA  1 
ATOM   1097 C C   . ALA A 1 130 ? -4.000  2.334   17.029  1.00 14.74 ?  130 ALA A C   1 
ATOM   1098 O O   . ALA A 1 130 ? -2.849  2.301   16.578  1.00 12.54 ?  130 ALA A O   1 
ATOM   1099 C CB  . ALA A 1 130 ? -5.536  4.175   16.283  1.00 14.51 ?  130 ALA A CB  1 
ATOM   1100 N N   . VAL A 1 131 ? -4.268  2.068   18.308  1.00 11.70 ?  131 VAL A N   1 
ATOM   1101 C CA  . VAL A 1 131 ? -3.208  1.647   19.219  1.00 12.63 ?  131 VAL A CA  1 
ATOM   1102 C C   . VAL A 1 131 ? -2.622  0.319   18.765  1.00 10.85 ?  131 VAL A C   1 
ATOM   1103 O O   . VAL A 1 131 ? -1.398  0.138   18.727  1.00 13.17 ?  131 VAL A O   1 
ATOM   1104 C CB  . VAL A 1 131 ? -3.750  1.576   20.661  1.00 12.66 ?  131 VAL A CB  1 
ATOM   1105 C CG1 . VAL A 1 131 ? -2.747  0.859   21.569  1.00 14.03 ?  131 VAL A CG1 1 
ATOM   1106 C CG2 . VAL A 1 131 ? -4.063  2.978   21.183  1.00 15.15 ?  131 VAL A CG2 1 
ATOM   1107 N N   . ASN A 1 132 ? -3.478  -0.630  18.397  1.00 12.35 ?  132 ASN A N   1 
ATOM   1108 C CA  . ASN A 1 132 ? -2.985  -1.937  17.980  1.00 11.70 ?  132 ASN A CA  1 
ATOM   1109 C C   . ASN A 1 132 ? -2.178  -1.842  16.686  1.00 12.07 ?  132 ASN A C   1 
ATOM   1110 O O   . ASN A 1 132 ? -1.153  -2.522  16.531  1.00 11.86 ?  132 ASN A O   1 
ATOM   1111 C CB  . ASN A 1 132 ? -4.168  -2.889  17.822  1.00 15.02 ?  132 ASN A CB  1 
ATOM   1112 C CG  . ASN A 1 132 ? -3.741  -4.312  17.592  1.00 15.26 ?  132 ASN A CG  1 
ATOM   1113 O OD1 . ASN A 1 132 ? -3.655  -4.770  16.451  1.00 16.61 ?  132 ASN A OD1 1 
ATOM   1114 N ND2 . ASN A 1 132 ? -3.452  -5.026  18.671  1.00 17.92 ?  132 ASN A ND2 1 
ATOM   1115 N N   . LEU A 1 133 ? -2.603  -0.971  15.762  1.00 11.52 ?  133 LEU A N   1 
ATOM   1116 C CA  . LEU A 1 133 ? -1.948  -0.891  14.457  1.00 12.76 ?  133 LEU A CA  1 
ATOM   1117 C C   . LEU A 1 133 ? -0.514  -0.395  14.579  1.00 11.83 ?  133 LEU A C   1 
ATOM   1118 O O   . LEU A 1 133 ? 0.346   -0.777  13.777  1.00 13.27 ?  133 LEU A O   1 
ATOM   1119 C CB  . LEU A 1 133 ? -2.742  0.037   13.529  1.00 13.82 ?  133 LEU A CB  1 
ATOM   1120 C CG  . LEU A 1 133 ? -3.981  -0.555  12.851  1.00 10.75 ?  133 LEU A CG  1 
ATOM   1121 C CD1 . LEU A 1 133 ? -4.912  0.563   12.363  1.00 14.25 ?  133 LEU A CD1 1 
ATOM   1122 C CD2 . LEU A 1 133 ? -3.610  -1.519  11.725  1.00 13.69 ?  133 LEU A CD2 1 
ATOM   1123 N N   . ALA A 1 134 ? -0.239  0.444   15.573  1.00 11.31 ?  134 ALA A N   1 
ATOM   1124 C CA  . ALA A 1 134 ? 1.088   1.017   15.735  1.00 12.98 ?  134 ALA A CA  1 
ATOM   1125 C C   . ALA A 1 134 ? 2.063   0.050   16.381  1.00 13.31 ?  134 ALA A C   1 
ATOM   1126 O O   . ALA A 1 134 ? 3.275   0.296   16.338  1.00 13.02 ?  134 ALA A O   1 
ATOM   1127 C CB  . ALA A 1 134 ? 0.993   2.329   16.519  1.00 14.23 ?  134 ALA A CB  1 
ATOM   1128 N N   . LYS A 1 135 ? 1.565   -1.049  16.942  1.00 12.36 ?  135 LYS A N   1 
ATOM   1129 C CA  . LYS A 1 135 ? 2.396   -2.091  17.535  1.00 12.40 ?  135 LYS A CA  1 
ATOM   1130 C C   . LYS A 1 135 ? 2.827   -3.060  16.432  1.00 12.58 ?  135 LYS A C   1 
ATOM   1131 O O   . LYS A 1 135 ? 2.397   -4.214  16.350  1.00 13.65 ?  135 LYS A O   1 
ATOM   1132 C CB  . LYS A 1 135 ? 1.623   -2.802  18.642  1.00 13.69 ?  135 LYS A CB  1 
ATOM   1133 C CG  . LYS A 1 135 ? 1.242   -1.931  19.818  1.00 16.20 ?  135 LYS A CG  1 
ATOM   1134 C CD  . LYS A 1 135 ? 0.390   -2.712  20.821  1.00 19.60 ?  135 LYS A CD  1 
ATOM   1135 C CE  . LYS A 1 135 ? 0.084   -1.855  22.035  1.00 22.80 ?  135 LYS A CE  1 
ATOM   1136 N NZ  . LYS A 1 135 ? -0.857  -2.545  22.973  1.00 25.69 1  135 LYS A NZ  1 
ATOM   1137 N N   . SER A 1 136 ? 3.666   -2.556  15.529  1.00 12.13 ?  136 SER A N   1 
ATOM   1138 C CA  . SER A 1 136 ? 3.958   -3.331  14.325  1.00 12.11 ?  136 SER A CA  1 
ATOM   1139 C C   . SER A 1 136 ? 5.309   -2.941  13.741  1.00 11.36 ?  136 SER A C   1 
ATOM   1140 O O   . SER A 1 136 ? 5.766   -1.806  13.901  1.00 11.51 ?  136 SER A O   1 
ATOM   1141 C CB  . SER A 1 136 ? 2.873   -3.107  13.259  1.00 10.73 ?  136 SER A CB  1 
ATOM   1142 O OG  . SER A 1 136 ? 2.800   -1.732  12.895  1.00 11.75 ?  136 SER A OG  1 
ATOM   1143 N N   . ARG A 1 137 ? 5.916   -3.887  13.010  1.00 10.07 ?  137 ARG A N   1 
ATOM   1144 C CA  . ARG A 1 137 ? 7.092   -3.553  12.213  1.00 10.35 ?  137 ARG A CA  1 
ATOM   1145 C C   . ARG A 1 137 ? 6.762   -2.445  11.224  1.00 13.85 ?  137 ARG A C   1 
ATOM   1146 O O   . ARG A 1 137 ? 7.553   -1.517  11.023  1.00 13.39 ?  137 ARG A O   1 
ATOM   1147 C CB  . ARG A 1 137 ? 7.601   -4.789  11.449  1.00 10.85 ?  137 ARG A CB  1 
ATOM   1148 C CG  . ARG A 1 137 ? 8.859   -4.460  10.620  1.00 12.65 ?  137 ARG A CG  1 
ATOM   1149 C CD  . ARG A 1 137 ? 9.360   -5.612  9.764   1.00 14.64 ?  137 ARG A CD  1 
ATOM   1150 N NE  . ARG A 1 137 ? 10.626  -5.240  9.126   1.00 18.49 ?  137 ARG A NE  1 
ATOM   1151 C CZ  . ARG A 1 137 ? 10.726  -4.589  7.974   1.00 21.17 ?  137 ARG A CZ  1 
ATOM   1152 N NH1 . ARG A 1 137 ? 9.635   -4.252  7.293   1.00 22.24 1  137 ARG A NH1 1 
ATOM   1153 N NH2 . ARG A 1 137 ? 11.926  -4.279  7.499   1.00 20.91 ?  137 ARG A NH2 1 
ATOM   1154 N N   . TRP A 1 138 ? 5.578   -2.528  10.611  1.00 12.06 ?  138 TRP A N   1 
ATOM   1155 C CA  . TRP A 1 138 ? 5.120   -1.500  9.679   1.00 12.77 ?  138 TRP A CA  1 
ATOM   1156 C C   . TRP A 1 138 ? 5.286   -0.110  10.271  1.00 14.22 ?  138 TRP A C   1 
ATOM   1157 O O   . TRP A 1 138 ? 5.919   0.770   9.668   1.00 13.45 ?  138 TRP A O   1 
ATOM   1158 C CB  . TRP A 1 138 ? 3.648   -1.780  9.362   1.00 13.28 ?  138 TRP A CB  1 
ATOM   1159 C CG  . TRP A 1 138 ? 2.956   -0.719  8.571   1.00 11.98 ?  138 TRP A CG  1 
ATOM   1160 C CD1 . TRP A 1 138 ? 3.326   -0.227  7.353   1.00 13.57 ?  138 TRP A CD1 1 
ATOM   1161 C CD2 . TRP A 1 138 ? 1.726   -0.062  8.915   1.00 11.83 ?  138 TRP A CD2 1 
ATOM   1162 N NE1 . TRP A 1 138 ? 2.423   0.729   6.934   1.00 12.71 ?  138 TRP A NE1 1 
ATOM   1163 C CE2 . TRP A 1 138 ? 1.431   0.844   7.873   1.00 10.49 ?  138 TRP A CE2 1 
ATOM   1164 C CE3 . TRP A 1 138 ? 0.861   -0.132  10.012  1.00 11.65 ?  138 TRP A CE3 1 
ATOM   1165 C CZ2 . TRP A 1 138 ? 0.304   1.658   7.885   1.00 11.60 ?  138 TRP A CZ2 1 
ATOM   1166 C CZ3 . TRP A 1 138 ? -0.243  0.681   10.021  1.00 11.74 ?  138 TRP A CZ3 1 
ATOM   1167 C CH2 . TRP A 1 138 ? -0.519  1.562   8.960   1.00 11.88 ?  138 TRP A CH2 1 
ATOM   1168 N N   . TYR A 1 139 ? 4.746   0.104   11.469  1.00 11.45 ?  139 TYR A N   1 
ATOM   1169 C CA  . TYR A 1 139 ? 4.832   1.429   12.063  1.00 11.39 ?  139 TYR A CA  1 
ATOM   1170 C C   . TYR A 1 139 ? 6.275   1.799   12.397  1.00 13.25 ?  139 TYR A C   1 
ATOM   1171 O O   . TYR A 1 139 ? 6.713   2.923   12.124  1.00 14.19 ?  139 TYR A O   1 
ATOM   1172 C CB  . TYR A 1 139 ? 3.956   1.464   13.316  1.00 13.32 ?  139 TYR A CB  1 
ATOM   1173 C CG  . TYR A 1 139 ? 3.986   2.813   13.992  1.00 16.46 ?  139 TYR A CG  1 
ATOM   1174 C CD1 . TYR A 1 139 ? 4.983   3.130   14.904  1.00 22.34 ?  139 TYR A CD1 1 
ATOM   1175 C CD2 . TYR A 1 139 ? 3.029   3.779   13.698  1.00 18.35 ?  139 TYR A CD2 1 
ATOM   1176 C CE1 . TYR A 1 139 ? 5.028   4.366   15.509  1.00 27.59 ?  139 TYR A CE1 1 
ATOM   1177 C CE2 . TYR A 1 139 ? 3.072   5.017   14.296  1.00 21.66 ?  139 TYR A CE2 1 
ATOM   1178 C CZ  . TYR A 1 139 ? 4.074   5.307   15.200  1.00 23.40 ?  139 TYR A CZ  1 
ATOM   1179 O OH  . TYR A 1 139 ? 4.117   6.546   15.811  1.00 32.85 ?  139 TYR A OH  1 
ATOM   1180 N N   . ASN A 1 140 ? 7.028   0.874   12.990  1.00 11.56 ?  140 ASN A N   1 
ATOM   1181 C CA  . ASN A 1 140 ? 8.390   1.195   13.417  1.00 12.44 ?  140 ASN A CA  1 
ATOM   1182 C C   . ASN A 1 140 ? 9.301   1.535   12.240  1.00 12.50 ?  140 ASN A C   1 
ATOM   1183 O O   . ASN A 1 140 ? 10.165  2.416   12.361  1.00 13.83 ?  140 ASN A O   1 
ATOM   1184 C CB  . ASN A 1 140 ? 8.959   0.064   14.269  1.00 12.66 ?  140 ASN A CB  1 
ATOM   1185 C CG  . ASN A 1 140 ? 8.476   0.131   15.698  1.00 16.82 ?  140 ASN A CG  1 
ATOM   1186 O OD1 . ASN A 1 140 ? 8.968   0.937   16.488  1.00 19.01 ?  140 ASN A OD1 1 
ATOM   1187 N ND2 . ASN A 1 140 ? 7.520   -0.715  16.043  1.00 16.17 ?  140 ASN A ND2 1 
ATOM   1188 N N   . GLN A 1 141 ? 9.096   0.900   11.088  1.00 11.27 ?  141 GLN A N   1 
ATOM   1189 C CA  . GLN A 1 141 ? 9.965   1.129   9.940   1.00 11.95 ?  141 GLN A CA  1 
ATOM   1190 C C   . GLN A 1 141 ? 9.551   2.355   9.122   1.00 14.06 ?  141 GLN A C   1 
ATOM   1191 O O   . GLN A 1 141 ? 10.415  3.053   8.586   1.00 13.70 ?  141 GLN A O   1 
ATOM   1192 C CB  . GLN A 1 141 ? 10.040  -0.123  9.067   1.00 12.93 ?  141 GLN A CB  1 
ATOM   1193 C CG  . GLN A 1 141 ? 10.557  -1.372  9.782   1.00 15.08 ?  141 GLN A CG  1 
ATOM   1194 C CD  . GLN A 1 141 ? 11.954  -1.206  10.354  1.00 14.61 ?  141 GLN A CD  1 
ATOM   1195 O OE1 . GLN A 1 141 ? 12.884  -0.762  9.670   1.00 19.34 ?  141 GLN A OE1 1 
ATOM   1196 N NE2 . GLN A 1 141 ? 12.105  -1.553  11.615  1.00 12.28 ?  141 GLN A NE2 1 
ATOM   1197 N N   . THR A 1 142 ? 8.257   2.661   9.020   1.00 12.54 ?  142 THR A N   1 
ATOM   1198 C CA  . THR A 1 142 ? 7.778   3.863   8.329   1.00 11.16 ?  142 THR A CA  1 
ATOM   1199 C C   . THR A 1 142 ? 6.812   4.609   9.241   1.00 11.76 ?  142 THR A C   1 
ATOM   1200 O O   . THR A 1 142 ? 5.605   4.635   8.989   1.00 12.34 ?  142 THR A O   1 
ATOM   1201 C CB  . THR A 1 142 ? 7.131   3.568   6.970   1.00 10.12 ?  142 THR A CB  1 
ATOM   1202 O OG1 . THR A 1 142 ? 6.116   2.566   7.104   1.00 14.07 ?  142 THR A OG1 1 
ATOM   1203 C CG2 . THR A 1 142 ? 8.163   3.063   5.975   1.00 13.59 ?  142 THR A CG2 1 
ATOM   1204 N N   . PRO A 1 143 ? 7.313   5.228   10.310  1.00 10.58 ?  143 PRO A N   1 
ATOM   1205 C CA  . PRO A 1 143 ? 6.388   5.780   11.323  1.00 11.87 ?  143 PRO A CA  1 
ATOM   1206 C C   . PRO A 1 143 ? 5.599   6.988   10.862  1.00 11.43 ?  143 PRO A C   1 
ATOM   1207 O O   . PRO A 1 143 ? 4.430   7.127   11.224  1.00 12.84 ?  143 PRO A O   1 
ATOM   1208 C CB  . PRO A 1 143 ? 7.310   6.091   12.510  1.00 11.57 ?  143 PRO A CB  1 
ATOM   1209 C CG  . PRO A 1 143 ? 8.673   6.325   11.860  1.00 11.14 ?  143 PRO A CG  1 
ATOM   1210 C CD  . PRO A 1 143 ? 8.722   5.321   10.735  1.00 13.44 ?  143 PRO A CD  1 
ATOM   1211 N N   . ASP A 1 144 ? 6.180   7.866   10.060  1.00 9.92  ?  144 ASP A N   1 
ATOM   1212 C CA  . ASP A 1 144 ? 5.433   9.053   9.674   1.00 12.42 ?  144 ASP A CA  1 
ATOM   1213 C C   . ASP A 1 144 ? 4.320   8.716   8.692   1.00 11.65 ?  144 ASP A C   1 
ATOM   1214 O O   . ASP A 1 144 ? 3.205   9.238   8.819   1.00 12.39 ?  144 ASP A O   1 
ATOM   1215 C CB  . ASP A 1 144 ? 6.372   10.161  9.203   1.00 15.98 ?  144 ASP A CB  1 
ATOM   1216 C CG  . ASP A 1 144 ? 7.178   10.743  10.361  1.00 15.18 ?  144 ASP A CG  1 
ATOM   1217 O OD1 . ASP A 1 144 ? 6.708   10.676  11.524  1.00 18.15 ?  144 ASP A OD1 1 
ATOM   1218 O OD2 . ASP A 1 144 ? 8.278   11.260  10.122  1.00 18.11 -1 144 ASP A OD2 1 
ATOM   1219 N N   . ARG A 1 145 ? 4.586   7.822   7.736   1.00 11.16 ?  145 ARG A N   1 
ATOM   1220 C CA  . ARG A 1 145 ? 3.540   7.374   6.829   1.00 13.46 ?  145 ARG A CA  1 
ATOM   1221 C C   . ARG A 1 145 ? 2.506   6.541   7.572   1.00 11.48 ?  145 ARG A C   1 
ATOM   1222 O O   . ARG A 1 145 ? 1.290   6.729   7.389   1.00 11.69 ?  145 ARG A O   1 
ATOM   1223 C CB  . ARG A 1 145 ? 4.178   6.590   5.682   1.00 12.34 ?  145 ARG A CB  1 
ATOM   1224 C CG  . ARG A 1 145 ? 3.208   6.316   4.532   1.00 15.31 ?  145 ARG A CG  1 
ATOM   1225 C CD  . ARG A 1 145 ? 3.065   4.845   4.298   1.00 19.78 ?  145 ARG A CD  1 
ATOM   1226 N NE  . ARG A 1 145 ? 2.228   4.493   3.150   1.00 14.57 ?  145 ARG A NE  1 
ATOM   1227 C CZ  . ARG A 1 145 ? 2.688   4.059   1.980   1.00 13.82 ?  145 ARG A CZ  1 
ATOM   1228 N NH1 . ARG A 1 145 ? 3.993   3.938   1.750   1.00 15.35 1  145 ARG A NH1 1 
ATOM   1229 N NH2 . ARG A 1 145 ? 1.834   3.724   1.024   1.00 13.39 ?  145 ARG A NH2 1 
ATOM   1230 N N   . ALA A 1 146 ? 2.961   5.635   8.444   1.00 11.94 ?  146 ALA A N   1 
ATOM   1231 C CA  . ALA A 1 146 ? 2.017   4.822   9.200   1.00 12.40 ?  146 ALA A CA  1 
ATOM   1232 C C   . ALA A 1 146 ? 1.136   5.694   10.083  1.00 12.99 ?  146 ALA A C   1 
ATOM   1233 O O   . ALA A 1 146 ? -0.064  5.420   10.239  1.00 12.37 ?  146 ALA A O   1 
ATOM   1234 C CB  . ALA A 1 146 ? 2.752   3.768   10.026  1.00 13.79 ?  146 ALA A CB  1 
ATOM   1235 N N   A LYS A 1 147 ? 1.708   6.744   10.683  0.56 11.20 ?  147 LYS A N   1 
ATOM   1236 N N   B LYS A 1 147 ? 1.707   6.747   10.679  0.44 11.22 ?  147 LYS A N   1 
ATOM   1237 C CA  A LYS A 1 147 ? 0.900   7.637   11.511  0.56 12.74 ?  147 LYS A CA  1 
ATOM   1238 C CA  B LYS A 1 147 ? 0.902   7.640   11.509  0.44 12.75 ?  147 LYS A CA  1 
ATOM   1239 C C   A LYS A 1 147 ? -0.220  8.281   10.699  0.56 13.72 ?  147 LYS A C   1 
ATOM   1240 C C   B LYS A 1 147 ? -0.221  8.277   10.698  0.44 13.70 ?  147 LYS A C   1 
ATOM   1241 O O   A LYS A 1 147 ? -1.352  8.418   11.184  0.56 12.56 ?  147 LYS A O   1 
ATOM   1242 O O   B LYS A 1 147 ? -1.353  8.409   11.182  0.44 12.56 ?  147 LYS A O   1 
ATOM   1243 C CB  A LYS A 1 147 ? 1.791   8.708   12.152  0.56 13.49 ?  147 LYS A CB  1 
ATOM   1244 C CB  B LYS A 1 147 ? 1.788   8.723   12.131  0.44 13.51 ?  147 LYS A CB  1 
ATOM   1245 C CG  A LYS A 1 147 ? 2.551   8.223   13.383  0.56 17.45 ?  147 LYS A CG  1 
ATOM   1246 C CG  B LYS A 1 147 ? 1.074   9.592   13.159  0.44 15.17 ?  147 LYS A CG  1 
ATOM   1247 C CD  A LYS A 1 147 ? 3.618   9.215   13.820  0.56 18.08 ?  147 LYS A CD  1 
ATOM   1248 C CD  B LYS A 1 147 ? 1.990   10.687  13.692  0.44 16.22 ?  147 LYS A CD  1 
ATOM   1249 C CE  A LYS A 1 147 ? 2.999   10.502  14.308  0.56 19.00 ?  147 LYS A CE  1 
ATOM   1250 C CE  B LYS A 1 147 ? 1.330   11.472  14.816  0.44 29.22 ?  147 LYS A CE  1 
ATOM   1251 N NZ  A LYS A 1 147 ? 4.013   11.383  14.957  0.56 21.53 1  147 LYS A NZ  1 
ATOM   1252 N NZ  B LYS A 1 147 ? 2.241   12.495  15.403  0.44 28.08 1  147 LYS A NZ  1 
ATOM   1253 N N   . ARG A 1 148 ? 0.071   8.675   9.457   1.00 11.50 ?  148 ARG A N   1 
ATOM   1254 C CA  . ARG A 1 148 ? -0.963  9.272   8.611   1.00 10.97 ?  148 ARG A CA  1 
ATOM   1255 C C   . ARG A 1 148 ? -2.063  8.268   8.310   1.00 11.74 ?  148 ARG A C   1 
ATOM   1256 O O   . ARG A 1 148 ? -3.255  8.589   8.390   1.00 12.59 ?  148 ARG A O   1 
ATOM   1257 C CB  . ARG A 1 148 ? -0.369  9.775   7.296   1.00 10.69 ?  148 ARG A CB  1 
ATOM   1258 C CG  . ARG A 1 148 ? 0.515   11.010  7.410   1.00 11.41 ?  148 ARG A CG  1 
ATOM   1259 C CD  . ARG A 1 148 ? 0.778   11.624  6.040   1.00 11.84 ?  148 ARG A CD  1 
ATOM   1260 N NE  . ARG A 1 148 ? 1.668   10.818  5.202   1.00 13.09 ?  148 ARG A NE  1 
ATOM   1261 C CZ  . ARG A 1 148 ? 2.998   10.837  5.268   1.00 13.31 ?  148 ARG A CZ  1 
ATOM   1262 N NH1 . ARG A 1 148 ? 3.614   11.625  6.147   1.00 12.90 1  148 ARG A NH1 1 
ATOM   1263 N NH2 . ARG A 1 148 ? 3.709   10.064  4.454   1.00 14.26 ?  148 ARG A NH2 1 
ATOM   1264 N N   . VAL A 1 149 ? -1.678  7.043   7.954   1.00 10.97 ?  149 VAL A N   1 
ATOM   1265 C CA  . VAL A 1 149 ? -2.667  6.023   7.619   1.00 9.98  ?  149 VAL A CA  1 
ATOM   1266 C C   . VAL A 1 149 ? -3.496  5.669   8.843   1.00 11.86 ?  149 VAL A C   1 
ATOM   1267 O O   . VAL A 1 149 ? -4.730  5.544   8.769   1.00 12.00 ?  149 VAL A O   1 
ATOM   1268 C CB  . VAL A 1 149 ? -1.955  4.799   7.019   1.00 8.69  ?  149 VAL A CB  1 
ATOM   1269 C CG1 . VAL A 1 149 ? -2.931  3.657   6.781   1.00 11.45 ?  149 VAL A CG1 1 
ATOM   1270 C CG2 . VAL A 1 149 ? -1.233  5.204   5.736   1.00 11.88 ?  149 VAL A CG2 1 
ATOM   1271 N N   . ILE A 1 150 ? -2.841  5.546   9.996   1.00 11.57 ?  150 ILE A N   1 
ATOM   1272 C CA  . ILE A 1 150 ? -3.547  5.218   11.230  1.00 11.29 ?  150 ILE A CA  1 
ATOM   1273 C C   . ILE A 1 150 ? -4.517  6.322   11.619  1.00 13.30 ?  150 ILE A C   1 
ATOM   1274 O O   . ILE A 1 150 ? -5.647  6.038   12.038  1.00 12.53 ?  150 ILE A O   1 
ATOM   1275 C CB  . ILE A 1 150 ? -2.548  4.890   12.358  1.00 12.28 ?  150 ILE A CB  1 
ATOM   1276 C CG1 . ILE A 1 150 ? -1.816  3.580   12.035  1.00 13.61 ?  150 ILE A CG1 1 
ATOM   1277 C CG2 . ILE A 1 150 ? -3.285  4.803   13.702  1.00 12.12 ?  150 ILE A CG2 1 
ATOM   1278 C CD1 . ILE A 1 150 ? -0.671  3.233   12.992  1.00 14.62 ?  150 ILE A CD1 1 
ATOM   1279 N N   . THR A 1 151 ? -4.104  7.593   11.479  1.00 11.12 ?  151 THR A N   1 
ATOM   1280 C CA  . THR A 1 151 ? -5.020  8.698   11.774  1.00 14.92 ?  151 THR A CA  1 
ATOM   1281 C C   . THR A 1 151 ? -6.243  8.632   10.875  1.00 12.80 ?  151 THR A C   1 
ATOM   1282 O O   . THR A 1 151 ? -7.361  8.948   11.304  1.00 14.05 ?  151 THR A O   1 
ATOM   1283 C CB  . THR A 1 151 ? -4.303  10.039  11.610  1.00 14.55 ?  151 THR A CB  1 
ATOM   1284 O OG1 . THR A 1 151 ? -3.371  10.198  12.676  1.00 16.65 ?  151 THR A OG1 1 
ATOM   1285 C CG2 . THR A 1 151 ? -5.298  11.215  11.621  1.00 16.19 ?  151 THR A CG2 1 
ATOM   1286 N N   . THR A 1 152 ? -6.051  8.215   9.626   1.00 11.95 ?  152 THR A N   1 
ATOM   1287 C CA  . THR A 1 152 ? -7.168  8.043   8.705   1.00 11.70 ?  152 THR A CA  1 
ATOM   1288 C C   . THR A 1 152 ? -8.105  6.929   9.175   1.00 12.16 ?  152 THR A C   1 
ATOM   1289 O O   . THR A 1 152 ? -9.334  7.098   9.149   1.00 13.57 ?  152 THR A O   1 
ATOM   1290 C CB  . THR A 1 152 ? -6.618  7.789   7.294   1.00 11.22 ?  152 THR A CB  1 
ATOM   1291 O OG1 . THR A 1 152 ? -5.653  8.804   6.972   1.00 12.99 ?  152 THR A OG1 1 
ATOM   1292 C CG2 . THR A 1 152 ? -7.734  7.818   6.258   1.00 13.15 ?  152 THR A CG2 1 
ATOM   1293 N N   . PHE A 1 153 ? -7.547  5.786   9.616   1.00 13.44 ?  153 PHE A N   1 
ATOM   1294 C CA  . PHE A 1 153 ? -8.370  4.719   10.192  1.00 15.36 ?  153 PHE A CA  1 
ATOM   1295 C C   . PHE A 1 153 ? -9.076  5.190   11.453  1.00 18.47 ?  153 PHE A C   1 
ATOM   1296 O O   . PHE A 1 153 ? -10.213 4.783   11.723  1.00 15.89 ?  153 PHE A O   1 
ATOM   1297 C CB  . PHE A 1 153 ? -7.519  3.501   10.572  1.00 12.40 ?  153 PHE A CB  1 
ATOM   1298 C CG  . PHE A 1 153 ? -7.231  2.545   9.450   1.00 12.95 ?  153 PHE A CG  1 
ATOM   1299 C CD1 . PHE A 1 153 ? -8.267  1.936   8.740   1.00 15.71 ?  153 PHE A CD1 1 
ATOM   1300 C CD2 . PHE A 1 153 ? -5.919  2.207   9.149   1.00 13.32 ?  153 PHE A CD2 1 
ATOM   1301 C CE1 . PHE A 1 153 ? -7.988  1.042   7.730   1.00 16.12 ?  153 PHE A CE1 1 
ATOM   1302 C CE2 . PHE A 1 153 ? -5.639  1.307   8.138   1.00 13.75 ?  153 PHE A CE2 1 
ATOM   1303 C CZ  . PHE A 1 153 ? -6.683  0.717   7.438   1.00 15.11 ?  153 PHE A CZ  1 
ATOM   1304 N N   . ARG A 1 154 ? -8.405  6.021   12.259  1.00 13.09 ?  154 ARG A N   1 
ATOM   1305 C CA  . ARG A 1 154 ? -8.943  6.392   13.563  1.00 13.06 ?  154 ARG A CA  1 
ATOM   1306 C C   . ARG A 1 154 ? -10.091 7.382   13.429  1.00 13.97 ?  154 ARG A C   1 
ATOM   1307 O O   . ARG A 1 154 ? -11.075 7.304   14.179  1.00 16.45 ?  154 ARG A O   1 
ATOM   1308 C CB  . ARG A 1 154 ? -7.846  6.993   14.442  1.00 13.05 ?  154 ARG A CB  1 
ATOM   1309 C CG  . ARG A 1 154 ? -8.295  7.257   15.889  1.00 14.05 ?  154 ARG A CG  1 
ATOM   1310 C CD  . ARG A 1 154 ? -7.149  7.821   16.748  1.00 21.20 ?  154 ARG A CD  1 
ATOM   1311 N NE  . ARG A 1 154 ? -6.612  9.085   16.244  1.00 24.21 ?  154 ARG A NE  1 
ATOM   1312 C CZ  . ARG A 1 154 ? -5.442  9.227   15.617  1.00 30.86 ?  154 ARG A CZ  1 
ATOM   1313 N NH1 . ARG A 1 154 ? -4.639  8.177   15.400  1.00 24.53 1  154 ARG A NH1 1 
ATOM   1314 N NH2 . ARG A 1 154 ? -5.066  10.438  15.208  1.00 24.15 ?  154 ARG A NH2 1 
ATOM   1315 N N   . THR A 1 155 ? -9.973  8.332   12.495  1.00 14.22 ?  155 THR A N   1 
ATOM   1316 C CA  . THR A 1 155 ? -10.908 9.444   12.400  1.00 14.29 ?  155 THR A CA  1 
ATOM   1317 C C   . THR A 1 155 ? -11.870 9.354   11.231  1.00 14.45 ?  155 THR A C   1 
ATOM   1318 O O   . THR A 1 155 ? -12.926 9.994   11.277  1.00 16.04 ?  155 THR A O   1 
ATOM   1319 C CB  . THR A 1 155 ? -10.174 10.790  12.299  1.00 13.90 ?  155 THR A CB  1 
ATOM   1320 O OG1 . THR A 1 155 ? -9.461  10.868  11.053  1.00 13.90 ?  155 THR A OG1 1 
ATOM   1321 C CG2 . THR A 1 155 ? -9.207  10.973  13.455  1.00 14.79 ?  155 THR A CG2 1 
ATOM   1322 N N   . GLY A 1 156 ? -11.544 8.610   10.183  1.00 14.70 ?  156 GLY A N   1 
ATOM   1323 C CA  . GLY A 1 156 ? -12.392 8.676   9.013   1.00 13.91 ?  156 GLY A CA  1 
ATOM   1324 C C   . GLY A 1 156 ? -12.395 10.034  8.349   1.00 14.61 ?  156 GLY A C   1 
ATOM   1325 O O   . GLY A 1 156 ? -13.342 10.362  7.633   1.00 15.28 ?  156 GLY A O   1 
ATOM   1326 N N   . THR A 1 157 ? -11.367 10.845  8.588   1.00 14.14 ?  157 THR A N   1 
ATOM   1327 C CA  . THR A 1 157 ? -11.199 12.144  7.958   1.00 12.52 ?  157 THR A CA  1 
ATOM   1328 C C   . THR A 1 157 ? -9.859  12.155  7.245   1.00 13.68 ?  157 THR A C   1 
ATOM   1329 O O   . THR A 1 157 ? -9.018  11.280  7.442   1.00 12.93 ?  157 THR A O   1 
ATOM   1330 C CB  . THR A 1 157 ? -11.176 13.285  8.980   1.00 14.37 ?  157 THR A CB  1 
ATOM   1331 O OG1 . THR A 1 157 ? -9.937  13.241  9.698   1.00 18.70 ?  157 THR A OG1 1 
ATOM   1332 C CG2 . THR A 1 157 ? -12.366 13.221  9.942   1.00 15.97 ?  157 THR A CG2 1 
ATOM   1333 N N   . TRP A 1 158 ? -9.654  13.184  6.430   1.00 14.23 ?  158 TRP A N   1 
ATOM   1334 C CA  . TRP A 1 158 ? -8.397  13.365  5.720   1.00 12.48 ?  158 TRP A CA  1 
ATOM   1335 C C   . TRP A 1 158 ? -7.434  14.300  6.450   1.00 14.64 ?  158 TRP A C   1 
ATOM   1336 O O   . TRP A 1 158 ? -6.531  14.863  5.825   1.00 14.82 ?  158 TRP A O   1 
ATOM   1337 C CB  . TRP A 1 158 ? -8.673  13.895  4.316   1.00 13.93 ?  158 TRP A CB  1 
ATOM   1338 C CG  . TRP A 1 158 ? -9.339  12.929  3.410   1.00 13.24 ?  158 TRP A CG  1 
ATOM   1339 C CD1 . TRP A 1 158 ? -10.602 13.007  2.908   1.00 14.07 ?  158 TRP A CD1 1 
ATOM   1340 C CD2 . TRP A 1 158 ? -8.753  11.750  2.853   1.00 14.03 ?  158 TRP A CD2 1 
ATOM   1341 N NE1 . TRP A 1 158 ? -10.844 11.936  2.082   1.00 14.55 ?  158 TRP A NE1 1 
ATOM   1342 C CE2 . TRP A 1 158 ? -9.722  11.150  2.031   1.00 14.84 ?  158 TRP A CE2 1 
ATOM   1343 C CE3 . TRP A 1 158 ? -7.502  11.138  2.975   1.00 16.09 ?  158 TRP A CE3 1 
ATOM   1344 C CZ2 . TRP A 1 158 ? -9.478  9.979   1.329   1.00 14.75 ?  158 TRP A CZ2 1 
ATOM   1345 C CZ3 . TRP A 1 158 ? -7.262  9.975   2.274   1.00 14.50 ?  158 TRP A CZ3 1 
ATOM   1346 C CH2 . TRP A 1 158 ? -8.239  9.405   1.467   1.00 14.77 ?  158 TRP A CH2 1 
ATOM   1347 N N   . ASP A 1 159 ? -7.596  14.464  7.761   1.00 14.21 ?  159 ASP A N   1 
ATOM   1348 C CA  . ASP A 1 159 ? -6.818  15.463  8.494   1.00 17.35 ?  159 ASP A CA  1 
ATOM   1349 C C   . ASP A 1 159 ? -5.311  15.264  8.357   1.00 17.62 ?  159 ASP A C   1 
ATOM   1350 O O   . ASP A 1 159 ? -4.559  16.244  8.359   1.00 16.62 ?  159 ASP A O   1 
ATOM   1351 C CB  . ASP A 1 159 ? -7.210  15.449  9.971   1.00 18.04 ?  159 ASP A CB  1 
ATOM   1352 C CG  . ASP A 1 159 ? -8.566  16.088  10.228  1.00 23.49 ?  159 ASP A CG  1 
ATOM   1353 O OD1 . ASP A 1 159 ? -9.273  16.433  9.253   1.00 25.06 ?  159 ASP A OD1 1 
ATOM   1354 O OD2 . ASP A 1 159 ? -8.925  16.234  11.414  1.00 31.08 -1 159 ASP A OD2 1 
ATOM   1355 N N   . ALA A 1 160 ? -4.844  14.022  8.266   1.00 12.85 ?  160 ALA A N   1 
ATOM   1356 C CA  . ALA A 1 160 ? -3.408  13.775  8.173   1.00 15.19 ?  160 ALA A CA  1 
ATOM   1357 C C   . ALA A 1 160 ? -2.829  14.084  6.797   1.00 19.17 ?  160 ALA A C   1 
ATOM   1358 O O   . ALA A 1 160 ? -1.597  14.100  6.654   1.00 17.72 ?  160 ALA A O   1 
ATOM   1359 C CB  . ALA A 1 160 ? -3.096  12.324  8.557   1.00 13.65 ?  160 ALA A CB  1 
ATOM   1360 N N   . TYR A 1 161 ? -3.671  14.318  5.793   1.00 15.03 ?  161 TYR A N   1 
ATOM   1361 C CA  . TYR A 1 161 ? -3.206  14.587  4.430   1.00 15.95 ?  161 TYR A CA  1 
ATOM   1362 C C   . TYR A 1 161 ? -3.545  16.002  3.977   1.00 27.58 ?  161 TYR A C   1 
ATOM   1363 O O   . TYR A 1 161 ? -3.014  16.471  2.965   1.00 23.30 ?  161 TYR A O   1 
ATOM   1364 C CB  . TYR A 1 161 ? -3.782  13.560  3.452   1.00 14.76 ?  161 TYR A CB  1 
ATOM   1365 C CG  . TYR A 1 161 ? -3.213  12.176  3.660   1.00 11.33 ?  161 TYR A CG  1 
ATOM   1366 C CD1 . TYR A 1 161 ? -3.783  11.305  4.582   1.00 12.46 ?  161 TYR A CD1 1 
ATOM   1367 C CD2 . TYR A 1 161 ? -2.079  11.751  2.962   1.00 11.69 ?  161 TYR A CD2 1 
ATOM   1368 C CE1 . TYR A 1 161 ? -3.267  10.059  4.784   1.00 12.66 ?  161 TYR A CE1 1 
ATOM   1369 C CE2 . TYR A 1 161 ? -1.555  10.506  3.163   1.00 12.40 ?  161 TYR A CE2 1 
ATOM   1370 C CZ  . TYR A 1 161 ? -2.138  9.667   4.085   1.00 11.30 ?  161 TYR A CZ  1 
ATOM   1371 O OH  . TYR A 1 161 ? -1.617  8.424   4.276   1.00 12.78 ?  161 TYR A OH  1 
HETATM 1372 C C1  . BNZ B 2 .   ? -7.385  -4.003  4.437   1.00 13.57 ?  201 BNZ A C1  1 
HETATM 1373 C C2  . BNZ B 2 .   ? -8.732  -4.305  4.472   1.00 13.73 ?  201 BNZ A C2  1 
HETATM 1374 C C3  . BNZ B 2 .   ? -9.505  -3.896  5.537   1.00 12.34 ?  201 BNZ A C3  1 
HETATM 1375 C C4  . BNZ B 2 .   ? -8.937  -3.195  6.583   1.00 12.61 ?  201 BNZ A C4  1 
HETATM 1376 C C5  . BNZ B 2 .   ? -7.586  -2.880  6.555   1.00 12.53 ?  201 BNZ A C5  1 
HETATM 1377 C C6  . BNZ B 2 .   ? -6.813  -3.298  5.487   1.00 15.10 ?  201 BNZ A C6  1 
HETATM 1378 O O   . HOH C 3 .   ? -9.199  17.682  7.301   1.00 38.30 ?  301 HOH A O   1 
HETATM 1379 O O   . HOH C 3 .   ? 14.132  -5.741  -21.902 1.00 35.71 ?  302 HOH A O   1 
HETATM 1380 O O   . HOH C 3 .   ? -3.017  -8.506  14.996  1.00 22.88 ?  303 HOH A O   1 
HETATM 1381 O O   . HOH C 3 .   ? 7.579   6.408   -6.126  1.00 22.60 ?  304 HOH A O   1 
HETATM 1382 O O   . HOH C 3 .   ? 22.184  -4.142  -6.315  1.00 17.45 ?  305 HOH A O   1 
HETATM 1383 O O   . HOH C 3 .   ? -11.760 -10.771 8.730   1.00 29.08 ?  306 HOH A O   1 
HETATM 1384 O O   . HOH C 3 .   ? 9.218   -0.201  5.170   1.00 23.98 ?  307 HOH A O   1 
HETATM 1385 O O   . HOH C 3 .   ? -18.714 -8.193  2.136   1.00 28.01 ?  308 HOH A O   1 
HETATM 1386 O O   . HOH C 3 .   ? 14.377  -4.593  3.842   1.00 31.15 ?  309 HOH A O   1 
HETATM 1387 O O   . HOH C 3 .   ? -8.218  10.888  17.007  1.00 33.12 ?  310 HOH A O   1 
HETATM 1388 O O   . HOH C 3 .   ? -7.793  17.000  -2.040  1.00 38.42 ?  311 HOH A O   1 
HETATM 1389 O O   . HOH C 3 .   ? 15.904  5.559   -2.852  1.00 26.87 ?  312 HOH A O   1 
HETATM 1390 O O   . HOH C 3 .   ? -6.738  -10.444 -7.491  1.00 33.70 ?  313 HOH A O   1 
HETATM 1391 O O   . HOH C 3 .   ? -4.823  -3.460  9.000   1.00 25.66 ?  314 HOH A O   1 
HETATM 1392 O O   . HOH C 3 .   ? -14.783 -10.629 9.649   1.00 30.30 ?  315 HOH A O   1 
HETATM 1393 O O   . HOH C 3 .   ? 0.347   -10.406 -0.744  1.00 34.00 ?  316 HOH A O   1 
HETATM 1394 O O   . HOH C 3 .   ? -0.924  14.122  -13.908 1.00 37.10 ?  317 HOH A O   1 
HETATM 1395 O O   . HOH C 3 .   ? -4.518  -6.746  -2.784  1.00 30.16 ?  318 HOH A O   1 
HETATM 1396 O O   . HOH C 3 .   ? -11.759 -2.167  -10.608 1.00 23.77 ?  319 HOH A O   1 
HETATM 1397 O O   . HOH C 3 .   ? -1.810  9.743   -17.179 1.00 21.16 ?  320 HOH A O   1 
HETATM 1398 O O   . HOH C 3 .   ? -1.667  12.184  12.412  1.00 24.41 ?  321 HOH A O   1 
HETATM 1399 O O   . HOH C 3 .   ? 8.368   -0.361  -3.479  1.00 16.03 ?  322 HOH A O   1 
HETATM 1400 O O   . HOH C 3 .   ? 7.669   -6.942  -11.321 1.00 23.98 ?  323 HOH A O   1 
HETATM 1401 O O   . HOH C 3 .   ? 1.712   7.112   16.719  1.00 22.24 ?  324 HOH A O   1 
HETATM 1402 O O   . HOH C 3 .   ? -17.591 -2.317  18.929  1.00 19.94 ?  325 HOH A O   1 
HETATM 1403 O O   . HOH C 3 .   ? -4.991  18.584  9.494   1.00 33.06 ?  326 HOH A O   1 
HETATM 1404 O O   . HOH C 3 .   ? 7.607   9.531   13.734  1.00 24.35 ?  327 HOH A O   1 
HETATM 1405 O O   . HOH C 3 .   ? 15.144  -5.079  -5.317  1.00 17.19 ?  328 HOH A O   1 
HETATM 1406 O O   . HOH C 3 .   ? -15.629 8.767   6.965   1.00 17.74 ?  329 HOH A O   1 
HETATM 1407 O O   . HOH C 3 .   ? -0.411  -2.233  -19.343 1.00 14.22 ?  330 HOH A O   1 
HETATM 1408 O O   . HOH C 3 .   ? -11.690 17.043  10.177  1.00 33.97 ?  331 HOH A O   1 
HETATM 1409 O O   . HOH C 3 .   ? 1.089   9.121   -23.349 1.00 34.65 ?  332 HOH A O   1 
HETATM 1410 O O   . HOH C 3 .   ? 9.178   13.132  11.789  1.00 20.18 ?  333 HOH A O   1 
HETATM 1411 O O   . HOH C 3 .   ? -3.219  10.826  17.088  1.00 37.77 ?  334 HOH A O   1 
HETATM 1412 O O   . HOH C 3 .   ? 8.351   1.799   18.932  1.00 33.30 ?  335 HOH A O   1 
HETATM 1413 O O   . HOH C 3 .   ? 8.502   -2.704  -0.342  1.00 26.20 ?  336 HOH A O   1 
HETATM 1414 O O   . HOH C 3 .   ? 6.517   -4.890  -12.458 1.00 26.83 ?  337 HOH A O   1 
HETATM 1415 O O   . HOH C 3 .   ? 8.903   12.219  7.710   1.00 22.24 ?  338 HOH A O   1 
HETATM 1416 O O   . HOH C 3 .   ? 11.584  10.222  -18.064 1.00 25.97 ?  339 HOH A O   1 
HETATM 1417 O O   . HOH C 3 .   ? 4.298   3.495   -23.219 1.00 23.64 ?  340 HOH A O   1 
HETATM 1418 O O   . HOH C 3 .   ? 5.710   8.360   2.841   1.00 18.33 ?  341 HOH A O   1 
HETATM 1419 O O   . HOH C 3 .   ? 18.743  5.003   -21.541 1.00 35.63 ?  342 HOH A O   1 
HETATM 1420 O O   . HOH C 3 .   ? -11.388 -10.636 -12.974 1.00 32.15 ?  343 HOH A O   1 
HETATM 1421 O O   . HOH C 3 .   ? 14.522  -1.027  -18.146 1.00 18.92 ?  344 HOH A O   1 
HETATM 1422 O O   . HOH C 3 .   ? 6.667   11.493  15.365  1.00 29.66 ?  345 HOH A O   1 
HETATM 1423 O O   . HOH C 3 .   ? 15.342  -9.970  -1.542  1.00 35.39 ?  346 HOH A O   1 
HETATM 1424 O O   . HOH C 3 .   ? 4.862   1.665   18.033  1.00 27.31 ?  347 HOH A O   1 
HETATM 1425 O O   . HOH C 3 .   ? 23.923  -7.194  -12.215 1.00 40.68 ?  348 HOH A O   1 
HETATM 1426 O O   . HOH C 3 .   ? 6.642   7.477   16.031  1.00 34.26 ?  349 HOH A O   1 
HETATM 1427 O O   . HOH C 3 .   ? -17.205 3.634   9.544   1.00 17.92 ?  350 HOH A O   1 
HETATM 1428 O O   . HOH C 3 .   ? -15.823 -1.010  10.289  1.00 12.03 ?  351 HOH A O   1 
HETATM 1429 O O   . HOH C 3 .   ? -10.020 -5.134  -10.776 1.00 27.80 ?  352 HOH A O   1 
HETATM 1430 O O   . HOH C 3 .   ? 6.645   15.604  -5.976  1.00 43.25 ?  353 HOH A O   1 
HETATM 1431 O O   . HOH C 3 .   ? 4.849   8.238   -22.522 1.00 25.93 ?  354 HOH A O   1 
HETATM 1432 O O   . HOH C 3 .   ? -1.558  10.400  -21.717 1.00 31.01 ?  355 HOH A O   1 
HETATM 1433 O O   . HOH C 3 .   ? 4.710   12.476  11.888  1.00 19.42 ?  356 HOH A O   1 
HETATM 1434 O O   . HOH C 3 .   ? 17.810  -4.024  -4.312  1.00 21.47 ?  357 HOH A O   1 
HETATM 1435 O O   . HOH C 3 .   ? 4.597   -3.863  -26.128 1.00 32.01 ?  358 HOH A O   1 
HETATM 1436 O O   . HOH C 3 .   ? -3.876  -1.420  -18.631 1.00 23.58 ?  359 HOH A O   1 
HETATM 1437 O O   . HOH C 3 .   ? -9.706  15.387  -4.139  1.00 20.15 ?  360 HOH A O   1 
HETATM 1438 O O   . HOH C 3 .   ? 7.143   6.400   -23.663 1.00 30.31 ?  361 HOH A O   1 
HETATM 1439 O O   . HOH C 3 .   ? -7.516  13.660  -7.861  1.00 17.86 ?  362 HOH A O   1 
HETATM 1440 O O   . HOH C 3 .   ? -17.657 -7.510  18.795  1.00 36.61 ?  363 HOH A O   1 
HETATM 1441 O O   . HOH C 3 .   ? 5.686   -0.445  -3.423  1.00 19.65 ?  364 HOH A O   1 
HETATM 1442 O O   . HOH C 3 .   ? 11.329  2.281   16.188  1.00 18.72 ?  365 HOH A O   1 
HETATM 1443 O O   . HOH C 3 .   ? -9.068  -7.677  18.233  0.72 19.20 ?  366 HOH A O   1 
HETATM 1444 O O   . HOH C 3 .   ? -13.033 8.416   15.731  1.00 17.17 ?  367 HOH A O   1 
HETATM 1445 O O   . HOH C 3 .   ? -2.836  7.056   -12.072 1.00 20.78 ?  368 HOH A O   1 
HETATM 1446 O O   . HOH C 3 .   ? -11.270 -6.668  19.562  0.82 21.93 ?  369 HOH A O   1 
HETATM 1447 O O   . HOH C 3 .   ? 0.255   14.463  8.639   1.00 18.17 ?  370 HOH A O   1 
HETATM 1448 O O   . HOH C 3 .   ? 4.900   0.816   -24.143 1.00 28.93 ?  371 HOH A O   1 
HETATM 1449 O O   . HOH C 3 .   ? -16.980 2.032   18.990  1.00 18.47 ?  372 HOH A O   1 
HETATM 1450 O O   . HOH C 3 .   ? 5.106   0.845   -1.058  1.00 20.96 ?  373 HOH A O   1 
HETATM 1451 O O   . HOH C 3 .   ? 0.478   12.945  -16.958 1.00 31.04 ?  374 HOH A O   1 
HETATM 1452 O O   . HOH C 3 .   ? -0.198  -4.641  -2.936  1.00 31.82 ?  375 HOH A O   1 
HETATM 1453 O O   . HOH C 3 .   ? 2.431   2.378   -8.990  1.00 12.64 ?  376 HOH A O   1 
HETATM 1454 O O   . HOH C 3 .   ? 2.851   11.630  10.146  1.00 14.31 ?  377 HOH A O   1 
HETATM 1455 O O   . HOH C 3 .   ? -19.057 -3.235  11.213  1.00 17.98 ?  378 HOH A O   1 
HETATM 1456 O O   . HOH C 3 .   ? -6.805  -11.742 -2.545  0.95 23.39 ?  379 HOH A O   1 
HETATM 1457 O O   . HOH C 3 .   ? 17.174  6.720   -8.919  1.00 26.11 ?  380 HOH A O   1 
HETATM 1458 O O   . HOH C 3 .   ? 6.903   -6.483  -14.447 1.00 20.09 ?  381 HOH A O   1 
HETATM 1459 O O   . HOH C 3 .   ? -6.265  11.497  7.738   1.00 15.07 ?  382 HOH A O   1 
HETATM 1460 O O   . HOH C 3 .   ? -13.981 -9.560  -7.106  1.00 36.94 ?  383 HOH A O   1 
HETATM 1461 O O   . HOH C 3 .   ? -4.837  -4.069  -12.111 1.00 31.45 ?  384 HOH A O   1 
HETATM 1462 O O   . HOH C 3 .   ? 10.314  4.300   14.401  1.00 16.04 ?  385 HOH A O   1 
HETATM 1463 O O   . HOH C 3 .   ? 18.150  4.718   -11.944 1.00 28.57 ?  386 HOH A O   1 
HETATM 1464 O O   . HOH C 3 .   ? 3.592   -0.648  -3.759  1.00 26.94 ?  387 HOH A O   1 
HETATM 1465 O O   . HOH C 3 .   ? 21.292  -1.465  -18.677 1.00 45.06 ?  388 HOH A O   1 
HETATM 1466 O O   . HOH C 3 .   ? -5.802  -1.460  21.425  1.00 17.39 ?  389 HOH A O   1 
HETATM 1467 O O   . HOH C 3 .   ? -19.310 -3.756  21.386  1.00 28.55 ?  390 HOH A O   1 
HETATM 1468 O O   . HOH C 3 .   ? -14.333 -10.757 -4.656  1.00 40.96 ?  391 HOH A O   1 
HETATM 1469 O O   . HOH C 3 .   ? -8.961  6.621   23.601  1.00 29.23 ?  392 HOH A O   1 
HETATM 1470 O O   . HOH C 3 .   ? -8.316  17.612  -6.333  1.00 32.03 ?  393 HOH A O   1 
HETATM 1471 O O   . HOH C 3 .   ? 3.907   3.979   -10.843 1.00 12.27 ?  394 HOH A O   1 
HETATM 1472 O O   . HOH C 3 .   ? -1.642  4.751   17.156  1.00 16.15 ?  395 HOH A O   1 
HETATM 1473 O O   . HOH C 3 .   ? 22.764  -5.199  -9.614  1.00 26.97 ?  396 HOH A O   1 
HETATM 1474 O O   . HOH C 3 .   ? -10.055 9.609   18.254  1.00 29.06 ?  397 HOH A O   1 
HETATM 1475 O O   . HOH C 3 .   ? 0.088   -4.592  -9.471  1.00 27.22 ?  398 HOH A O   1 
HETATM 1476 O O   . HOH C 3 .   ? 14.577  7.891   -9.289  1.00 27.73 ?  399 HOH A O   1 
HETATM 1477 O O   . HOH C 3 .   ? 15.704  -5.619  -19.803 1.00 30.53 ?  400 HOH A O   1 
HETATM 1478 O O   . HOH C 3 .   ? 16.068  -0.632  4.198   1.00 17.03 ?  401 HOH A O   1 
HETATM 1479 O O   . HOH C 3 .   ? 2.060   13.684  -9.693  1.00 24.38 ?  402 HOH A O   1 
HETATM 1480 O O   . HOH C 3 .   ? 5.576   12.611  -1.920  1.00 30.34 ?  403 HOH A O   1 
HETATM 1481 O O   . HOH C 3 .   ? -12.683 7.167   18.202  1.00 16.31 ?  404 HOH A O   1 
HETATM 1482 O O   . HOH C 3 .   ? -1.332  7.259   -17.945 1.00 19.34 ?  405 HOH A O   1 
HETATM 1483 O O   . HOH C 3 .   ? 0.480   1.646   20.191  1.00 17.44 ?  406 HOH A O   1 
HETATM 1484 O O   . HOH C 3 .   ? -7.330  -14.386 -1.625  1.00 28.52 ?  407 HOH A O   1 
HETATM 1485 O O   . HOH C 3 .   ? 17.438  4.881   -14.469 1.00 31.64 ?  408 HOH A O   1 
HETATM 1486 O O   . HOH C 3 .   ? 4.277   -2.644  -2.640  1.00 28.57 ?  409 HOH A O   1 
HETATM 1487 O O   . HOH C 3 .   ? -14.899 12.249  6.213   1.00 20.61 ?  410 HOH A O   1 
HETATM 1488 O O   . HOH C 3 .   ? -10.702 7.513   -3.280  1.00 16.76 ?  411 HOH A O   1 
HETATM 1489 O O   . HOH C 3 .   ? -1.497  0.963   -24.173 1.00 30.83 ?  412 HOH A O   1 
HETATM 1490 O O   . HOH C 3 .   ? 0.176   2.049   4.478   1.00 14.45 ?  413 HOH A O   1 
HETATM 1491 O O   . HOH C 3 .   ? 1.133   -2.426  -12.852 1.00 17.73 ?  414 HOH A O   1 
HETATM 1492 O O   . HOH C 3 .   ? -9.967  -10.518 12.464  1.00 25.78 ?  415 HOH A O   1 
HETATM 1493 O O   . HOH C 3 .   ? 13.504  0.064   7.024   1.00 21.95 ?  416 HOH A O   1 
HETATM 1494 O O   . HOH C 3 .   ? 1.910   -0.773  -19.177 1.00 19.20 ?  417 HOH A O   1 
HETATM 1495 O O   . HOH C 3 .   ? 6.479   4.485   3.028   1.00 24.12 ?  418 HOH A O   1 
HETATM 1496 O O   . HOH C 3 .   ? 17.697  -6.390  -18.034 1.00 23.53 ?  419 HOH A O   1 
HETATM 1497 O O   . HOH C 3 .   ? 0.731   11.824  -10.651 1.00 27.91 ?  420 HOH A O   1 
HETATM 1498 O O   . HOH C 3 .   ? -7.199  9.090   20.390  1.00 36.26 ?  421 HOH A O   1 
HETATM 1499 O O   . HOH C 3 .   ? 1.908   -3.672  -16.671 1.00 12.68 ?  422 HOH A O   1 
HETATM 1500 O O   . HOH C 3 .   ? 4.532   -7.088  -21.690 1.00 13.81 ?  423 HOH A O   1 
HETATM 1501 O O   . HOH C 3 .   ? 11.733  2.406   -25.711 1.00 29.95 ?  424 HOH A O   1 
HETATM 1502 O O   . HOH C 3 .   ? 6.078   -0.887  18.520  1.00 20.64 ?  425 HOH A O   1 
HETATM 1503 O O   . HOH C 3 .   ? 21.810  -0.138  -7.809  1.00 30.41 ?  426 HOH A O   1 
HETATM 1504 O O   . HOH C 3 .   ? -4.595  -13.663 3.450   1.00 35.39 ?  427 HOH A O   1 
HETATM 1505 O O   . HOH C 3 .   ? -1.347  14.183  -3.969  1.00 19.69 ?  428 HOH A O   1 
HETATM 1506 O O   . HOH C 3 .   ? 8.247   5.205   -2.533  1.00 12.64 ?  429 HOH A O   1 
HETATM 1507 O O   . HOH C 3 .   ? -13.447 -12.844 -0.900  1.00 34.51 ?  430 HOH A O   1 
HETATM 1508 O O   . HOH C 3 .   ? -2.452  17.346  6.711   1.00 35.38 ?  431 HOH A O   1 
HETATM 1509 O O   . HOH C 3 .   ? -5.867  -2.789  -13.526 1.00 28.58 ?  432 HOH A O   1 
HETATM 1510 O O   . HOH C 3 .   ? 12.232  11.515  -11.490 1.00 26.20 ?  433 HOH A O   1 
HETATM 1511 O O   . HOH C 3 .   ? -13.908 11.806  13.320  1.00 28.60 ?  434 HOH A O   1 
HETATM 1512 O O   . HOH C 3 .   ? 17.195  -6.477  -2.846  1.00 26.71 ?  435 HOH A O   1 
HETATM 1513 O O   . HOH C 3 .   ? -11.870 14.966  5.844   1.00 17.22 ?  436 HOH A O   1 
HETATM 1514 O O   . HOH C 3 .   ? 7.395   -0.152  3.078   1.00 26.92 ?  437 HOH A O   1 
HETATM 1515 O O   . HOH C 3 .   ? 7.719   2.419   -2.732  1.00 19.92 ?  438 HOH A O   1 
HETATM 1516 O O   . HOH C 3 .   ? 4.249   11.652  -19.729 1.00 24.01 ?  439 HOH A O   1 
HETATM 1517 O O   . HOH C 3 .   ? -8.978  -15.638 0.837   1.00 32.47 ?  440 HOH A O   1 
HETATM 1518 O O   . HOH C 3 .   ? -5.786  5.713   19.464  1.00 19.05 ?  441 HOH A O   1 
HETATM 1519 O O   . HOH C 3 .   ? -1.327  -0.385  24.873  1.00 36.19 ?  442 HOH A O   1 
HETATM 1520 O O   . HOH C 3 .   ? 2.693   13.532  8.158   1.00 16.20 ?  443 HOH A O   1 
HETATM 1521 O O   . HOH C 3 .   ? 23.043  -2.042  -5.204  1.00 26.02 ?  444 HOH A O   1 
HETATM 1522 O O   . HOH C 3 .   ? 17.008  -5.034  0.726   1.00 34.36 ?  445 HOH A O   1 
HETATM 1523 O O   . HOH C 3 .   ? -1.706  8.328   14.189  1.00 17.59 ?  446 HOH A O   1 
HETATM 1524 O O   . HOH C 3 .   ? 12.952  5.156   -21.625 1.00 21.06 ?  447 HOH A O   1 
HETATM 1525 O O   . HOH C 3 .   ? -15.535 -13.614 3.584   1.00 37.34 ?  448 HOH A O   1 
HETATM 1526 O O   . HOH C 3 .   ? 12.449  7.430   -2.781  1.00 26.26 ?  449 HOH A O   1 
HETATM 1527 O O   . HOH C 3 .   ? 11.597  -0.831  -27.179 1.00 32.26 ?  450 HOH A O   1 
HETATM 1528 O O   . HOH C 3 .   ? 8.783   -11.838 -0.786  1.00 44.91 ?  451 HOH A O   1 
HETATM 1529 O O   . HOH C 3 .   ? -20.320 -1.583  9.132   0.70 13.78 ?  452 HOH A O   1 
HETATM 1530 O O   . HOH C 3 .   ? 19.383  -2.721  -1.419  1.00 24.37 ?  453 HOH A O   1 
HETATM 1531 O O   . HOH C 3 .   ? -18.694 -10.228 8.875   1.00 34.47 ?  454 HOH A O   1 
HETATM 1532 O O   . HOH C 3 .   ? -11.329 13.767  -5.508  1.00 19.70 ?  455 HOH A O   1 
HETATM 1533 O O   . HOH C 3 .   ? 17.955  4.479   -4.878  1.00 23.03 ?  456 HOH A O   1 
HETATM 1534 O O   . HOH C 3 .   ? 14.713  -2.484  5.736   1.00 29.82 ?  457 HOH A O   1 
HETATM 1535 O O   . HOH C 3 .   ? -13.853 -7.384  23.259  1.00 39.27 ?  458 HOH A O   1 
HETATM 1536 O O   . HOH C 3 .   ? -7.858  -3.058  22.754  1.00 26.20 ?  459 HOH A O   1 
HETATM 1537 O O   . HOH C 3 .   ? -3.658  6.591   17.723  1.00 19.88 ?  460 HOH A O   1 
HETATM 1538 O O   . HOH C 3 .   ? 10.911  -10.392 -6.370  1.00 33.36 ?  461 HOH A O   1 
HETATM 1539 O O   . HOH C 3 .   ? 16.641  3.152   -0.252  1.00 16.73 ?  462 HOH A O   1 
HETATM 1540 O O   . HOH C 3 .   ? 7.415   12.596  -18.344 1.00 23.57 ?  463 HOH A O   1 
HETATM 1541 O O   . HOH C 3 .   ? -8.667  -15.568 -3.800  1.00 37.66 ?  464 HOH A O   1 
HETATM 1542 O O   . HOH C 3 .   ? 5.911   10.796  1.829   1.00 31.18 ?  465 HOH A O   1 
HETATM 1543 O O   . HOH C 3 .   ? -17.897 -6.167  24.012  1.00 38.51 ?  466 HOH A O   1 
HETATM 1544 O O   . HOH C 3 .   ? 11.399  7.268   -21.150 1.00 26.64 ?  467 HOH A O   1 
HETATM 1545 O O   . HOH C 3 .   ? 7.097   -0.281  6.907   1.00 19.11 ?  468 HOH A O   1 
HETATM 1546 O O   . HOH C 3 .   ? -3.225  17.164  0.033   1.00 30.77 ?  469 HOH A O   1 
HETATM 1547 O O   . HOH C 3 .   ? 8.663   12.305  -5.147  1.00 23.15 ?  470 HOH A O   1 
HETATM 1548 O O   . HOH C 3 .   ? 8.302   14.239  -8.361  1.00 36.42 ?  471 HOH A O   1 
HETATM 1549 O O   . HOH C 3 .   ? 11.605  1.652   6.175   1.00 26.34 ?  472 HOH A O   1 
HETATM 1550 O O   . HOH C 3 .   ? -19.484 -3.235  14.337  1.00 31.27 ?  473 HOH A O   1 
HETATM 1551 O O   . HOH C 3 .   ? 6.518   12.526  6.188   1.00 26.72 ?  474 HOH A O   1 
HETATM 1552 O O   . HOH C 3 .   ? 20.460  -3.965  -4.264  1.00 24.35 ?  475 HOH A O   1 
HETATM 1553 O O   . HOH C 3 .   ? -19.916 -0.864  16.295  1.00 28.77 ?  476 HOH A O   1 
HETATM 1554 O O   . HOH C 3 .   ? -15.658 10.836  10.111  1.00 25.97 ?  477 HOH A O   1 
HETATM 1555 O O   . HOH C 3 .   ? 19.101  3.179   -15.742 1.00 39.36 ?  478 HOH A O   1 
HETATM 1556 O O   . HOH C 3 .   ? -3.461  19.019  4.701   1.00 35.62 ?  479 HOH A O   1 
HETATM 1557 O O   . HOH C 3 .   ? -12.000 1.957   24.561  1.00 29.15 ?  480 HOH A O   1 
HETATM 1558 O O   . HOH C 3 .   ? -20.929 0.822   1.590   1.00 29.02 ?  481 HOH A O   1 
HETATM 1559 O O   . HOH C 3 .   ? 6.664   14.354  -4.185  1.00 37.38 ?  482 HOH A O   1 
HETATM 1560 O O   . HOH C 3 .   ? -3.211  16.102  -2.923  1.00 28.51 ?  483 HOH A O   1 
HETATM 1561 O O   . HOH C 3 .   ? -13.907 11.757  1.468   1.00 24.83 ?  484 HOH A O   1 
HETATM 1562 O O   . HOH C 3 .   ? -0.647  -3.085  -5.502  1.00 29.69 ?  485 HOH A O   1 
HETATM 1563 O O   . HOH C 3 .   ? -3.480  -3.298  21.411  1.00 12.56 ?  486 HOH A O   1 
HETATM 1564 O O   . HOH C 3 .   ? 7.170   3.605   0.607   1.00 25.41 ?  487 HOH A O   1 
HETATM 1565 O O   . HOH C 3 .   ? 7.470   3.425   17.714  1.00 36.02 ?  488 HOH A O   1 
HETATM 1566 O O   . HOH C 3 .   ? 3.922   -2.517  -6.098  1.00 20.54 ?  489 HOH A O   1 
HETATM 1567 O O   . HOH C 3 .   ? 6.549   -4.939  7.701   1.00 29.89 ?  490 HOH A O   1 
HETATM 1568 O O   . HOH C 3 .   ? -12.180 2.952   20.588  1.00 15.05 ?  491 HOH A O   1 
HETATM 1569 O O   . HOH C 3 .   ? 1.412   -2.229  -4.936  1.00 32.70 ?  492 HOH A O   1 
HETATM 1570 O O   . HOH C 3 .   ? 17.860  -5.210  -22.469 1.00 43.62 ?  493 HOH A O   1 
HETATM 1571 O O   . HOH C 3 .   ? -15.605 -10.303 18.658  1.00 39.68 ?  494 HOH A O   1 
HETATM 1572 O O   . HOH C 3 .   ? -7.759  -11.147 -12.389 1.00 33.38 ?  495 HOH A O   1 
HETATM 1573 O O   . HOH C 3 .   ? -2.919  11.769  -7.555  1.00 20.81 ?  496 HOH A O   1 
HETATM 1574 O O   . HOH C 3 .   ? -3.999  16.157  -7.336  1.00 40.44 ?  497 HOH A O   1 
HETATM 1575 O O   . HOH C 3 .   ? 2.418   5.365   18.514  1.00 29.77 ?  498 HOH A O   1 
HETATM 1576 O O   . HOH C 3 .   ? -4.501  19.528  2.774   1.00 41.59 ?  499 HOH A O   1 
HETATM 1577 O O   . HOH C 3 .   ? 13.839  10.165  -10.561 1.00 32.41 ?  500 HOH A O   1 
HETATM 1578 O O   . HOH C 3 .   ? 10.118  7.541   -23.521 1.00 31.40 ?  501 HOH A O   1 
HETATM 1579 O O   . HOH C 3 .   ? 18.802  2.428   -8.082  1.00 27.39 ?  502 HOH A O   1 
HETATM 1580 O O   . HOH C 3 .   ? -1.684  -6.871  -2.969  1.00 38.57 ?  503 HOH A O   1 
HETATM 1581 O O   . HOH C 3 .   ? -0.328  3.605   -23.463 1.00 32.11 ?  504 HOH A O   1 
HETATM 1582 O O   . HOH C 3 .   ? 6.984   -0.498  0.445   1.00 28.56 ?  505 HOH A O   1 
HETATM 1583 O O   . HOH C 3 .   ? -10.240 4.674   -1.502  1.00 27.02 ?  506 HOH A O   1 
HETATM 1584 O O   . HOH C 3 .   ? -7.462  2.753   22.999  1.00 22.80 ?  507 HOH A O   1 
HETATM 1585 O O   . HOH C 3 .   ? 18.895  8.744   -16.607 1.00 46.71 ?  508 HOH A O   1 
HETATM 1586 O O   . HOH C 3 .   ? -1.023  -4.696  -11.410 1.00 32.03 ?  509 HOH A O   1 
HETATM 1587 O O   . HOH C 3 .   ? -11.701 -9.335  11.232  1.00 28.77 ?  510 HOH A O   1 
HETATM 1588 O O   . HOH C 3 .   ? -14.909 -10.801 16.501  1.00 49.26 ?  511 HOH A O   1 
HETATM 1589 O O   . HOH C 3 .   ? 11.911  -7.832  6.985   1.00 34.77 ?  512 HOH A O   1 
HETATM 1590 O O   . HOH C 3 .   ? 1.291   5.538   -20.732 1.00 23.66 ?  513 HOH A O   1 
HETATM 1591 O O   . HOH C 3 .   ? -12.653 4.021   -1.439  1.00 29.30 ?  514 HOH A O   1 
HETATM 1592 O O   . HOH C 3 .   ? -14.210 -13.226 -5.362  1.00 42.31 ?  515 HOH A O   1 
HETATM 1593 O O   . HOH C 3 .   ? -5.702  -10.671 -11.460 1.00 39.13 ?  516 HOH A O   1 
HETATM 1594 O O   . HOH C 3 .   ? 3.528   15.086  -2.739  1.00 30.79 ?  517 HOH A O   1 
HETATM 1595 O O   . HOH C 3 .   ? -2.398  11.499  -19.269 1.00 29.09 ?  518 HOH A O   1 
HETATM 1596 O O   . HOH C 3 .   ? 5.779   0.888   -26.130 1.00 37.65 ?  519 HOH A O   1 
HETATM 1597 O O   . HOH C 3 .   ? -17.573 -6.927  14.214  1.00 25.99 ?  520 HOH A O   1 
HETATM 1598 O O   . HOH C 3 .   ? -3.338  14.637  11.665  1.00 29.08 ?  521 HOH A O   1 
HETATM 1599 O O   . HOH C 3 .   ? 12.816  4.739   -26.333 1.00 47.08 ?  522 HOH A O   1 
HETATM 1600 O O   . HOH C 3 .   ? -17.625 -10.741 2.782   1.00 34.74 ?  523 HOH A O   1 
HETATM 1601 O O   . HOH C 3 .   ? 1.828   16.501  -6.378  1.00 31.64 ?  524 HOH A O   1 
HETATM 1602 O O   . HOH C 3 .   ? 10.154  5.192   -0.683  1.00 31.02 ?  525 HOH A O   1 
HETATM 1603 O O   . HOH C 3 .   ? 4.709   11.062  -22.487 1.00 34.05 ?  526 HOH A O   1 
HETATM 1604 O O   . HOH C 3 .   ? -10.954 5.481   23.943  1.00 33.85 ?  527 HOH A O   1 
HETATM 1605 O O   . HOH C 3 .   ? 1.165   -3.663  -6.591  1.00 37.04 ?  528 HOH A O   1 
HETATM 1606 O O   . HOH C 3 .   ? -12.921 16.305  7.945   1.00 31.88 ?  529 HOH A O   1 
HETATM 1607 O O   . HOH C 3 .   ? 6.106   -2.910  6.284   1.00 31.01 ?  530 HOH A O   1 
HETATM 1608 O O   . HOH C 3 .   ? 6.887   -3.265  4.130   1.00 43.63 ?  531 HOH A O   1 
HETATM 1609 O O   . HOH C 3 .   ? 2.140   -3.034  25.489  1.00 38.26 ?  532 HOH A O   1 
HETATM 1610 O O   . HOH C 3 .   ? -4.994  -11.928 -9.075  1.00 39.11 ?  533 HOH A O   1 
HETATM 1611 O O   . HOH C 3 .   ? 18.824  -2.880  2.307   1.00 32.49 ?  534 HOH A O   1 
HETATM 1612 O O   . HOH C 3 .   ? 5.742   -3.863  18.639  1.00 12.48 ?  535 HOH A O   1 
HETATM 1613 O O   . HOH C 3 .   ? 3.228   1.253   20.184  1.00 26.03 ?  536 HOH A O   1 
HETATM 1614 O O   . HOH C 3 .   ? 19.546  -3.423  -23.205 1.00 48.34 ?  537 HOH A O   1 
HETATM 1615 O O   . HOH C 3 .   ? 5.296   16.656  -4.142  1.00 37.57 ?  538 HOH A O   1 
HETATM 1616 O O   . HOH C 3 .   ? 7.630   13.653  14.006  1.00 25.33 ?  539 HOH A O   1 
HETATM 1617 O O   . HOH C 3 .   ? 14.747  5.189   -23.662 1.00 41.67 ?  540 HOH A O   1 
HETATM 1618 O O   . HOH C 3 .   ? -19.743 -9.174  6.934   1.00 28.19 ?  541 HOH A O   1 
HETATM 1619 O O   . HOH C 3 .   ? 3.504   -5.912  -10.628 1.00 23.55 ?  542 HOH A O   1 
HETATM 1620 O O   . HOH C 3 .   ? -7.668  -0.913  25.222  1.00 32.52 ?  543 HOH A O   1 
HETATM 1621 O O   . HOH C 3 .   ? 0.111   15.294  -7.994  1.00 36.04 ?  544 HOH A O   1 
HETATM 1622 O O   . HOH C 3 .   ? 1.257   15.180  -4.133  1.00 31.27 ?  545 HOH A O   1 
HETATM 1623 O O   . HOH C 3 .   ? 2.533   7.104   -22.690 1.00 34.16 ?  546 HOH A O   1 
HETATM 1624 O O   . HOH C 3 .   ? 18.660  2.202   -13.501 1.00 33.94 ?  547 HOH A O   1 
HETATM 1625 O O   . HOH C 3 .   ? -0.114  17.255  9.006   1.00 39.66 ?  548 HOH A O   1 
HETATM 1626 O O   . HOH C 3 .   ? 0.406   12.650  10.825  1.00 22.30 ?  549 HOH A O   1 
HETATM 1627 O O   . HOH C 3 .   ? -6.366  5.122   23.042  1.00 32.81 ?  550 HOH A O   1 
HETATM 1628 O O   . HOH C 3 .   ? -9.575  1.632   -9.408  1.00 43.33 ?  551 HOH A O   1 
HETATM 1629 O O   . HOH C 3 .   ? 16.953  -6.947  2.228   1.00 38.06 ?  552 HOH A O   1 
HETATM 1630 O O   . HOH C 3 .   ? 12.137  7.087   -25.624 1.00 36.22 ?  553 HOH A O   1 
HETATM 1631 O O   . HOH C 3 .   ? -14.016 13.918  4.297   1.00 19.71 ?  554 HOH A O   1 
HETATM 1632 O O   . HOH C 3 .   ? -16.355 -8.616  14.583  1.00 33.90 ?  555 HOH A O   1 
HETATM 1633 O O   . HOH C 3 .   ? -0.207  6.213   15.241  1.00 19.31 ?  556 HOH A O   1 
HETATM 1634 O O   . HOH C 3 .   ? 2.145   3.238   -21.731 1.00 24.01 ?  557 HOH A O   1 
HETATM 1635 O O   . HOH C 3 .   ? 5.525   14.852  10.685  1.00 31.23 ?  558 HOH A O   1 
HETATM 1636 O O   . HOH C 3 .   ? -6.583  -12.326 -5.361  1.00 29.77 ?  559 HOH A O   1 
HETATM 1637 O O   . HOH C 3 .   ? -1.060  10.545  -9.151  1.00 20.21 ?  560 HOH A O   1 
HETATM 1638 O O   . HOH C 3 .   ? 6.320   -6.785  -23.770 1.00 27.35 ?  561 HOH A O   1 
HETATM 1639 O O   . HOH C 3 .   ? 12.530  9.731   -20.589 1.00 27.29 ?  562 HOH A O   1 
HETATM 1640 O O   . HOH C 3 .   ? -9.270  -11.834 10.320  1.00 29.30 ?  563 HOH A O   1 
HETATM 1641 O O   . HOH C 3 .   ? 9.025   13.845  -12.134 1.00 34.09 ?  564 HOH A O   1 
HETATM 1642 O O   . HOH C 3 .   ? 0.467   1.786   22.904  1.00 35.65 ?  565 HOH A O   1 
HETATM 1643 O O   . HOH C 3 .   ? -0.119  4.426   19.502  1.00 21.63 ?  566 HOH A O   1 
HETATM 1644 O O   . HOH C 3 .   ? 13.528  10.995  -16.360 1.00 40.90 ?  567 HOH A O   1 
HETATM 1645 O O   . HOH C 3 .   ? 7.307   14.544  -16.254 1.00 33.52 ?  568 HOH A O   1 
HETATM 1646 O O   . HOH C 3 .   ? 20.482  2.188   -9.614  1.00 36.97 ?  569 HOH A O   1 
HETATM 1647 O O   . HOH C 3 .   ? -0.489  -0.710  27.173  1.00 42.81 ?  570 HOH A O   1 
HETATM 1648 O O   . HOH C 3 .   ? -5.955  0.437   23.535  1.00 23.82 ?  571 HOH A O   1 
HETATM 1649 O O   . HOH C 3 .   ? -9.504  2.877   24.589  1.00 35.77 ?  572 HOH A O   1 
HETATM 1650 O O   . HOH C 3 .   ? -15.476 -13.595 0.618   1.00 34.50 ?  573 HOH A O   1 
HETATM 1651 O O   . HOH C 3 .   ? 10.040  12.816  -18.519 1.00 36.17 ?  574 HOH A O   1 
HETATM 1652 O O   . HOH C 3 .   ? 13.117  12.495  -14.015 1.00 30.67 ?  575 HOH A O   1 
HETATM 1653 O O   . HOH C 3 .   ? -1.901  14.283  -6.628  1.00 20.97 ?  576 HOH A O   1 
HETATM 1654 O O   . HOH C 3 .   ? 7.848   6.698   4.086   1.00 16.87 ?  577 HOH A O   1 
HETATM 1655 O O   . HOH C 3 .   ? -11.282 4.280   -3.235  1.00 24.10 ?  578 HOH A O   1 
HETATM 1656 O O   . HOH C 3 .   ? 7.213   13.849  -13.476 1.00 36.87 ?  579 HOH A O   1 
HETATM 1657 O O   . HOH C 3 .   ? 2.854   5.680   -24.930 1.00 41.49 ?  580 HOH A O   1 
HETATM 1658 O O   . HOH C 3 .   ? -3.990  0.375   25.210  1.00 36.55 ?  581 HOH A O   1 
HETATM 1659 O O   . HOH C 3 .   ? 0.740   17.437  -0.029  1.00 33.29 ?  582 HOH A O   1 
HETATM 1660 O O   . HOH C 3 .   ? -7.738  -17.890 -3.127  1.00 51.96 ?  583 HOH A O   1 
HETATM 1661 O O   . HOH C 3 .   ? 3.859   -0.653  22.295  1.00 32.71 ?  584 HOH A O   1 
HETATM 1662 O O   . HOH C 3 .   ? -8.715  13.922  16.342  1.00 44.53 ?  585 HOH A O   1 
HETATM 1663 O O   . HOH C 3 .   ? -19.367 -11.268 4.927   1.00 34.71 ?  586 HOH A O   1 
HETATM 1664 O O   . HOH C 3 .   ? -14.632 15.599  9.159   1.00 49.55 ?  587 HOH A O   1 
HETATM 1665 O O   . HOH C 3 .   ? -10.574 12.743  16.627  1.00 39.12 ?  588 HOH A O   1 
HETATM 1666 O O   . HOH C 3 .   ? 0.058   17.018  -3.061  1.00 50.08 ?  589 HOH A O   1 
HETATM 1667 O O   . HOH C 3 .   ? 9.733   10.223  -24.126 1.00 35.39 ?  590 HOH A O   1 
HETATM 1668 O O   . HOH C 3 .   ? -3.568  2.497   24.990  1.00 37.10 ?  591 HOH A O   1 
HETATM 1669 O O   . HOH C 3 .   ? -0.769  6.036   21.306  1.00 36.81 ?  592 HOH A O   1 
HETATM 1670 O O   . HOH C 3 .   ? 11.503  11.328  -22.342 1.00 38.24 ?  593 HOH A O   1 
HETATM 1671 O O   . HOH C 3 .   ? 2.803   18.846  -3.610  1.00 45.01 ?  594 HOH A O   1 
HETATM 1672 O O   . HOH C 3 .   ? 10.832  14.692  -16.460 1.00 44.97 ?  595 HOH A O   1 
HETATM 1673 O O   . HOH C 3 .   ? 1.210   20.287  -4.634  1.00 56.05 ?  596 HOH A O   1 
HETATM 1674 O O   . HOH C 3 .   ? 4.161   18.496  1.139   1.00 50.32 ?  597 HOH A O   1 
HETATM 1675 O O   . HOH C 3 .   ? -19.601 -17.629 15.608  1.00 48.14 ?  598 HOH A O   1 
HETATM 1676 O O   . HOH C 3 .   ? -21.390 -17.069 14.306  1.00 45.63 ?  599 HOH A O   1 
# 
loop_
_pdbx_poly_seq_scheme.asym_id 
_pdbx_poly_seq_scheme.entity_id 
_pdbx_poly_seq_scheme.seq_id 
_pdbx_poly_seq_scheme.mon_id 
_pdbx_poly_seq_scheme.ndb_seq_num 
_pdbx_poly_seq_scheme.pdb_seq_num 
_pdbx_poly_seq_scheme.auth_seq_num 
_pdbx_poly_seq_scheme.pdb_mon_id 
_pdbx_poly_seq_scheme.auth_mon_id 
_pdbx_poly_seq_scheme.pdb_strand_id 
_pdbx_poly_seq_scheme.pdb_ins_code 
_pdbx_poly_seq_scheme.hetero 
A 1 1   MET 1   1   1   MET MET A . n 
A 1 2   ASN 2   2   2   ASN ASN A . n 
A 1 3   ILE 3   3   3   ILE ILE A . n 
A 1 4   PHE 4   4   4   PHE PHE A . n 
A 1 5   GLU 5   5   5   GLU GLU A . n 
A 1 6   MET 6   6   6   MET MET A . n 
A 1 7   LEU 7   7   7   LEU LEU A . n 
A 1 8   ARG 8   8   8   ARG ARG A . n 
A 1 9   ILE 9   9   9   ILE ILE A . n 
A 1 10  ASP 10  10  10  ASP ASP A . n 
A 1 11  GLU 11  11  11  GLU GLU A . n 
A 1 12  GLY 12  12  12  GLY GLY A . n 
A 1 13  LEU 13  13  13  LEU LEU A . n 
A 1 14  ARG 14  14  14  ARG ARG A . n 
A 1 15  LEU 15  15  15  LEU LEU A . n 
A 1 16  LYS 16  16  16  LYS LYS A . n 
A 1 17  ILE 17  17  17  ILE ILE A . n 
A 1 18  TYR 18  18  18  TYR TYR A . n 
A 1 19  LYS 19  19  19  LYS LYS A . n 
A 1 20  ASP 20  20  20  ASP ASP A . n 
A 1 21  THR 21  21  21  THR THR A . n 
A 1 22  GLU 22  22  22  GLU GLU A . n 
A 1 23  GLY 23  23  23  GLY GLY A . n 
A 1 24  TYR 24  24  24  TYR TYR A . n 
A 1 25  TYR 25  25  25  TYR TYR A . n 
A 1 26  THR 26  26  26  THR THR A . n 
A 1 27  ILE 27  27  27  ILE ILE A . n 
A 1 28  GLY 28  28  28  GLY GLY A . n 
A 1 29  ILE 29  29  29  ILE ILE A . n 
A 1 30  GLY 30  30  30  GLY GLY A . n 
A 1 31  HIS 31  31  31  HIS HIS A . n 
A 1 32  LEU 32  32  32  LEU LEU A . n 
A 1 33  LEU 33  33  33  LEU LEU A . n 
A 1 34  THR 34  34  34  THR THR A . n 
A 1 35  LYS 35  35  35  LYS LYS A . n 
A 1 36  SER 36  36  36  SER SER A . n 
A 1 37  PRO 37  37  37  PRO PRO A . n 
A 1 38  ASP 38  38  38  ASP ASP A . n 
A 1 39  LEU 39  39  39  LEU LEU A . n 
A 1 40  ASN 40  40  40  ASN ASN A . n 
A 1 41  ALA 41  41  41  ALA ALA A . n 
A 1 42  ALA 42  42  42  ALA ALA A . n 
A 1 43  LYS 43  43  43  LYS LYS A . n 
A 1 44  SER 44  44  44  SER SER A . n 
A 1 45  GLU 45  45  45  GLU GLU A . n 
A 1 46  LEU 46  46  46  LEU LEU A . n 
A 1 47  ASP 47  47  47  ASP ASP A . n 
A 1 48  LYS 48  48  48  LYS LYS A . n 
A 1 49  ALA 49  49  49  ALA ALA A . n 
A 1 50  ILE 50  50  50  ILE ILE A . n 
A 1 51  GLY 51  51  51  GLY GLY A . n 
A 1 52  ARG 52  52  52  ARG ARG A . n 
A 1 53  ASN 53  53  53  ASN ASN A . n 
A 1 54  CYS 54  54  54  CYS CYS A . n 
A 1 55  ASN 55  55  55  ASN ASN A . n 
A 1 56  GLY 56  56  56  GLY GLY A . n 
A 1 57  VAL 57  57  57  VAL VAL A . n 
A 1 58  ILE 58  58  58  ILE ILE A . n 
A 1 59  THR 59  59  59  THR THR A . n 
A 1 60  LYS 60  60  60  LYS LYS A . n 
A 1 61  ASP 61  61  61  ASP ASP A . n 
A 1 62  GLU 62  62  62  GLU GLU A . n 
A 1 63  ALA 63  63  63  ALA ALA A . n 
A 1 64  GLU 64  64  64  GLU GLU A . n 
A 1 65  LYS 65  65  65  LYS LYS A . n 
A 1 66  LEU 66  66  66  LEU LEU A . n 
A 1 67  PHE 67  67  67  PHE PHE A . n 
A 1 68  ASN 68  68  68  ASN ASN A . n 
A 1 69  GLN 69  69  69  GLN GLN A . n 
A 1 70  ASP 70  70  70  ASP ASP A . n 
A 1 71  VAL 71  71  71  VAL VAL A . n 
A 1 72  ASP 72  72  72  ASP ASP A . n 
A 1 73  ALA 73  73  73  ALA ALA A . n 
A 1 74  ALA 74  74  74  ALA ALA A . n 
A 1 75  VAL 75  75  75  VAL VAL A . n 
A 1 76  ARG 76  76  76  ARG ARG A . n 
A 1 77  GLY 77  77  77  GLY GLY A . n 
A 1 78  ILE 78  78  78  ILE ILE A . n 
A 1 79  LEU 79  79  79  LEU LEU A . n 
A 1 80  ARG 80  80  80  ARG ARG A . n 
A 1 81  ASN 81  81  81  ASN ASN A . n 
A 1 82  ALA 82  82  82  ALA ALA A . n 
A 1 83  LYS 83  83  83  LYS LYS A . n 
A 1 84  LEU 84  84  84  LEU LEU A . n 
A 1 85  LYS 85  85  85  LYS LYS A . n 
A 1 86  PRO 86  86  86  PRO PRO A . n 
A 1 87  VAL 87  87  87  VAL VAL A . n 
A 1 88  TYR 88  88  88  TYR TYR A . n 
A 1 89  ASP 89  89  89  ASP ASP A . n 
A 1 90  SER 90  90  90  SER SER A . n 
A 1 91  LEU 91  91  91  LEU LEU A . n 
A 1 92  ASP 92  92  92  ASP ASP A . n 
A 1 93  ALA 93  93  93  ALA ALA A . n 
A 1 94  VAL 94  94  94  VAL VAL A . n 
A 1 95  ARG 95  95  95  ARG ARG A . n 
A 1 96  ARG 96  96  96  ARG ARG A . n 
A 1 97  CYS 97  97  97  CYS CYS A . n 
A 1 98  ALA 98  98  98  ALA ALA A . n 
A 1 99  ALA 99  99  99  ALA ALA A . n 
A 1 100 ILE 100 100 100 ILE ILE A . n 
A 1 101 ASN 101 101 101 ASN ASN A . n 
A 1 102 GLN 102 102 102 GLN GLN A . n 
A 1 103 VAL 103 103 103 VAL VAL A . n 
A 1 104 PHE 104 104 104 PHE PHE A . n 
A 1 105 GLN 105 105 105 GLN GLN A . n 
A 1 106 MET 106 106 106 MET MET A . n 
A 1 107 GLY 107 107 107 GLY GLY A . n 
A 1 108 GLU 108 108 108 GLU GLU A . n 
A 1 109 THR 109 109 109 THR THR A . n 
A 1 110 GLY 110 110 110 GLY GLY A . n 
A 1 111 VAL 111 111 111 VAL VAL A . n 
A 1 112 ALA 112 112 112 ALA ALA A . n 
A 1 113 GLY 113 113 113 GLY GLY A . n 
A 1 114 PHE 114 114 114 PHE PHE A . n 
A 1 115 THR 115 115 115 THR THR A . n 
A 1 116 ASN 116 116 116 ASN ASN A . n 
A 1 117 SER 117 117 117 SER SER A . n 
A 1 118 LEU 118 118 118 LEU LEU A . n 
A 1 119 ARG 119 119 119 ARG ARG A . n 
A 1 120 MET 120 120 120 MET MET A . n 
A 1 121 LEU 121 121 121 LEU LEU A . n 
A 1 122 GLN 122 122 122 GLN GLN A . n 
A 1 123 GLN 123 123 123 GLN GLN A . n 
A 1 124 LYS 124 124 124 LYS LYS A . n 
A 1 125 ARG 125 125 125 ARG ARG A . n 
A 1 126 TRP 126 126 126 TRP TRP A . n 
A 1 127 ASP 127 127 127 ASP ASP A . n 
A 1 128 GLU 128 128 128 GLU GLU A . n 
A 1 129 ALA 129 129 129 ALA ALA A . n 
A 1 130 ALA 130 130 130 ALA ALA A . n 
A 1 131 VAL 131 131 131 VAL VAL A . n 
A 1 132 ASN 132 132 132 ASN ASN A . n 
A 1 133 LEU 133 133 133 LEU LEU A . n 
A 1 134 ALA 134 134 134 ALA ALA A . n 
A 1 135 LYS 135 135 135 LYS LYS A . n 
A 1 136 SER 136 136 136 SER SER A . n 
A 1 137 ARG 137 137 137 ARG ARG A . n 
A 1 138 TRP 138 138 138 TRP TRP A . n 
A 1 139 TYR 139 139 139 TYR TYR A . n 
A 1 140 ASN 140 140 140 ASN ASN A . n 
A 1 141 GLN 141 141 141 GLN GLN A . n 
A 1 142 THR 142 142 142 THR THR A . n 
A 1 143 PRO 143 143 143 PRO PRO A . n 
A 1 144 ASP 144 144 144 ASP ASP A . n 
A 1 145 ARG 145 145 145 ARG ARG A . n 
A 1 146 ALA 146 146 146 ALA ALA A . n 
A 1 147 LYS 147 147 147 LYS LYS A . n 
A 1 148 ARG 148 148 148 ARG ARG A . n 
A 1 149 VAL 149 149 149 VAL VAL A . n 
A 1 150 ILE 150 150 150 ILE ILE A . n 
A 1 151 THR 151 151 151 THR THR A . n 
A 1 152 THR 152 152 152 THR THR A . n 
A 1 153 PHE 153 153 153 PHE PHE A . n 
A 1 154 ARG 154 154 154 ARG ARG A . n 
A 1 155 THR 155 155 155 THR THR A . n 
A 1 156 GLY 156 156 156 GLY GLY A . n 
A 1 157 THR 157 157 157 THR THR A . n 
A 1 158 TRP 158 158 158 TRP TRP A . n 
A 1 159 ASP 159 159 159 ASP ASP A . n 
A 1 160 ALA 160 160 160 ALA ALA A . n 
A 1 161 TYR 161 161 161 TYR TYR A . n 
A 1 162 LYS 162 162 ?   ?   ?   A . n 
A 1 163 ASN 163 163 ?   ?   ?   A . n 
A 1 164 LEU 164 164 ?   ?   ?   A . n 
# 
loop_
_pdbx_nonpoly_scheme.asym_id 
_pdbx_nonpoly_scheme.entity_id 
_pdbx_nonpoly_scheme.mon_id 
_pdbx_nonpoly_scheme.ndb_seq_num 
_pdbx_nonpoly_scheme.pdb_seq_num 
_pdbx_nonpoly_scheme.auth_seq_num 
_pdbx_nonpoly_scheme.pdb_mon_id 
_pdbx_nonpoly_scheme.auth_mon_id 
_pdbx_nonpoly_scheme.pdb_strand_id 
_pdbx_nonpoly_scheme.pdb_ins_code 
B 2 BNZ 1   201 1   BNZ BNZ A . 
C 3 HOH 1   301 124 HOH HOH A . 
C 3 HOH 2   302 167 HOH HOH A . 
C 3 HOH 3   303 80  HOH HOH A . 
C 3 HOH 4   304 219 HOH HOH A . 
C 3 HOH 5   305 13  HOH HOH A . 
C 3 HOH 6   306 201 HOH HOH A . 
C 3 HOH 7   307 83  HOH HOH A . 
C 3 HOH 8   308 206 HOH HOH A . 
C 3 HOH 9   309 296 HOH HOH A . 
C 3 HOH 10  310 113 HOH HOH A . 
C 3 HOH 11  311 286 HOH HOH A . 
C 3 HOH 12  312 228 HOH HOH A . 
C 3 HOH 13  313 251 HOH HOH A . 
C 3 HOH 14  314 174 HOH HOH A . 
C 3 HOH 15  315 135 HOH HOH A . 
C 3 HOH 16  316 329 HOH HOH A . 
C 3 HOH 17  317 183 HOH HOH A . 
C 3 HOH 18  318 168 HOH HOH A . 
C 3 HOH 19  319 218 HOH HOH A . 
C 3 HOH 20  320 94  HOH HOH A . 
C 3 HOH 21  321 90  HOH HOH A . 
C 3 HOH 22  322 22  HOH HOH A . 
C 3 HOH 23  323 86  HOH HOH A . 
C 3 HOH 24  324 73  HOH HOH A . 
C 3 HOH 25  325 48  HOH HOH A . 
C 3 HOH 26  326 145 HOH HOH A . 
C 3 HOH 27  327 70  HOH HOH A . 
C 3 HOH 28  328 26  HOH HOH A . 
C 3 HOH 29  329 234 HOH HOH A . 
C 3 HOH 30  330 10  HOH HOH A . 
C 3 HOH 31  331 225 HOH HOH A . 
C 3 HOH 32  332 205 HOH HOH A . 
C 3 HOH 33  333 43  HOH HOH A . 
C 3 HOH 34  334 270 HOH HOH A . 
C 3 HOH 35  335 227 HOH HOH A . 
C 3 HOH 36  336 63  HOH HOH A . 
C 3 HOH 37  337 121 HOH HOH A . 
C 3 HOH 38  338 74  HOH HOH A . 
C 3 HOH 39  339 66  HOH HOH A . 
C 3 HOH 40  340 260 HOH HOH A . 
C 3 HOH 41  341 17  HOH HOH A . 
C 3 HOH 42  342 163 HOH HOH A . 
C 3 HOH 43  343 194 HOH HOH A . 
C 3 HOH 44  344 36  HOH HOH A . 
C 3 HOH 45  345 125 HOH HOH A . 
C 3 HOH 46  346 212 HOH HOH A . 
C 3 HOH 47  347 77  HOH HOH A . 
C 3 HOH 48  348 278 HOH HOH A . 
C 3 HOH 49  349 139 HOH HOH A . 
C 3 HOH 50  350 19  HOH HOH A . 
C 3 HOH 51  351 5   HOH HOH A . 
C 3 HOH 52  352 107 HOH HOH A . 
C 3 HOH 53  353 267 HOH HOH A . 
C 3 HOH 54  354 84  HOH HOH A . 
C 3 HOH 55  355 143 HOH HOH A . 
C 3 HOH 56  356 50  HOH HOH A . 
C 3 HOH 57  357 106 HOH HOH A . 
C 3 HOH 58  358 298 HOH HOH A . 
C 3 HOH 59  359 88  HOH HOH A . 
C 3 HOH 60  360 58  HOH HOH A . 
C 3 HOH 61  361 319 HOH HOH A . 
C 3 HOH 62  362 39  HOH HOH A . 
C 3 HOH 63  363 249 HOH HOH A . 
C 3 HOH 64  364 38  HOH HOH A . 
C 3 HOH 65  365 55  HOH HOH A . 
C 3 HOH 66  366 359 HOH HOH A . 
C 3 HOH 67  367 32  HOH HOH A . 
C 3 HOH 68  368 69  HOH HOH A . 
C 3 HOH 69  369 87  HOH HOH A . 
C 3 HOH 70  370 52  HOH HOH A . 
C 3 HOH 71  371 273 HOH HOH A . 
C 3 HOH 72  372 41  HOH HOH A . 
C 3 HOH 73  373 45  HOH HOH A . 
C 3 HOH 74  374 114 HOH HOH A . 
C 3 HOH 75  375 173 HOH HOH A . 
C 3 HOH 76  376 3   HOH HOH A . 
C 3 HOH 77  377 8   HOH HOH A . 
C 3 HOH 78  378 35  HOH HOH A . 
C 3 HOH 79  379 64  HOH HOH A . 
C 3 HOH 80  380 126 HOH HOH A . 
C 3 HOH 81  381 79  HOH HOH A . 
C 3 HOH 82  382 9   HOH HOH A . 
C 3 HOH 83  383 175 HOH HOH A . 
C 3 HOH 84  384 161 HOH HOH A . 
C 3 HOH 85  385 14  HOH HOH A . 
C 3 HOH 86  386 169 HOH HOH A . 
C 3 HOH 87  387 149 HOH HOH A . 
C 3 HOH 88  388 320 HOH HOH A . 
C 3 HOH 89  389 34  HOH HOH A . 
C 3 HOH 90  390 153 HOH HOH A . 
C 3 HOH 91  391 330 HOH HOH A . 
C 3 HOH 92  392 128 HOH HOH A . 
C 3 HOH 93  393 137 HOH HOH A . 
C 3 HOH 94  394 11  HOH HOH A . 
C 3 HOH 95  395 23  HOH HOH A . 
C 3 HOH 96  396 62  HOH HOH A . 
C 3 HOH 97  397 144 HOH HOH A . 
C 3 HOH 98  398 238 HOH HOH A . 
C 3 HOH 99  399 157 HOH HOH A . 
C 3 HOH 100 400 159 HOH HOH A . 
C 3 HOH 101 401 20  HOH HOH A . 
C 3 HOH 102 402 100 HOH HOH A . 
C 3 HOH 103 403 98  HOH HOH A . 
C 3 HOH 104 404 28  HOH HOH A . 
C 3 HOH 105 405 47  HOH HOH A . 
C 3 HOH 106 406 27  HOH HOH A . 
C 3 HOH 107 407 295 HOH HOH A . 
C 3 HOH 108 408 170 HOH HOH A . 
C 3 HOH 109 409 165 HOH HOH A . 
C 3 HOH 110 410 18  HOH HOH A . 
C 3 HOH 111 411 16  HOH HOH A . 
C 3 HOH 112 412 85  HOH HOH A . 
C 3 HOH 113 413 25  HOH HOH A . 
C 3 HOH 114 414 30  HOH HOH A . 
C 3 HOH 115 415 358 HOH HOH A . 
C 3 HOH 116 416 185 HOH HOH A . 
C 3 HOH 117 417 57  HOH HOH A . 
C 3 HOH 118 418 82  HOH HOH A . 
C 3 HOH 119 419 101 HOH HOH A . 
C 3 HOH 120 420 118 HOH HOH A . 
C 3 HOH 121 421 229 HOH HOH A . 
C 3 HOH 122 422 6   HOH HOH A . 
C 3 HOH 123 423 7   HOH HOH A . 
C 3 HOH 124 424 92  HOH HOH A . 
C 3 HOH 125 425 148 HOH HOH A . 
C 3 HOH 126 426 208 HOH HOH A . 
C 3 HOH 127 427 226 HOH HOH A . 
C 3 HOH 128 428 56  HOH HOH A . 
C 3 HOH 129 429 360 HOH HOH A . 
C 3 HOH 130 430 179 HOH HOH A . 
C 3 HOH 131 431 268 HOH HOH A . 
C 3 HOH 132 432 198 HOH HOH A . 
C 3 HOH 133 433 187 HOH HOH A . 
C 3 HOH 134 434 91  HOH HOH A . 
C 3 HOH 135 435 99  HOH HOH A . 
C 3 HOH 136 436 40  HOH HOH A . 
C 3 HOH 137 437 266 HOH HOH A . 
C 3 HOH 138 438 29  HOH HOH A . 
C 3 HOH 139 439 42  HOH HOH A . 
C 3 HOH 140 440 138 HOH HOH A . 
C 3 HOH 141 441 24  HOH HOH A . 
C 3 HOH 142 442 239 HOH HOH A . 
C 3 HOH 143 443 15  HOH HOH A . 
C 3 HOH 144 444 315 HOH HOH A . 
C 3 HOH 145 445 331 HOH HOH A . 
C 3 HOH 146 446 31  HOH HOH A . 
C 3 HOH 147 447 33  HOH HOH A . 
C 3 HOH 148 448 302 HOH HOH A . 
C 3 HOH 149 449 272 HOH HOH A . 
C 3 HOH 150 450 240 HOH HOH A . 
C 3 HOH 151 451 285 HOH HOH A . 
C 3 HOH 152 452 21  HOH HOH A . 
C 3 HOH 153 453 108 HOH HOH A . 
C 3 HOH 154 454 120 HOH HOH A . 
C 3 HOH 155 455 67  HOH HOH A . 
C 3 HOH 156 456 65  HOH HOH A . 
C 3 HOH 157 457 156 HOH HOH A . 
C 3 HOH 158 458 326 HOH HOH A . 
C 3 HOH 159 459 53  HOH HOH A . 
C 3 HOH 160 460 46  HOH HOH A . 
C 3 HOH 161 461 339 HOH HOH A . 
C 3 HOH 162 462 75  HOH HOH A . 
C 3 HOH 163 463 71  HOH HOH A . 
C 3 HOH 164 464 324 HOH HOH A . 
C 3 HOH 165 465 146 HOH HOH A . 
C 3 HOH 166 466 202 HOH HOH A . 
C 3 HOH 167 467 123 HOH HOH A . 
C 3 HOH 168 468 60  HOH HOH A . 
C 3 HOH 169 469 255 HOH HOH A . 
C 3 HOH 170 470 76  HOH HOH A . 
C 3 HOH 171 471 328 HOH HOH A . 
C 3 HOH 172 472 131 HOH HOH A . 
C 3 HOH 173 473 338 HOH HOH A . 
C 3 HOH 174 474 72  HOH HOH A . 
C 3 HOH 175 475 105 HOH HOH A . 
C 3 HOH 176 476 316 HOH HOH A . 
C 3 HOH 177 477 68  HOH HOH A . 
C 3 HOH 178 478 342 HOH HOH A . 
C 3 HOH 179 479 214 HOH HOH A . 
C 3 HOH 180 480 116 HOH HOH A . 
C 3 HOH 181 481 199 HOH HOH A . 
C 3 HOH 182 482 262 HOH HOH A . 
C 3 HOH 183 483 130 HOH HOH A . 
C 3 HOH 184 484 96  HOH HOH A . 
C 3 HOH 185 485 210 HOH HOH A . 
C 3 HOH 186 486 2   HOH HOH A . 
C 3 HOH 187 487 103 HOH HOH A . 
C 3 HOH 188 488 341 HOH HOH A . 
C 3 HOH 189 489 293 HOH HOH A . 
C 3 HOH 190 490 166 HOH HOH A . 
C 3 HOH 191 491 147 HOH HOH A . 
C 3 HOH 192 492 188 HOH HOH A . 
C 3 HOH 193 493 306 HOH HOH A . 
C 3 HOH 194 494 236 HOH HOH A . 
C 3 HOH 195 495 184 HOH HOH A . 
C 3 HOH 196 496 115 HOH HOH A . 
C 3 HOH 197 497 254 HOH HOH A . 
C 3 HOH 198 498 134 HOH HOH A . 
C 3 HOH 199 499 263 HOH HOH A . 
C 3 HOH 200 500 190 HOH HOH A . 
C 3 HOH 201 501 95  HOH HOH A . 
C 3 HOH 202 502 136 HOH HOH A . 
C 3 HOH 203 503 151 HOH HOH A . 
C 3 HOH 204 504 196 HOH HOH A . 
C 3 HOH 205 505 180 HOH HOH A . 
C 3 HOH 206 506 318 HOH HOH A . 
C 3 HOH 207 507 54  HOH HOH A . 
C 3 HOH 208 508 257 HOH HOH A . 
C 3 HOH 209 509 150 HOH HOH A . 
C 3 HOH 210 510 235 HOH HOH A . 
C 3 HOH 211 511 337 HOH HOH A . 
C 3 HOH 212 512 297 HOH HOH A . 
C 3 HOH 213 513 109 HOH HOH A . 
C 3 HOH 214 514 132 HOH HOH A . 
C 3 HOH 215 515 340 HOH HOH A . 
C 3 HOH 216 516 274 HOH HOH A . 
C 3 HOH 217 517 164 HOH HOH A . 
C 3 HOH 218 518 155 HOH HOH A . 
C 3 HOH 219 519 279 HOH HOH A . 
C 3 HOH 220 520 220 HOH HOH A . 
C 3 HOH 221 521 250 HOH HOH A . 
C 3 HOH 222 522 357 HOH HOH A . 
C 3 HOH 223 523 223 HOH HOH A . 
C 3 HOH 224 524 158 HOH HOH A . 
C 3 HOH 225 525 104 HOH HOH A . 
C 3 HOH 226 526 117 HOH HOH A . 
C 3 HOH 227 527 133 HOH HOH A . 
C 3 HOH 228 528 275 HOH HOH A . 
C 3 HOH 229 529 261 HOH HOH A . 
C 3 HOH 230 530 189 HOH HOH A . 
C 3 HOH 231 531 301 HOH HOH A . 
C 3 HOH 232 532 304 HOH HOH A . 
C 3 HOH 233 533 325 HOH HOH A . 
C 3 HOH 234 534 160 HOH HOH A . 
C 3 HOH 235 535 4   HOH HOH A . 
C 3 HOH 236 536 89  HOH HOH A . 
C 3 HOH 237 537 336 HOH HOH A . 
C 3 HOH 238 538 172 HOH HOH A . 
C 3 HOH 239 539 197 HOH HOH A . 
C 3 HOH 240 540 288 HOH HOH A . 
C 3 HOH 241 541 110 HOH HOH A . 
C 3 HOH 242 542 97  HOH HOH A . 
C 3 HOH 243 543 119 HOH HOH A . 
C 3 HOH 244 544 177 HOH HOH A . 
C 3 HOH 245 545 259 HOH HOH A . 
C 3 HOH 246 546 127 HOH HOH A . 
C 3 HOH 247 547 243 HOH HOH A . 
C 3 HOH 248 548 309 HOH HOH A . 
C 3 HOH 249 549 112 HOH HOH A . 
C 3 HOH 250 550 221 HOH HOH A . 
C 3 HOH 251 551 317 HOH HOH A . 
C 3 HOH 252 552 343 HOH HOH A . 
C 3 HOH 253 553 258 HOH HOH A . 
C 3 HOH 254 554 61  HOH HOH A . 
C 3 HOH 255 555 222 HOH HOH A . 
C 3 HOH 256 556 78  HOH HOH A . 
C 3 HOH 257 557 59  HOH HOH A . 
C 3 HOH 258 558 154 HOH HOH A . 
C 3 HOH 259 559 129 HOH HOH A . 
C 3 HOH 260 560 49  HOH HOH A . 
C 3 HOH 261 561 265 HOH HOH A . 
C 3 HOH 262 562 140 HOH HOH A . 
C 3 HOH 263 563 122 HOH HOH A . 
C 3 HOH 264 564 299 HOH HOH A . 
C 3 HOH 265 565 252 HOH HOH A . 
C 3 HOH 266 566 44  HOH HOH A . 
C 3 HOH 267 567 193 HOH HOH A . 
C 3 HOH 268 568 171 HOH HOH A . 
C 3 HOH 269 569 178 HOH HOH A . 
C 3 HOH 270 570 256 HOH HOH A . 
C 3 HOH 271 571 81  HOH HOH A . 
C 3 HOH 272 572 142 HOH HOH A . 
C 3 HOH 273 573 264 HOH HOH A . 
C 3 HOH 274 574 162 HOH HOH A . 
C 3 HOH 275 575 186 HOH HOH A . 
C 3 HOH 276 576 37  HOH HOH A . 
C 3 HOH 277 577 12  HOH HOH A . 
C 3 HOH 278 578 237 HOH HOH A . 
C 3 HOH 279 579 323 HOH HOH A . 
C 3 HOH 280 580 322 HOH HOH A . 
C 3 HOH 281 581 209 HOH HOH A . 
C 3 HOH 282 582 213 HOH HOH A . 
C 3 HOH 283 583 327 HOH HOH A . 
C 3 HOH 284 584 93  HOH HOH A . 
C 3 HOH 285 585 182 HOH HOH A . 
C 3 HOH 286 586 176 HOH HOH A . 
C 3 HOH 287 587 348 HOH HOH A . 
C 3 HOH 288 588 334 HOH HOH A . 
C 3 HOH 289 589 345 HOH HOH A . 
C 3 HOH 290 590 224 HOH HOH A . 
C 3 HOH 291 591 291 HOH HOH A . 
C 3 HOH 292 592 321 HOH HOH A . 
C 3 HOH 293 593 216 HOH HOH A . 
C 3 HOH 294 594 333 HOH HOH A . 
C 3 HOH 295 595 314 HOH HOH A . 
C 3 HOH 296 596 305 HOH HOH A . 
C 3 HOH 297 597 283 HOH HOH A . 
C 3 HOH 298 598 344 HOH HOH A . 
C 3 HOH 299 599 349 HOH HOH A . 
# 
_pdbx_struct_assembly.id                   1 
_pdbx_struct_assembly.details              author_defined_assembly 
_pdbx_struct_assembly.method_details       ? 
_pdbx_struct_assembly.oligomeric_details   monomeric 
_pdbx_struct_assembly.oligomeric_count     1 
# 
_pdbx_struct_assembly_gen.assembly_id       1 
_pdbx_struct_assembly_gen.oper_expression   1 
_pdbx_struct_assembly_gen.asym_id_list      A,B,C 
# 
_pdbx_struct_oper_list.id                   1 
_pdbx_struct_oper_list.type                 'identity operation' 
_pdbx_struct_oper_list.name                 1_555 
_pdbx_struct_oper_list.symmetry_operation   x,y,z 
_pdbx_struct_oper_list.matrix[1][1]         1.0000000000 
_pdbx_struct_oper_list.matrix[1][2]         0.0000000000 
_pdbx_struct_oper_list.matrix[1][3]         0.0000000000 
_pdbx_struct_oper_list.vector[1]            0.0000000000 
_pdbx_struct_oper_list.matrix[2][1]         0.0000000000 
_pdbx_struct_oper_list.matrix[2][2]         1.0000000000 
_pdbx_struct_oper_list.matrix[2][3]         0.0000000000 
_pdbx_struct_oper_list.vector[2]            0.0000000000 
_pdbx_struct_oper_list.matrix[3][1]         0.0000000000 
_pdbx_struct_oper_list.matrix[3][2]         0.0000000000 
_pdbx_struct_oper_list.matrix[3][3]         1.0000000000 
_pdbx_struct_oper_list.vector[3]            0.0000000000 
# 
loop_
_pdbx_audit_revision_history.ordinal 
_pdbx_audit_revision_history.data_content_type 
_pdbx_audit_revision_history.major_revision 
_pdbx_audit_revision_history.minor_revision 
_pdbx_audit_revision_history.revision_date 
1 'Structure model' 1 0 2016-09-21 
2 'Structure model' 1 1 2016-09-28 
3 'Structure model' 1 2 2022-04-13 
4 'Structure model' 1 3 2023-09-27 
# 
_pdbx_audit_revision_details.ordinal             1 
_pdbx_audit_revision_details.revision_ordinal    1 
_pdbx_audit_revision_details.data_content_type   'Structure model' 
_pdbx_audit_revision_details.provider            repository 
_pdbx_audit_revision_details.type                'Initial release' 
_pdbx_audit_revision_details.description         ? 
_pdbx_audit_revision_details.details             ? 
# 
loop_
_pdbx_audit_revision_group.ordinal 
_pdbx_audit_revision_group.revision_ordinal 
_pdbx_audit_revision_group.data_content_type 
_pdbx_audit_revision_group.group 
1 2 'Structure model' 'Database references'        
2 3 'Structure model' 'Author supporting evidence' 
3 3 'Structure model' 'Database references'        
4 3 'Structure model' 'Derived calculations'       
5 4 'Structure model' 'Data collection'            
6 4 'Structure model' 'Refinement description'     
# 
loop_
_pdbx_audit_revision_category.ordinal 
_pdbx_audit_revision_category.revision_ordinal 
_pdbx_audit_revision_category.data_content_type 
_pdbx_audit_revision_category.category 
1 3 'Structure model' database_2                    
2 3 'Structure model' pdbx_audit_support            
3 3 'Structure model' pdbx_struct_oper_list         
4 4 'Structure model' chem_comp_atom                
5 4 'Structure model' chem_comp_bond                
6 4 'Structure model' pdbx_initial_refinement_model 
# 
loop_
_pdbx_audit_revision_item.ordinal 
_pdbx_audit_revision_item.revision_ordinal 
_pdbx_audit_revision_item.data_content_type 
_pdbx_audit_revision_item.item 
1 3 'Structure model' '_database_2.pdbx_DOI'                      
2 3 'Structure model' '_database_2.pdbx_database_accession'       
3 3 'Structure model' '_pdbx_audit_support.funding_organization'  
4 3 'Structure model' '_pdbx_struct_oper_list.symmetry_operation' 
# 
loop_
_software.citation_id 
_software.classification 
_software.compiler_name 
_software.compiler_version 
_software.contact_author 
_software.contact_author_email 
_software.date 
_software.description 
_software.dependencies 
_software.hardware 
_software.language 
_software.location 
_software.mods 
_software.name 
_software.os 
_software.os_version 
_software.type 
_software.version 
_software.pdbx_ordinal 
? refinement        ? ? ? ? ? ? ? ? ? ? ? PHENIX      ? ? ? 1.10.1_2155 1 
? 'data extraction' ? ? ? ? ? ? ? ? ? ? ? PDB_EXTRACT ? ? ? 3.20        2 
? 'data reduction'  ? ? ? ? ? ? ? ? ? ? ? d*TREK      ? ? ? 9.9.9.10L   3 
? 'model building'  ? ? ? ? ? ? ? ? ? ? ? PHENIX      ? ? ? .           4 
? phasing           ? ? ? ? ? ? ? ? ? ? ? PHENIX      ? ? ? .           5 
? 'data scaling'    ? ? ? ? ? ? ? ? ? ? ? d*TREK      ? ? ? 9.9.9.10L   6 
# 
loop_
_pdbx_validate_close_contact.id 
_pdbx_validate_close_contact.PDB_model_num 
_pdbx_validate_close_contact.auth_atom_id_1 
_pdbx_validate_close_contact.auth_asym_id_1 
_pdbx_validate_close_contact.auth_comp_id_1 
_pdbx_validate_close_contact.auth_seq_id_1 
_pdbx_validate_close_contact.PDB_ins_code_1 
_pdbx_validate_close_contact.label_alt_id_1 
_pdbx_validate_close_contact.auth_atom_id_2 
_pdbx_validate_close_contact.auth_asym_id_2 
_pdbx_validate_close_contact.auth_comp_id_2 
_pdbx_validate_close_contact.auth_seq_id_2 
_pdbx_validate_close_contact.PDB_ins_code_2 
_pdbx_validate_close_contact.label_alt_id_2 
_pdbx_validate_close_contact.dist 
1 1 O A HOH 506 ? ? O A HOH 578 ? ? 2.06 
2 1 O A HOH 520 ? ? O A HOH 555 ? ? 2.11 
3 1 O A HOH 364 ? ? O A HOH 387 ? ? 2.13 
4 1 O A HOH 384 ? ? O A HOH 432 ? ? 2.17 
5 1 O A HOH 371 ? ? O A HOH 519 ? ? 2.17 
6 1 O A HOH 581 ? ? O A HOH 591 ? ? 2.17 
7 1 O A HOH 353 ? ? O A HOH 482 ? ? 2.18 
8 1 O A HOH 485 ? ? O A HOH 528 ? ? 2.19 
# 
_pdbx_validate_torsion.id              1 
_pdbx_validate_torsion.PDB_model_num   1 
_pdbx_validate_torsion.auth_comp_id    ILE 
_pdbx_validate_torsion.auth_asym_id    A 
_pdbx_validate_torsion.auth_seq_id     29 
_pdbx_validate_torsion.PDB_ins_code    ? 
_pdbx_validate_torsion.label_alt_id    ? 
_pdbx_validate_torsion.phi             -104.90 
_pdbx_validate_torsion.psi             76.32 
# 
loop_
_pdbx_distant_solvent_atoms.id 
_pdbx_distant_solvent_atoms.PDB_model_num 
_pdbx_distant_solvent_atoms.auth_atom_id 
_pdbx_distant_solvent_atoms.label_alt_id 
_pdbx_distant_solvent_atoms.auth_asym_id 
_pdbx_distant_solvent_atoms.auth_comp_id 
_pdbx_distant_solvent_atoms.auth_seq_id 
_pdbx_distant_solvent_atoms.PDB_ins_code 
_pdbx_distant_solvent_atoms.neighbor_macromolecule_distance 
_pdbx_distant_solvent_atoms.neighbor_ligand_distance 
1  1 O ? A HOH 590 ? 6.04  . 
2  1 O ? A HOH 591 ? 6.07  . 
3  1 O ? A HOH 592 ? 6.08  . 
4  1 O ? A HOH 593 ? 6.17  . 
5  1 O ? A HOH 594 ? 6.21  . 
6  1 O ? A HOH 595 ? 6.50  . 
7  1 O ? A HOH 596 ? 7.53  . 
8  1 O ? A HOH 597 ? 7.59  . 
9  1 O ? A HOH 598 ? 10.84 . 
10 1 O ? A HOH 599 ? 11.08 . 
# 
loop_
_pdbx_unobs_or_zero_occ_residues.id 
_pdbx_unobs_or_zero_occ_residues.PDB_model_num 
_pdbx_unobs_or_zero_occ_residues.polymer_flag 
_pdbx_unobs_or_zero_occ_residues.occupancy_flag 
_pdbx_unobs_or_zero_occ_residues.auth_asym_id 
_pdbx_unobs_or_zero_occ_residues.auth_comp_id 
_pdbx_unobs_or_zero_occ_residues.auth_seq_id 
_pdbx_unobs_or_zero_occ_residues.PDB_ins_code 
_pdbx_unobs_or_zero_occ_residues.label_asym_id 
_pdbx_unobs_or_zero_occ_residues.label_comp_id 
_pdbx_unobs_or_zero_occ_residues.label_seq_id 
1 1 Y 1 A LYS 162 ? A LYS 162 
2 1 Y 1 A ASN 163 ? A ASN 163 
3 1 Y 1 A LEU 164 ? A LEU 164 
# 
loop_
_chem_comp_atom.comp_id 
_chem_comp_atom.atom_id 
_chem_comp_atom.type_symbol 
_chem_comp_atom.pdbx_aromatic_flag 
_chem_comp_atom.pdbx_stereo_config 
_chem_comp_atom.pdbx_ordinal 
ALA N    N N N 1   
ALA CA   C N S 2   
ALA C    C N N 3   
ALA O    O N N 4   
ALA CB   C N N 5   
ALA OXT  O N N 6   
ALA H    H N N 7   
ALA H2   H N N 8   
ALA HA   H N N 9   
ALA HB1  H N N 10  
ALA HB2  H N N 11  
ALA HB3  H N N 12  
ALA HXT  H N N 13  
ARG N    N N N 14  
ARG CA   C N S 15  
ARG C    C N N 16  
ARG O    O N N 17  
ARG CB   C N N 18  
ARG CG   C N N 19  
ARG CD   C N N 20  
ARG NE   N N N 21  
ARG CZ   C N N 22  
ARG NH1  N N N 23  
ARG NH2  N N N 24  
ARG OXT  O N N 25  
ARG H    H N N 26  
ARG H2   H N N 27  
ARG HA   H N N 28  
ARG HB2  H N N 29  
ARG HB3  H N N 30  
ARG HG2  H N N 31  
ARG HG3  H N N 32  
ARG HD2  H N N 33  
ARG HD3  H N N 34  
ARG HE   H N N 35  
ARG HH11 H N N 36  
ARG HH12 H N N 37  
ARG HH21 H N N 38  
ARG HH22 H N N 39  
ARG HXT  H N N 40  
ASN N    N N N 41  
ASN CA   C N S 42  
ASN C    C N N 43  
ASN O    O N N 44  
ASN CB   C N N 45  
ASN CG   C N N 46  
ASN OD1  O N N 47  
ASN ND2  N N N 48  
ASN OXT  O N N 49  
ASN H    H N N 50  
ASN H2   H N N 51  
ASN HA   H N N 52  
ASN HB2  H N N 53  
ASN HB3  H N N 54  
ASN HD21 H N N 55  
ASN HD22 H N N 56  
ASN HXT  H N N 57  
ASP N    N N N 58  
ASP CA   C N S 59  
ASP C    C N N 60  
ASP O    O N N 61  
ASP CB   C N N 62  
ASP CG   C N N 63  
ASP OD1  O N N 64  
ASP OD2  O N N 65  
ASP OXT  O N N 66  
ASP H    H N N 67  
ASP H2   H N N 68  
ASP HA   H N N 69  
ASP HB2  H N N 70  
ASP HB3  H N N 71  
ASP HD2  H N N 72  
ASP HXT  H N N 73  
BNZ C1   C Y N 74  
BNZ C2   C Y N 75  
BNZ C3   C Y N 76  
BNZ C4   C Y N 77  
BNZ C5   C Y N 78  
BNZ C6   C Y N 79  
BNZ H1   H N N 80  
BNZ H2   H N N 81  
BNZ H3   H N N 82  
BNZ H4   H N N 83  
BNZ H5   H N N 84  
BNZ H6   H N N 85  
CYS N    N N N 86  
CYS CA   C N R 87  
CYS C    C N N 88  
CYS O    O N N 89  
CYS CB   C N N 90  
CYS SG   S N N 91  
CYS OXT  O N N 92  
CYS H    H N N 93  
CYS H2   H N N 94  
CYS HA   H N N 95  
CYS HB2  H N N 96  
CYS HB3  H N N 97  
CYS HG   H N N 98  
CYS HXT  H N N 99  
GLN N    N N N 100 
GLN CA   C N S 101 
GLN C    C N N 102 
GLN O    O N N 103 
GLN CB   C N N 104 
GLN CG   C N N 105 
GLN CD   C N N 106 
GLN OE1  O N N 107 
GLN NE2  N N N 108 
GLN OXT  O N N 109 
GLN H    H N N 110 
GLN H2   H N N 111 
GLN HA   H N N 112 
GLN HB2  H N N 113 
GLN HB3  H N N 114 
GLN HG2  H N N 115 
GLN HG3  H N N 116 
GLN HE21 H N N 117 
GLN HE22 H N N 118 
GLN HXT  H N N 119 
GLU N    N N N 120 
GLU CA   C N S 121 
GLU C    C N N 122 
GLU O    O N N 123 
GLU CB   C N N 124 
GLU CG   C N N 125 
GLU CD   C N N 126 
GLU OE1  O N N 127 
GLU OE2  O N N 128 
GLU OXT  O N N 129 
GLU H    H N N 130 
GLU H2   H N N 131 
GLU HA   H N N 132 
GLU HB2  H N N 133 
GLU HB3  H N N 134 
GLU HG2  H N N 135 
GLU HG3  H N N 136 
GLU HE2  H N N 137 
GLU HXT  H N N 138 
GLY N    N N N 139 
GLY CA   C N N 140 
GLY C    C N N 141 
GLY O    O N N 142 
GLY OXT  O N N 143 
GLY H    H N N 144 
GLY H2   H N N 145 
GLY HA2  H N N 146 
GLY HA3  H N N 147 
GLY HXT  H N N 148 
HIS N    N N N 149 
HIS CA   C N S 150 
HIS C    C N N 151 
HIS O    O N N 152 
HIS CB   C N N 153 
HIS CG   C Y N 154 
HIS ND1  N Y N 155 
HIS CD2  C Y N 156 
HIS CE1  C Y N 157 
HIS NE2  N Y N 158 
HIS OXT  O N N 159 
HIS H    H N N 160 
HIS H2   H N N 161 
HIS HA   H N N 162 
HIS HB2  H N N 163 
HIS HB3  H N N 164 
HIS HD1  H N N 165 
HIS HD2  H N N 166 
HIS HE1  H N N 167 
HIS HE2  H N N 168 
HIS HXT  H N N 169 
HOH O    O N N 170 
HOH H1   H N N 171 
HOH H2   H N N 172 
ILE N    N N N 173 
ILE CA   C N S 174 
ILE C    C N N 175 
ILE O    O N N 176 
ILE CB   C N S 177 
ILE CG1  C N N 178 
ILE CG2  C N N 179 
ILE CD1  C N N 180 
ILE OXT  O N N 181 
ILE H    H N N 182 
ILE H2   H N N 183 
ILE HA   H N N 184 
ILE HB   H N N 185 
ILE HG12 H N N 186 
ILE HG13 H N N 187 
ILE HG21 H N N 188 
ILE HG22 H N N 189 
ILE HG23 H N N 190 
ILE HD11 H N N 191 
ILE HD12 H N N 192 
ILE HD13 H N N 193 
ILE HXT  H N N 194 
LEU N    N N N 195 
LEU CA   C N S 196 
LEU C    C N N 197 
LEU O    O N N 198 
LEU CB   C N N 199 
LEU CG   C N N 200 
LEU CD1  C N N 201 
LEU CD2  C N N 202 
LEU OXT  O N N 203 
LEU H    H N N 204 
LEU H2   H N N 205 
LEU HA   H N N 206 
LEU HB2  H N N 207 
LEU HB3  H N N 208 
LEU HG   H N N 209 
LEU HD11 H N N 210 
LEU HD12 H N N 211 
LEU HD13 H N N 212 
LEU HD21 H N N 213 
LEU HD22 H N N 214 
LEU HD23 H N N 215 
LEU HXT  H N N 216 
LYS N    N N N 217 
LYS CA   C N S 218 
LYS C    C N N 219 
LYS O    O N N 220 
LYS CB   C N N 221 
LYS CG   C N N 222 
LYS CD   C N N 223 
LYS CE   C N N 224 
LYS NZ   N N N 225 
LYS OXT  O N N 226 
LYS H    H N N 227 
LYS H2   H N N 228 
LYS HA   H N N 229 
LYS HB2  H N N 230 
LYS HB3  H N N 231 
LYS HG2  H N N 232 
LYS HG3  H N N 233 
LYS HD2  H N N 234 
LYS HD3  H N N 235 
LYS HE2  H N N 236 
LYS HE3  H N N 237 
LYS HZ1  H N N 238 
LYS HZ2  H N N 239 
LYS HZ3  H N N 240 
LYS HXT  H N N 241 
MET N    N N N 242 
MET CA   C N S 243 
MET C    C N N 244 
MET O    O N N 245 
MET CB   C N N 246 
MET CG   C N N 247 
MET SD   S N N 248 
MET CE   C N N 249 
MET OXT  O N N 250 
MET H    H N N 251 
MET H2   H N N 252 
MET HA   H N N 253 
MET HB2  H N N 254 
MET HB3  H N N 255 
MET HG2  H N N 256 
MET HG3  H N N 257 
MET HE1  H N N 258 
MET HE2  H N N 259 
MET HE3  H N N 260 
MET HXT  H N N 261 
PHE N    N N N 262 
PHE CA   C N S 263 
PHE C    C N N 264 
PHE O    O N N 265 
PHE CB   C N N 266 
PHE CG   C Y N 267 
PHE CD1  C Y N 268 
PHE CD2  C Y N 269 
PHE CE1  C Y N 270 
PHE CE2  C Y N 271 
PHE CZ   C Y N 272 
PHE OXT  O N N 273 
PHE H    H N N 274 
PHE H2   H N N 275 
PHE HA   H N N 276 
PHE HB2  H N N 277 
PHE HB3  H N N 278 
PHE HD1  H N N 279 
PHE HD2  H N N 280 
PHE HE1  H N N 281 
PHE HE2  H N N 282 
PHE HZ   H N N 283 
PHE HXT  H N N 284 
PRO N    N N N 285 
PRO CA   C N S 286 
PRO C    C N N 287 
PRO O    O N N 288 
PRO CB   C N N 289 
PRO CG   C N N 290 
PRO CD   C N N 291 
PRO OXT  O N N 292 
PRO H    H N N 293 
PRO HA   H N N 294 
PRO HB2  H N N 295 
PRO HB3  H N N 296 
PRO HG2  H N N 297 
PRO HG3  H N N 298 
PRO HD2  H N N 299 
PRO HD3  H N N 300 
PRO HXT  H N N 301 
SER N    N N N 302 
SER CA   C N S 303 
SER C    C N N 304 
SER O    O N N 305 
SER CB   C N N 306 
SER OG   O N N 307 
SER OXT  O N N 308 
SER H    H N N 309 
SER H2   H N N 310 
SER HA   H N N 311 
SER HB2  H N N 312 
SER HB3  H N N 313 
SER HG   H N N 314 
SER HXT  H N N 315 
THR N    N N N 316 
THR CA   C N S 317 
THR C    C N N 318 
THR O    O N N 319 
THR CB   C N R 320 
THR OG1  O N N 321 
THR CG2  C N N 322 
THR OXT  O N N 323 
THR H    H N N 324 
THR H2   H N N 325 
THR HA   H N N 326 
THR HB   H N N 327 
THR HG1  H N N 328 
THR HG21 H N N 329 
THR HG22 H N N 330 
THR HG23 H N N 331 
THR HXT  H N N 332 
TRP N    N N N 333 
TRP CA   C N S 334 
TRP C    C N N 335 
TRP O    O N N 336 
TRP CB   C N N 337 
TRP CG   C Y N 338 
TRP CD1  C Y N 339 
TRP CD2  C Y N 340 
TRP NE1  N Y N 341 
TRP CE2  C Y N 342 
TRP CE3  C Y N 343 
TRP CZ2  C Y N 344 
TRP CZ3  C Y N 345 
TRP CH2  C Y N 346 
TRP OXT  O N N 347 
TRP H    H N N 348 
TRP H2   H N N 349 
TRP HA   H N N 350 
TRP HB2  H N N 351 
TRP HB3  H N N 352 
TRP HD1  H N N 353 
TRP HE1  H N N 354 
TRP HE3  H N N 355 
TRP HZ2  H N N 356 
TRP HZ3  H N N 357 
TRP HH2  H N N 358 
TRP HXT  H N N 359 
TYR N    N N N 360 
TYR CA   C N S 361 
TYR C    C N N 362 
TYR O    O N N 363 
TYR CB   C N N 364 
TYR CG   C Y N 365 
TYR CD1  C Y N 366 
TYR CD2  C Y N 367 
TYR CE1  C Y N 368 
TYR CE2  C Y N 369 
TYR CZ   C Y N 370 
TYR OH   O N N 371 
TYR OXT  O N N 372 
TYR H    H N N 373 
TYR H2   H N N 374 
TYR HA   H N N 375 
TYR HB2  H N N 376 
TYR HB3  H N N 377 
TYR HD1  H N N 378 
TYR HD2  H N N 379 
TYR HE1  H N N 380 
TYR HE2  H N N 381 
TYR HH   H N N 382 
TYR HXT  H N N 383 
VAL N    N N N 384 
VAL CA   C N S 385 
VAL C    C N N 386 
VAL O    O N N 387 
VAL CB   C N N 388 
VAL CG1  C N N 389 
VAL CG2  C N N 390 
VAL OXT  O N N 391 
VAL H    H N N 392 
VAL H2   H N N 393 
VAL HA   H N N 394 
VAL HB   H N N 395 
VAL HG11 H N N 396 
VAL HG12 H N N 397 
VAL HG13 H N N 398 
VAL HG21 H N N 399 
VAL HG22 H N N 400 
VAL HG23 H N N 401 
VAL HXT  H N N 402 
# 
loop_
_chem_comp_bond.comp_id 
_chem_comp_bond.atom_id_1 
_chem_comp_bond.atom_id_2 
_chem_comp_bond.value_order 
_chem_comp_bond.pdbx_aromatic_flag 
_chem_comp_bond.pdbx_stereo_config 
_chem_comp_bond.pdbx_ordinal 
ALA N   CA   sing N N 1   
ALA N   H    sing N N 2   
ALA N   H2   sing N N 3   
ALA CA  C    sing N N 4   
ALA CA  CB   sing N N 5   
ALA CA  HA   sing N N 6   
ALA C   O    doub N N 7   
ALA C   OXT  sing N N 8   
ALA CB  HB1  sing N N 9   
ALA CB  HB2  sing N N 10  
ALA CB  HB3  sing N N 11  
ALA OXT HXT  sing N N 12  
ARG N   CA   sing N N 13  
ARG N   H    sing N N 14  
ARG N   H2   sing N N 15  
ARG CA  C    sing N N 16  
ARG CA  CB   sing N N 17  
ARG CA  HA   sing N N 18  
ARG C   O    doub N N 19  
ARG C   OXT  sing N N 20  
ARG CB  CG   sing N N 21  
ARG CB  HB2  sing N N 22  
ARG CB  HB3  sing N N 23  
ARG CG  CD   sing N N 24  
ARG CG  HG2  sing N N 25  
ARG CG  HG3  sing N N 26  
ARG CD  NE   sing N N 27  
ARG CD  HD2  sing N N 28  
ARG CD  HD3  sing N N 29  
ARG NE  CZ   sing N N 30  
ARG NE  HE   sing N N 31  
ARG CZ  NH1  sing N N 32  
ARG CZ  NH2  doub N N 33  
ARG NH1 HH11 sing N N 34  
ARG NH1 HH12 sing N N 35  
ARG NH2 HH21 sing N N 36  
ARG NH2 HH22 sing N N 37  
ARG OXT HXT  sing N N 38  
ASN N   CA   sing N N 39  
ASN N   H    sing N N 40  
ASN N   H2   sing N N 41  
ASN CA  C    sing N N 42  
ASN CA  CB   sing N N 43  
ASN CA  HA   sing N N 44  
ASN C   O    doub N N 45  
ASN C   OXT  sing N N 46  
ASN CB  CG   sing N N 47  
ASN CB  HB2  sing N N 48  
ASN CB  HB3  sing N N 49  
ASN CG  OD1  doub N N 50  
ASN CG  ND2  sing N N 51  
ASN ND2 HD21 sing N N 52  
ASN ND2 HD22 sing N N 53  
ASN OXT HXT  sing N N 54  
ASP N   CA   sing N N 55  
ASP N   H    sing N N 56  
ASP N   H2   sing N N 57  
ASP CA  C    sing N N 58  
ASP CA  CB   sing N N 59  
ASP CA  HA   sing N N 60  
ASP C   O    doub N N 61  
ASP C   OXT  sing N N 62  
ASP CB  CG   sing N N 63  
ASP CB  HB2  sing N N 64  
ASP CB  HB3  sing N N 65  
ASP CG  OD1  doub N N 66  
ASP CG  OD2  sing N N 67  
ASP OD2 HD2  sing N N 68  
ASP OXT HXT  sing N N 69  
BNZ C1  C2   doub Y N 70  
BNZ C1  C6   sing Y N 71  
BNZ C1  H1   sing N N 72  
BNZ C2  C3   sing Y N 73  
BNZ C2  H2   sing N N 74  
BNZ C3  C4   doub Y N 75  
BNZ C3  H3   sing N N 76  
BNZ C4  C5   sing Y N 77  
BNZ C4  H4   sing N N 78  
BNZ C5  C6   doub Y N 79  
BNZ C5  H5   sing N N 80  
BNZ C6  H6   sing N N 81  
CYS N   CA   sing N N 82  
CYS N   H    sing N N 83  
CYS N   H2   sing N N 84  
CYS CA  C    sing N N 85  
CYS CA  CB   sing N N 86  
CYS CA  HA   sing N N 87  
CYS C   O    doub N N 88  
CYS C   OXT  sing N N 89  
CYS CB  SG   sing N N 90  
CYS CB  HB2  sing N N 91  
CYS CB  HB3  sing N N 92  
CYS SG  HG   sing N N 93  
CYS OXT HXT  sing N N 94  
GLN N   CA   sing N N 95  
GLN N   H    sing N N 96  
GLN N   H2   sing N N 97  
GLN CA  C    sing N N 98  
GLN CA  CB   sing N N 99  
GLN CA  HA   sing N N 100 
GLN C   O    doub N N 101 
GLN C   OXT  sing N N 102 
GLN CB  CG   sing N N 103 
GLN CB  HB2  sing N N 104 
GLN CB  HB3  sing N N 105 
GLN CG  CD   sing N N 106 
GLN CG  HG2  sing N N 107 
GLN CG  HG3  sing N N 108 
GLN CD  OE1  doub N N 109 
GLN CD  NE2  sing N N 110 
GLN NE2 HE21 sing N N 111 
GLN NE2 HE22 sing N N 112 
GLN OXT HXT  sing N N 113 
GLU N   CA   sing N N 114 
GLU N   H    sing N N 115 
GLU N   H2   sing N N 116 
GLU CA  C    sing N N 117 
GLU CA  CB   sing N N 118 
GLU CA  HA   sing N N 119 
GLU C   O    doub N N 120 
GLU C   OXT  sing N N 121 
GLU CB  CG   sing N N 122 
GLU CB  HB2  sing N N 123 
GLU CB  HB3  sing N N 124 
GLU CG  CD   sing N N 125 
GLU CG  HG2  sing N N 126 
GLU CG  HG3  sing N N 127 
GLU CD  OE1  doub N N 128 
GLU CD  OE2  sing N N 129 
GLU OE2 HE2  sing N N 130 
GLU OXT HXT  sing N N 131 
GLY N   CA   sing N N 132 
GLY N   H    sing N N 133 
GLY N   H2   sing N N 134 
GLY CA  C    sing N N 135 
GLY CA  HA2  sing N N 136 
GLY CA  HA3  sing N N 137 
GLY C   O    doub N N 138 
GLY C   OXT  sing N N 139 
GLY OXT HXT  sing N N 140 
HIS N   CA   sing N N 141 
HIS N   H    sing N N 142 
HIS N   H2   sing N N 143 
HIS CA  C    sing N N 144 
HIS CA  CB   sing N N 145 
HIS CA  HA   sing N N 146 
HIS C   O    doub N N 147 
HIS C   OXT  sing N N 148 
HIS CB  CG   sing N N 149 
HIS CB  HB2  sing N N 150 
HIS CB  HB3  sing N N 151 
HIS CG  ND1  sing Y N 152 
HIS CG  CD2  doub Y N 153 
HIS ND1 CE1  doub Y N 154 
HIS ND1 HD1  sing N N 155 
HIS CD2 NE2  sing Y N 156 
HIS CD2 HD2  sing N N 157 
HIS CE1 NE2  sing Y N 158 
HIS CE1 HE1  sing N N 159 
HIS NE2 HE2  sing N N 160 
HIS OXT HXT  sing N N 161 
HOH O   H1   sing N N 162 
HOH O   H2   sing N N 163 
ILE N   CA   sing N N 164 
ILE N   H    sing N N 165 
ILE N   H2   sing N N 166 
ILE CA  C    sing N N 167 
ILE CA  CB   sing N N 168 
ILE CA  HA   sing N N 169 
ILE C   O    doub N N 170 
ILE C   OXT  sing N N 171 
ILE CB  CG1  sing N N 172 
ILE CB  CG2  sing N N 173 
ILE CB  HB   sing N N 174 
ILE CG1 CD1  sing N N 175 
ILE CG1 HG12 sing N N 176 
ILE CG1 HG13 sing N N 177 
ILE CG2 HG21 sing N N 178 
ILE CG2 HG22 sing N N 179 
ILE CG2 HG23 sing N N 180 
ILE CD1 HD11 sing N N 181 
ILE CD1 HD12 sing N N 182 
ILE CD1 HD13 sing N N 183 
ILE OXT HXT  sing N N 184 
LEU N   CA   sing N N 185 
LEU N   H    sing N N 186 
LEU N   H2   sing N N 187 
LEU CA  C    sing N N 188 
LEU CA  CB   sing N N 189 
LEU CA  HA   sing N N 190 
LEU C   O    doub N N 191 
LEU C   OXT  sing N N 192 
LEU CB  CG   sing N N 193 
LEU CB  HB2  sing N N 194 
LEU CB  HB3  sing N N 195 
LEU CG  CD1  sing N N 196 
LEU CG  CD2  sing N N 197 
LEU CG  HG   sing N N 198 
LEU CD1 HD11 sing N N 199 
LEU CD1 HD12 sing N N 200 
LEU CD1 HD13 sing N N 201 
LEU CD2 HD21 sing N N 202 
LEU CD2 HD22 sing N N 203 
LEU CD2 HD23 sing N N 204 
LEU OXT HXT  sing N N 205 
LYS N   CA   sing N N 206 
LYS N   H    sing N N 207 
LYS N   H2   sing N N 208 
LYS CA  C    sing N N 209 
LYS CA  CB   sing N N 210 
LYS CA  HA   sing N N 211 
LYS C   O    doub N N 212 
LYS C   OXT  sing N N 213 
LYS CB  CG   sing N N 214 
LYS CB  HB2  sing N N 215 
LYS CB  HB3  sing N N 216 
LYS CG  CD   sing N N 217 
LYS CG  HG2  sing N N 218 
LYS CG  HG3  sing N N 219 
LYS CD  CE   sing N N 220 
LYS CD  HD2  sing N N 221 
LYS CD  HD3  sing N N 222 
LYS CE  NZ   sing N N 223 
LYS CE  HE2  sing N N 224 
LYS CE  HE3  sing N N 225 
LYS NZ  HZ1  sing N N 226 
LYS NZ  HZ2  sing N N 227 
LYS NZ  HZ3  sing N N 228 
LYS OXT HXT  sing N N 229 
MET N   CA   sing N N 230 
MET N   H    sing N N 231 
MET N   H2   sing N N 232 
MET CA  C    sing N N 233 
MET CA  CB   sing N N 234 
MET CA  HA   sing N N 235 
MET C   O    doub N N 236 
MET C   OXT  sing N N 237 
MET CB  CG   sing N N 238 
MET CB  HB2  sing N N 239 
MET CB  HB3  sing N N 240 
MET CG  SD   sing N N 241 
MET CG  HG2  sing N N 242 
MET CG  HG3  sing N N 243 
MET SD  CE   sing N N 244 
MET CE  HE1  sing N N 245 
MET CE  HE2  sing N N 246 
MET CE  HE3  sing N N 247 
MET OXT HXT  sing N N 248 
PHE N   CA   sing N N 249 
PHE N   H    sing N N 250 
PHE N   H2   sing N N 251 
PHE CA  C    sing N N 252 
PHE CA  CB   sing N N 253 
PHE CA  HA   sing N N 254 
PHE C   O    doub N N 255 
PHE C   OXT  sing N N 256 
PHE CB  CG   sing N N 257 
PHE CB  HB2  sing N N 258 
PHE CB  HB3  sing N N 259 
PHE CG  CD1  doub Y N 260 
PHE CG  CD2  sing Y N 261 
PHE CD1 CE1  sing Y N 262 
PHE CD1 HD1  sing N N 263 
PHE CD2 CE2  doub Y N 264 
PHE CD2 HD2  sing N N 265 
PHE CE1 CZ   doub Y N 266 
PHE CE1 HE1  sing N N 267 
PHE CE2 CZ   sing Y N 268 
PHE CE2 HE2  sing N N 269 
PHE CZ  HZ   sing N N 270 
PHE OXT HXT  sing N N 271 
PRO N   CA   sing N N 272 
PRO N   CD   sing N N 273 
PRO N   H    sing N N 274 
PRO CA  C    sing N N 275 
PRO CA  CB   sing N N 276 
PRO CA  HA   sing N N 277 
PRO C   O    doub N N 278 
PRO C   OXT  sing N N 279 
PRO CB  CG   sing N N 280 
PRO CB  HB2  sing N N 281 
PRO CB  HB3  sing N N 282 
PRO CG  CD   sing N N 283 
PRO CG  HG2  sing N N 284 
PRO CG  HG3  sing N N 285 
PRO CD  HD2  sing N N 286 
PRO CD  HD3  sing N N 287 
PRO OXT HXT  sing N N 288 
SER N   CA   sing N N 289 
SER N   H    sing N N 290 
SER N   H2   sing N N 291 
SER CA  C    sing N N 292 
SER CA  CB   sing N N 293 
SER CA  HA   sing N N 294 
SER C   O    doub N N 295 
SER C   OXT  sing N N 296 
SER CB  OG   sing N N 297 
SER CB  HB2  sing N N 298 
SER CB  HB3  sing N N 299 
SER OG  HG   sing N N 300 
SER OXT HXT  sing N N 301 
THR N   CA   sing N N 302 
THR N   H    sing N N 303 
THR N   H2   sing N N 304 
THR CA  C    sing N N 305 
THR CA  CB   sing N N 306 
THR CA  HA   sing N N 307 
THR C   O    doub N N 308 
THR C   OXT  sing N N 309 
THR CB  OG1  sing N N 310 
THR CB  CG2  sing N N 311 
THR CB  HB   sing N N 312 
THR OG1 HG1  sing N N 313 
THR CG2 HG21 sing N N 314 
THR CG2 HG22 sing N N 315 
THR CG2 HG23 sing N N 316 
THR OXT HXT  sing N N 317 
TRP N   CA   sing N N 318 
TRP N   H    sing N N 319 
TRP N   H2   sing N N 320 
TRP CA  C    sing N N 321 
TRP CA  CB   sing N N 322 
TRP CA  HA   sing N N 323 
TRP C   O    doub N N 324 
TRP C   OXT  sing N N 325 
TRP CB  CG   sing N N 326 
TRP CB  HB2  sing N N 327 
TRP CB  HB3  sing N N 328 
TRP CG  CD1  doub Y N 329 
TRP CG  CD2  sing Y N 330 
TRP CD1 NE1  sing Y N 331 
TRP CD1 HD1  sing N N 332 
TRP CD2 CE2  doub Y N 333 
TRP CD2 CE3  sing Y N 334 
TRP NE1 CE2  sing Y N 335 
TRP NE1 HE1  sing N N 336 
TRP CE2 CZ2  sing Y N 337 
TRP CE3 CZ3  doub Y N 338 
TRP CE3 HE3  sing N N 339 
TRP CZ2 CH2  doub Y N 340 
TRP CZ2 HZ2  sing N N 341 
TRP CZ3 CH2  sing Y N 342 
TRP CZ3 HZ3  sing N N 343 
TRP CH2 HH2  sing N N 344 
TRP OXT HXT  sing N N 345 
TYR N   CA   sing N N 346 
TYR N   H    sing N N 347 
TYR N   H2   sing N N 348 
TYR CA  C    sing N N 349 
TYR CA  CB   sing N N 350 
TYR CA  HA   sing N N 351 
TYR C   O    doub N N 352 
TYR C   OXT  sing N N 353 
TYR CB  CG   sing N N 354 
TYR CB  HB2  sing N N 355 
TYR CB  HB3  sing N N 356 
TYR CG  CD1  doub Y N 357 
TYR CG  CD2  sing Y N 358 
TYR CD1 CE1  sing Y N 359 
TYR CD1 HD1  sing N N 360 
TYR CD2 CE2  doub Y N 361 
TYR CD2 HD2  sing N N 362 
TYR CE1 CZ   doub Y N 363 
TYR CE1 HE1  sing N N 364 
TYR CE2 CZ   sing Y N 365 
TYR CE2 HE2  sing N N 366 
TYR CZ  OH   sing N N 367 
TYR OH  HH   sing N N 368 
TYR OXT HXT  sing N N 369 
VAL N   CA   sing N N 370 
VAL N   H    sing N N 371 
VAL N   H2   sing N N 372 
VAL CA  C    sing N N 373 
VAL CA  CB   sing N N 374 
VAL CA  HA   sing N N 375 
VAL C   O    doub N N 376 
VAL C   OXT  sing N N 377 
VAL CB  CG1  sing N N 378 
VAL CB  CG2  sing N N 379 
VAL CB  HB   sing N N 380 
VAL CG1 HG11 sing N N 381 
VAL CG1 HG12 sing N N 382 
VAL CG1 HG13 sing N N 383 
VAL CG2 HG21 sing N N 384 
VAL CG2 HG22 sing N N 385 
VAL CG2 HG23 sing N N 386 
VAL OXT HXT  sing N N 387 
# 
_pdbx_audit_support.funding_organization   
'National Institutes of Health/National Institute of General Medical Sciences (NIH/NIGMS)' 
_pdbx_audit_support.country                'United States' 
_pdbx_audit_support.grant_number           5001989 
_pdbx_audit_support.ordinal                1 
# 
loop_
_pdbx_entity_nonpoly.entity_id 
_pdbx_entity_nonpoly.name 
_pdbx_entity_nonpoly.comp_id 
2 BENZENE BNZ 
3 water   HOH 
# 
_pdbx_initial_refinement_model.id               1 
_pdbx_initial_refinement_model.entity_id_list   ? 
_pdbx_initial_refinement_model.type             'experimental model' 
_pdbx_initial_refinement_model.source_name      PDB 
_pdbx_initial_refinement_model.accession_code   1LGU 
_pdbx_initial_refinement_model.details          ? 
# 
